data_3BYA
# 
_entry.id   3BYA 
# 
_audit_conform.dict_name       mmcif_pdbx.dic 
_audit_conform.dict_version    5.377 
_audit_conform.dict_location   http://mmcif.pdb.org/dictionaries/ascii/mmcif_pdbx.dic 
# 
loop_
_database_2.database_id 
_database_2.database_code 
_database_2.pdbx_database_accession 
_database_2.pdbx_DOI 
PDB   3BYA         pdb_00003bya 10.2210/pdb3bya/pdb 
RCSB  RCSB046107   ?            ?                   
WWPDB D_1000046107 ?            ?                   
# 
loop_
_pdbx_database_related.db_name 
_pdbx_database_related.db_id 
_pdbx_database_related.details 
_pdbx_database_related.content_type 
PDB 2HQW 'A structure of the same complex in a difference space group' unspecified 
PDB 1EXR 'A high resolution structure of calmodulin'                   unspecified 
# 
_pdbx_database_status.status_code                     REL 
_pdbx_database_status.entry_id                        3BYA 
_pdbx_database_status.recvd_initial_deposition_date   2008-01-15 
_pdbx_database_status.deposit_site                    RCSB 
_pdbx_database_status.process_site                    RCSB 
_pdbx_database_status.status_code_sf                  REL 
_pdbx_database_status.status_code_mr                  ? 
_pdbx_database_status.SG_entry                        ? 
_pdbx_database_status.pdb_format_compatible           Y 
_pdbx_database_status.status_code_cs                  ? 
_pdbx_database_status.status_code_nmr_data            ? 
_pdbx_database_status.methods_development_category    ? 
# 
loop_
_audit_author.name 
_audit_author.pdbx_ordinal 
'Birrane, G.'    1 
'Soni, A.'       2 
'Ladias, J.A.A.' 3 
# 
_citation.id                        primary 
_citation.title                     'Structure of a Calmodulin Complex' 
_citation.journal_abbrev            'To be Published' 
_citation.journal_volume            ? 
_citation.page_first                ? 
_citation.page_last                 ? 
_citation.year                      ? 
_citation.journal_id_ASTM           ? 
_citation.country                   ? 
_citation.journal_id_ISSN           ? 
_citation.journal_id_CSD            0353 
_citation.book_publisher            ? 
_citation.pdbx_database_id_PubMed   ? 
_citation.pdbx_database_id_DOI      ? 
# 
loop_
_citation_author.citation_id 
_citation_author.name 
_citation_author.ordinal 
_citation_author.identifier_ORCID 
primary 'Birrane, G.'    1 ? 
primary 'Soni, A.'       2 ? 
primary 'Ladias, J.A.A.' 3 ? 
# 
_cell.entry_id           3BYA 
_cell.length_a           67.768 
_cell.length_b           42.737 
_cell.length_c           62.012 
_cell.angle_alpha        90.00 
_cell.angle_beta         106.92 
_cell.angle_gamma        90.00 
_cell.Z_PDB              4 
_cell.pdbx_unique_axis   ? 
_cell.length_a_esd       ? 
_cell.length_b_esd       ? 
_cell.length_c_esd       ? 
_cell.angle_alpha_esd    ? 
_cell.angle_beta_esd     ? 
_cell.angle_gamma_esd    ? 
# 
_symmetry.entry_id                         3BYA 
_symmetry.space_group_name_H-M             'C 1 2 1' 
_symmetry.pdbx_full_space_group_name_H-M   ? 
_symmetry.cell_setting                     ? 
_symmetry.Int_Tables_number                5 
_symmetry.space_group_name_Hall            ? 
# 
loop_
_entity.id 
_entity.type 
_entity.src_method 
_entity.pdbx_description 
_entity.formula_weight 
_entity.pdbx_number_of_molecules 
_entity.pdbx_ec 
_entity.pdbx_mutation 
_entity.pdbx_fragment 
_entity.details 
1 polymer     man Calmodulin                                         16721.350 1  ? ? ? ? 
2 polymer     syn 'Glutamate [NMDA] receptor subunit zeta-1 peptide' 2765.287  1  ? ? ? ? 
3 non-polymer syn 'CALCIUM ION'                                      40.078    4  ? ? ? ? 
4 water       nat water                                              18.015    79 ? ? ? ? 
# 
loop_
_entity_name_com.entity_id 
_entity_name_com.name 
1 CaM                                         
2 'N-methyl-D-aspartate receptor subunit NR1' 
# 
loop_
_entity_poly.entity_id 
_entity_poly.type 
_entity_poly.nstd_linkage 
_entity_poly.nstd_monomer 
_entity_poly.pdbx_seq_one_letter_code 
_entity_poly.pdbx_seq_one_letter_code_can 
_entity_poly.pdbx_strand_id 
_entity_poly.pdbx_target_identifier 
1 'polypeptide(L)' no no 
;ADQLTEEQIAEFKEAFSLFDKDGDGTITTKELGTVMRSLGQNPTEAELQDMINEVDADGNGTIDFPEFLTMMARKMKDTD
SEEEIREAFRVFDKDGNGYISAAELRHVMTNLGEKLTDEEVDEMIREADIDGDGQVNYEEFVQMMTAK
;
;ADQLTEEQIAEFKEAFSLFDKDGDGTITTKELGTVMRSLGQNPTEAELQDMINEVDADGNGTIDFPEFLTMMARKMKDTD
SEEEIREAFRVFDKDGNGYISAAELRHVMTNLGEKLTDEEVDEMIREADIDGDGQVNYEEFVQMMTAK
;
A ? 
2 'polypeptide(L)' no no KKKATFRAITSTLASSFKRRRSSK KKKATFRAITSTLASSFKRRRSSK B ? 
# 
loop_
_entity_poly_seq.entity_id 
_entity_poly_seq.num 
_entity_poly_seq.mon_id 
_entity_poly_seq.hetero 
1 1   ALA n 
1 2   ASP n 
1 3   GLN n 
1 4   LEU n 
1 5   THR n 
1 6   GLU n 
1 7   GLU n 
1 8   GLN n 
1 9   ILE n 
1 10  ALA n 
1 11  GLU n 
1 12  PHE n 
1 13  LYS n 
1 14  GLU n 
1 15  ALA n 
1 16  PHE n 
1 17  SER n 
1 18  LEU n 
1 19  PHE n 
1 20  ASP n 
1 21  LYS n 
1 22  ASP n 
1 23  GLY n 
1 24  ASP n 
1 25  GLY n 
1 26  THR n 
1 27  ILE n 
1 28  THR n 
1 29  THR n 
1 30  LYS n 
1 31  GLU n 
1 32  LEU n 
1 33  GLY n 
1 34  THR n 
1 35  VAL n 
1 36  MET n 
1 37  ARG n 
1 38  SER n 
1 39  LEU n 
1 40  GLY n 
1 41  GLN n 
1 42  ASN n 
1 43  PRO n 
1 44  THR n 
1 45  GLU n 
1 46  ALA n 
1 47  GLU n 
1 48  LEU n 
1 49  GLN n 
1 50  ASP n 
1 51  MET n 
1 52  ILE n 
1 53  ASN n 
1 54  GLU n 
1 55  VAL n 
1 56  ASP n 
1 57  ALA n 
1 58  ASP n 
1 59  GLY n 
1 60  ASN n 
1 61  GLY n 
1 62  THR n 
1 63  ILE n 
1 64  ASP n 
1 65  PHE n 
1 66  PRO n 
1 67  GLU n 
1 68  PHE n 
1 69  LEU n 
1 70  THR n 
1 71  MET n 
1 72  MET n 
1 73  ALA n 
1 74  ARG n 
1 75  LYS n 
1 76  MET n 
1 77  LYS n 
1 78  ASP n 
1 79  THR n 
1 80  ASP n 
1 81  SER n 
1 82  GLU n 
1 83  GLU n 
1 84  GLU n 
1 85  ILE n 
1 86  ARG n 
1 87  GLU n 
1 88  ALA n 
1 89  PHE n 
1 90  ARG n 
1 91  VAL n 
1 92  PHE n 
1 93  ASP n 
1 94  LYS n 
1 95  ASP n 
1 96  GLY n 
1 97  ASN n 
1 98  GLY n 
1 99  TYR n 
1 100 ILE n 
1 101 SER n 
1 102 ALA n 
1 103 ALA n 
1 104 GLU n 
1 105 LEU n 
1 106 ARG n 
1 107 HIS n 
1 108 VAL n 
1 109 MET n 
1 110 THR n 
1 111 ASN n 
1 112 LEU n 
1 113 GLY n 
1 114 GLU n 
1 115 LYS n 
1 116 LEU n 
1 117 THR n 
1 118 ASP n 
1 119 GLU n 
1 120 GLU n 
1 121 VAL n 
1 122 ASP n 
1 123 GLU n 
1 124 MET n 
1 125 ILE n 
1 126 ARG n 
1 127 GLU n 
1 128 ALA n 
1 129 ASP n 
1 130 ILE n 
1 131 ASP n 
1 132 GLY n 
1 133 ASP n 
1 134 GLY n 
1 135 GLN n 
1 136 VAL n 
1 137 ASN n 
1 138 TYR n 
1 139 GLU n 
1 140 GLU n 
1 141 PHE n 
1 142 VAL n 
1 143 GLN n 
1 144 MET n 
1 145 MET n 
1 146 THR n 
1 147 ALA n 
1 148 LYS n 
2 1   LYS n 
2 2   LYS n 
2 3   LYS n 
2 4   ALA n 
2 5   THR n 
2 6   PHE n 
2 7   ARG n 
2 8   ALA n 
2 9   ILE n 
2 10  THR n 
2 11  SER n 
2 12  THR n 
2 13  LEU n 
2 14  ALA n 
2 15  SER n 
2 16  SER n 
2 17  PHE n 
2 18  LYS n 
2 19  ARG n 
2 20  ARG n 
2 21  ARG n 
2 22  SER n 
2 23  SER n 
2 24  LYS n 
# 
_entity_src_gen.entity_id                          1 
_entity_src_gen.pdbx_src_id                        1 
_entity_src_gen.pdbx_alt_source_flag               sample 
_entity_src_gen.pdbx_seq_type                      ? 
_entity_src_gen.pdbx_beg_seq_num                   ? 
_entity_src_gen.pdbx_end_seq_num                   ? 
_entity_src_gen.gene_src_common_name               Human 
_entity_src_gen.gene_src_genus                     ? 
_entity_src_gen.pdbx_gene_src_gene                 'CALM1, CALM, CAM, CAM1' 
_entity_src_gen.gene_src_species                   ? 
_entity_src_gen.gene_src_strain                    ? 
_entity_src_gen.gene_src_tissue                    ? 
_entity_src_gen.gene_src_tissue_fraction           ? 
_entity_src_gen.gene_src_details                   ? 
_entity_src_gen.pdbx_gene_src_fragment             ? 
_entity_src_gen.pdbx_gene_src_scientific_name      'Homo sapiens' 
_entity_src_gen.pdbx_gene_src_ncbi_taxonomy_id     9606 
_entity_src_gen.pdbx_gene_src_variant              ? 
_entity_src_gen.pdbx_gene_src_cell_line            ? 
_entity_src_gen.pdbx_gene_src_atcc                 ? 
_entity_src_gen.pdbx_gene_src_organ                ? 
_entity_src_gen.pdbx_gene_src_organelle            ? 
_entity_src_gen.pdbx_gene_src_cell                 ? 
_entity_src_gen.pdbx_gene_src_cellular_location    ? 
_entity_src_gen.host_org_common_name               ? 
_entity_src_gen.pdbx_host_org_scientific_name      'Escherichia coli' 
_entity_src_gen.pdbx_host_org_ncbi_taxonomy_id     562 
_entity_src_gen.host_org_genus                     ? 
_entity_src_gen.pdbx_host_org_gene                 ? 
_entity_src_gen.pdbx_host_org_organ                ? 
_entity_src_gen.host_org_species                   ? 
_entity_src_gen.pdbx_host_org_tissue               ? 
_entity_src_gen.pdbx_host_org_tissue_fraction      ? 
_entity_src_gen.pdbx_host_org_strain               C41 
_entity_src_gen.pdbx_host_org_variant              ? 
_entity_src_gen.pdbx_host_org_cell_line            ? 
_entity_src_gen.pdbx_host_org_atcc                 ? 
_entity_src_gen.pdbx_host_org_culture_collection   ? 
_entity_src_gen.pdbx_host_org_cell                 ? 
_entity_src_gen.pdbx_host_org_organelle            ? 
_entity_src_gen.pdbx_host_org_cellular_location    ? 
_entity_src_gen.pdbx_host_org_vector_type          PLASMID 
_entity_src_gen.pdbx_host_org_vector               ? 
_entity_src_gen.host_org_details                   ? 
_entity_src_gen.expression_system_id               ? 
_entity_src_gen.plasmid_name                       pTYB12 
_entity_src_gen.plasmid_details                    ? 
_entity_src_gen.pdbx_description                   ? 
# 
_pdbx_entity_src_syn.entity_id              2 
_pdbx_entity_src_syn.pdbx_src_id            1 
_pdbx_entity_src_syn.pdbx_alt_source_flag   sample 
_pdbx_entity_src_syn.pdbx_beg_seq_num       ? 
_pdbx_entity_src_syn.pdbx_end_seq_num       ? 
_pdbx_entity_src_syn.organism_scientific    ? 
_pdbx_entity_src_syn.organism_common_name   ? 
_pdbx_entity_src_syn.ncbi_taxonomy_id       ? 
_pdbx_entity_src_syn.details                'Synthetic peptide. The sequence is naturally found in human (homo sapiens).' 
# 
loop_
_struct_ref.id 
_struct_ref.db_name 
_struct_ref.db_code 
_struct_ref.pdbx_db_accession 
_struct_ref.entity_id 
_struct_ref.pdbx_seq_one_letter_code 
_struct_ref.pdbx_align_begin 
_struct_ref.pdbx_db_isoform 
1 UNP CALM_HUMAN  P62158 1 
;ADQLTEEQIAEFKEAFSLFDKDGDGTITTKELGTVMRSLGQNPTEAELQDMINEVDADGNGTIDFPEFLTMMARKMKDTD
SEEEIREAFRVFDKDGNGYISAAELRHVMTNLGEKLTDEEVDEMIREADIDGDGQVNYEEFVQMMTAK
;
2   ? 
2 UNP NMDZ1_HUMAN Q05586 2 KKKATFRAITSTLASSFKRRRSSK 875 ? 
# 
loop_
_struct_ref_seq.align_id 
_struct_ref_seq.ref_id 
_struct_ref_seq.pdbx_PDB_id_code 
_struct_ref_seq.pdbx_strand_id 
_struct_ref_seq.seq_align_beg 
_struct_ref_seq.pdbx_seq_align_beg_ins_code 
_struct_ref_seq.seq_align_end 
_struct_ref_seq.pdbx_seq_align_end_ins_code 
_struct_ref_seq.pdbx_db_accession 
_struct_ref_seq.db_align_beg 
_struct_ref_seq.pdbx_db_align_beg_ins_code 
_struct_ref_seq.db_align_end 
_struct_ref_seq.pdbx_db_align_end_ins_code 
_struct_ref_seq.pdbx_auth_seq_align_beg 
_struct_ref_seq.pdbx_auth_seq_align_end 
1 1 3BYA A 1 ? 148 ? P62158 2   ? 149 ? 1   148 
2 2 3BYA B 1 ? 24  ? Q05586 875 ? 898 ? 875 898 
# 
loop_
_chem_comp.id 
_chem_comp.type 
_chem_comp.mon_nstd_flag 
_chem_comp.name 
_chem_comp.pdbx_synonyms 
_chem_comp.formula 
_chem_comp.formula_weight 
ALA 'L-peptide linking' y ALANINE         ? 'C3 H7 N O2'     89.093  
ARG 'L-peptide linking' y ARGININE        ? 'C6 H15 N4 O2 1' 175.209 
ASN 'L-peptide linking' y ASPARAGINE      ? 'C4 H8 N2 O3'    132.118 
ASP 'L-peptide linking' y 'ASPARTIC ACID' ? 'C4 H7 N O4'     133.103 
CA  non-polymer         . 'CALCIUM ION'   ? 'Ca 2'           40.078  
GLN 'L-peptide linking' y GLUTAMINE       ? 'C5 H10 N2 O3'   146.144 
GLU 'L-peptide linking' y 'GLUTAMIC ACID' ? 'C5 H9 N O4'     147.129 
GLY 'peptide linking'   y GLYCINE         ? 'C2 H5 N O2'     75.067  
HIS 'L-peptide linking' y HISTIDINE       ? 'C6 H10 N3 O2 1' 156.162 
HOH non-polymer         . WATER           ? 'H2 O'           18.015  
ILE 'L-peptide linking' y ISOLEUCINE      ? 'C6 H13 N O2'    131.173 
LEU 'L-peptide linking' y LEUCINE         ? 'C6 H13 N O2'    131.173 
LYS 'L-peptide linking' y LYSINE          ? 'C6 H15 N2 O2 1' 147.195 
MET 'L-peptide linking' y METHIONINE      ? 'C5 H11 N O2 S'  149.211 
PHE 'L-peptide linking' y PHENYLALANINE   ? 'C9 H11 N O2'    165.189 
PRO 'L-peptide linking' y PROLINE         ? 'C5 H9 N O2'     115.130 
SER 'L-peptide linking' y SERINE          ? 'C3 H7 N O3'     105.093 
THR 'L-peptide linking' y THREONINE       ? 'C4 H9 N O3'     119.119 
TYR 'L-peptide linking' y TYROSINE        ? 'C9 H11 N O3'    181.189 
VAL 'L-peptide linking' y VALINE          ? 'C5 H11 N O2'    117.146 
# 
_exptl.entry_id          3BYA 
_exptl.method            'X-RAY DIFFRACTION' 
_exptl.crystals_number   1 
# 
_exptl_crystal.id                    1 
_exptl_crystal.density_meas          ? 
_exptl_crystal.density_Matthews      2.20 
_exptl_crystal.density_percent_sol   44.20 
_exptl_crystal.description           ? 
_exptl_crystal.F_000                 ? 
_exptl_crystal.preparation           ? 
# 
_exptl_crystal_grow.crystal_id      1 
_exptl_crystal_grow.method          'VAPOR DIFFUSION, SITTING DROP' 
_exptl_crystal_grow.temp            293 
_exptl_crystal_grow.temp_details    ? 
_exptl_crystal_grow.pH              7 
_exptl_crystal_grow.pdbx_details    
'17-19% PEG 3350, 0.120mM Ammonium Phosphate, 15% Ethylene Glycol, VAPOR DIFFUSION, SITTING DROP, temperature 293K' 
_exptl_crystal_grow.pdbx_pH_range   ? 
# 
_diffrn.id                     1 
_diffrn.ambient_temp           100 
_diffrn.ambient_temp_details   ? 
_diffrn.crystal_id             1 
# 
_diffrn_detector.diffrn_id              1 
_diffrn_detector.detector               CCD 
_diffrn_detector.type                   'ADSC QUANTUM 4' 
_diffrn_detector.pdbx_collection_date   2007-09-26 
_diffrn_detector.details                mirrors 
# 
_diffrn_radiation.diffrn_id                        1 
_diffrn_radiation.wavelength_id                    1 
_diffrn_radiation.pdbx_monochromatic_or_laue_m_l   M 
_diffrn_radiation.monochromator                    'SAGITALLY FOCUSED Si(111)' 
_diffrn_radiation.pdbx_diffrn_protocol             'SINGLE WAVELENGTH' 
_diffrn_radiation.pdbx_scattering_type             x-ray 
# 
_diffrn_radiation_wavelength.id           1 
_diffrn_radiation_wavelength.wavelength   1.0000 
_diffrn_radiation_wavelength.wt           1.0 
# 
_diffrn_source.diffrn_id                   1 
_diffrn_source.source                      SYNCHROTRON 
_diffrn_source.type                        'NSLS BEAMLINE X12B' 
_diffrn_source.pdbx_synchrotron_site       NSLS 
_diffrn_source.pdbx_synchrotron_beamline   X12B 
_diffrn_source.pdbx_wavelength             ? 
_diffrn_source.pdbx_wavelength_list        1.0000 
# 
_reflns.entry_id                     3BYA 
_reflns.observed_criterion_sigma_F   0.0 
_reflns.observed_criterion_sigma_I   -3.0 
_reflns.d_resolution_high            1.85 
_reflns.d_resolution_low             30 
_reflns.number_all                   14639 
_reflns.number_obs                   14639 
_reflns.percent_possible_obs         99.8 
_reflns.pdbx_Rmerge_I_obs            0.040 
_reflns.pdbx_Rsym_value              0.043 
_reflns.pdbx_netI_over_sigmaI        28.1 
_reflns.B_iso_Wilson_estimate        25.2 
_reflns.pdbx_redundancy              3.8 
_reflns.R_free_details               ? 
_reflns.limit_h_max                  ? 
_reflns.limit_h_min                  ? 
_reflns.limit_k_max                  ? 
_reflns.limit_k_min                  ? 
_reflns.limit_l_max                  ? 
_reflns.limit_l_min                  ? 
_reflns.observed_criterion_F_max     ? 
_reflns.observed_criterion_F_min     ? 
_reflns.pdbx_chi_squared             ? 
_reflns.pdbx_scaling_rejects         ? 
_reflns.pdbx_ordinal                 1 
_reflns.pdbx_diffrn_id               1 
# 
_reflns_shell.d_res_high             1.85 
_reflns_shell.d_res_low              1.92 
_reflns_shell.percent_possible_all   100 
_reflns_shell.Rmerge_I_obs           0.298 
_reflns_shell.pdbx_Rsym_value        0.332 
_reflns_shell.meanI_over_sigI_obs    4.6 
_reflns_shell.pdbx_redundancy        3.8 
_reflns_shell.percent_possible_obs   ? 
_reflns_shell.number_unique_all      1457 
_reflns_shell.number_measured_all    ? 
_reflns_shell.number_measured_obs    ? 
_reflns_shell.number_unique_obs      ? 
_reflns_shell.pdbx_chi_squared       ? 
_reflns_shell.pdbx_ordinal           1 
_reflns_shell.pdbx_diffrn_id         1 
# 
_refine.entry_id                                 3BYA 
_refine.ls_number_reflns_obs                     13948 
_refine.ls_number_reflns_all                     13948 
_refine.pdbx_ls_sigma_I                          0.0 
_refine.pdbx_ls_sigma_F                          0.0 
_refine.pdbx_data_cutoff_high_absF               ? 
_refine.pdbx_data_cutoff_low_absF                ? 
_refine.pdbx_data_cutoff_high_rms_absF           ? 
_refine.ls_d_res_low                             32.74 
_refine.ls_d_res_high                            1.85 
_refine.ls_percent_reflns_obs                    99.71 
_refine.ls_R_factor_obs                          0.18375 
_refine.ls_R_factor_all                          0.18375 
_refine.ls_R_factor_R_work                       0.18125 
_refine.ls_R_factor_R_free                       0.23159 
_refine.ls_R_factor_R_free_error                 ? 
_refine.ls_R_factor_R_free_error_details         ? 
_refine.ls_percent_reflns_R_free                 5.0 
_refine.ls_number_reflns_R_free                  735 
_refine.ls_number_parameters                     ? 
_refine.ls_number_restraints                     ? 
_refine.occupancy_min                            ? 
_refine.occupancy_max                            ? 
_refine.correlation_coeff_Fo_to_Fc               0.958 
_refine.correlation_coeff_Fo_to_Fc_free          0.930 
_refine.B_iso_mean                               34.227 
_refine.aniso_B[1][1]                            0.06 
_refine.aniso_B[2][2]                            0.01 
_refine.aniso_B[3][3]                            -0.05 
_refine.aniso_B[1][2]                            0.00 
_refine.aniso_B[1][3]                            0.04 
_refine.aniso_B[2][3]                            0.00 
_refine.solvent_model_details                    'BABINET MODEL WITH MASK' 
_refine.solvent_model_param_ksol                 ? 
_refine.solvent_model_param_bsol                 ? 
_refine.pdbx_solvent_vdw_probe_radii             1.40 
_refine.pdbx_solvent_ion_probe_radii             0.80 
_refine.pdbx_solvent_shrinkage_radii             0.80 
_refine.pdbx_ls_cross_valid_method               THROUGHOUT 
_refine.details                                  'HYDROGENS HAVE BEEN ADDED IN THE RIDING POSITIONS' 
_refine.pdbx_starting_model                      'PDB ENTRY 1IWQ' 
_refine.pdbx_method_to_determine_struct          'MOLECULAR REPLACEMENT' 
_refine.pdbx_isotropic_thermal_model             Isotropic 
_refine.pdbx_stereochemistry_target_values       'MAXIMUM LIKELIHOOD' 
_refine.pdbx_stereochem_target_val_spec_case     ? 
_refine.pdbx_R_Free_selection_details            RANDOM 
_refine.pdbx_overall_ESU_R                       0.136 
_refine.pdbx_overall_ESU_R_Free                  0.136 
_refine.overall_SU_ML                            0.096 
_refine.overall_SU_B                             5.438 
_refine.ls_redundancy_reflns_obs                 ? 
_refine.B_iso_min                                ? 
_refine.B_iso_max                                ? 
_refine.overall_SU_R_Cruickshank_DPI             ? 
_refine.overall_SU_R_free                        ? 
_refine.ls_wR_factor_R_free                      ? 
_refine.ls_wR_factor_R_work                      ? 
_refine.overall_FOM_free_R_set                   ? 
_refine.overall_FOM_work_R_set                   ? 
_refine.pdbx_overall_phase_error                 ? 
_refine.pdbx_refine_id                           'X-RAY DIFFRACTION' 
_refine.pdbx_TLS_residual_ADP_flag               'LIKELY RESIDUAL' 
_refine.pdbx_diffrn_id                           1 
_refine.pdbx_overall_SU_R_free_Cruickshank_DPI   ? 
_refine.pdbx_overall_SU_R_Blow_DPI               ? 
_refine.pdbx_overall_SU_R_free_Blow_DPI          ? 
# 
_refine_hist.pdbx_refine_id                   'X-RAY DIFFRACTION' 
_refine_hist.cycle_id                         LAST 
_refine_hist.pdbx_number_atoms_protein        1239 
_refine_hist.pdbx_number_atoms_nucleic_acid   0 
_refine_hist.pdbx_number_atoms_ligand         4 
_refine_hist.number_atoms_solvent             79 
_refine_hist.number_atoms_total               1322 
_refine_hist.d_res_high                       1.85 
_refine_hist.d_res_low                        32.74 
# 
loop_
_refine_ls_restr.type 
_refine_ls_restr.dev_ideal 
_refine_ls_restr.dev_ideal_target 
_refine_ls_restr.weight 
_refine_ls_restr.number 
_refine_ls_restr.pdbx_refine_id 
_refine_ls_restr.pdbx_restraint_function 
r_bond_refined_d             0.020  0.022  ? 1288 'X-RAY DIFFRACTION' ? 
r_bond_other_d               0.001  0.020  ? 879  'X-RAY DIFFRACTION' ? 
r_angle_refined_deg          1.682  1.967  ? 1733 'X-RAY DIFFRACTION' ? 
r_angle_other_deg            0.998  3.000  ? 2156 'X-RAY DIFFRACTION' ? 
r_dihedral_angle_1_deg       5.330  5.000  ? 166  'X-RAY DIFFRACTION' ? 
r_dihedral_angle_2_deg       35.591 25.857 ? 70   'X-RAY DIFFRACTION' ? 
r_dihedral_angle_3_deg       15.499 15.000 ? 251  'X-RAY DIFFRACTION' ? 
r_dihedral_angle_4_deg       21.340 15.000 ? 8    'X-RAY DIFFRACTION' ? 
r_chiral_restr               0.107  0.200  ? 192  'X-RAY DIFFRACTION' ? 
r_gen_planes_refined         0.007  0.020  ? 1454 'X-RAY DIFFRACTION' ? 
r_gen_planes_other           0.001  0.020  ? 250  'X-RAY DIFFRACTION' ? 
r_nbd_refined                0.241  0.200  ? 409  'X-RAY DIFFRACTION' ? 
r_nbd_other                  0.193  0.200  ? 937  'X-RAY DIFFRACTION' ? 
r_nbtor_refined              0.187  0.200  ? 660  'X-RAY DIFFRACTION' ? 
r_nbtor_other                0.089  0.200  ? 649  'X-RAY DIFFRACTION' ? 
r_xyhbond_nbd_refined        0.195  0.200  ? 63   'X-RAY DIFFRACTION' ? 
r_xyhbond_nbd_other          ?      ?      ? ?    'X-RAY DIFFRACTION' ? 
r_metal_ion_refined          0.166  0.200  ? 16   'X-RAY DIFFRACTION' ? 
r_metal_ion_other            ?      ?      ? ?    'X-RAY DIFFRACTION' ? 
r_symmetry_vdw_refined       0.139  0.200  ? 10   'X-RAY DIFFRACTION' ? 
r_symmetry_vdw_other         0.279  0.200  ? 30   'X-RAY DIFFRACTION' ? 
r_symmetry_hbond_refined     0.167  0.200  ? 11   'X-RAY DIFFRACTION' ? 
r_symmetry_hbond_other       ?      ?      ? ?    'X-RAY DIFFRACTION' ? 
r_symmetry_metal_ion_refined ?      ?      ? ?    'X-RAY DIFFRACTION' ? 
r_symmetry_metal_ion_other   ?      ?      ? ?    'X-RAY DIFFRACTION' ? 
r_mcbond_it                  1.244  1.500  ? 832  'X-RAY DIFFRACTION' ? 
r_mcbond_other               0.320  1.500  ? 327  'X-RAY DIFFRACTION' ? 
r_mcangle_it                 1.810  2.000  ? 1276 'X-RAY DIFFRACTION' ? 
r_scbond_it                  3.013  3.000  ? 520  'X-RAY DIFFRACTION' ? 
r_scangle_it                 4.485  4.500  ? 451  'X-RAY DIFFRACTION' ? 
r_rigid_bond_restr           ?      ?      ? ?    'X-RAY DIFFRACTION' ? 
r_sphericity_free            ?      ?      ? ?    'X-RAY DIFFRACTION' ? 
r_sphericity_bonded          ?      ?      ? ?    'X-RAY DIFFRACTION' ? 
# 
_refine_ls_shell.pdbx_total_number_of_bins_used   20 
_refine_ls_shell.d_res_high                       1.847 
_refine_ls_shell.d_res_low                        1.895 
_refine_ls_shell.number_reflns_R_work             1005 
_refine_ls_shell.R_factor_R_work                  0.199 
_refine_ls_shell.percent_reflns_obs               98.98 
_refine_ls_shell.R_factor_R_free                  0.285 
_refine_ls_shell.R_factor_R_free_error            ? 
_refine_ls_shell.percent_reflns_R_free            ? 
_refine_ls_shell.number_reflns_R_free             62 
_refine_ls_shell.number_reflns_all                ? 
_refine_ls_shell.R_factor_all                     ? 
_refine_ls_shell.number_reflns_obs                ? 
_refine_ls_shell.redundancy_reflns_obs            ? 
_refine_ls_shell.pdbx_refine_id                   'X-RAY DIFFRACTION' 
# 
_struct.entry_id                  3BYA 
_struct.title                     'Structure of a Calmodulin Complex' 
_struct.pdbx_model_details        ? 
_struct.pdbx_CASP_flag            N 
_struct.pdbx_model_type_details   ? 
# 
_struct_keywords.entry_id        3BYA 
_struct_keywords.pdbx_keywords   'METAL BINDING PROTEIN' 
_struct_keywords.text            
;Calmodulin, EF hand motif, NR1, N-methyl-D-aspartate receptor, glutamate, central nervous system, neuronal channel, calcium channel, Methylation, Phosphoprotein, Cell junction, Glycoprotein, Ion transport, Ionic channel, Magnesium, Membrane, Postsynaptic cell membrane, Synapse, Transmembrane, Transport, METAL BINDING PROTEIN
;
# 
loop_
_struct_asym.id 
_struct_asym.pdbx_blank_PDB_chainid_flag 
_struct_asym.pdbx_modified 
_struct_asym.entity_id 
_struct_asym.details 
A N N 1 ? 
B N N 2 ? 
C N N 3 ? 
D N N 3 ? 
E N N 3 ? 
F N N 3 ? 
G N N 4 ? 
H N N 4 ? 
# 
_struct_biol.id        1 
_struct_biol.details   'The biological assembly is the monomer contained in the asymmetric unit' 
# 
loop_
_struct_conf.conf_type_id 
_struct_conf.id 
_struct_conf.pdbx_PDB_helix_id 
_struct_conf.beg_label_comp_id 
_struct_conf.beg_label_asym_id 
_struct_conf.beg_label_seq_id 
_struct_conf.pdbx_beg_PDB_ins_code 
_struct_conf.end_label_comp_id 
_struct_conf.end_label_asym_id 
_struct_conf.end_label_seq_id 
_struct_conf.pdbx_end_PDB_ins_code 
_struct_conf.beg_auth_comp_id 
_struct_conf.beg_auth_asym_id 
_struct_conf.beg_auth_seq_id 
_struct_conf.end_auth_comp_id 
_struct_conf.end_auth_asym_id 
_struct_conf.end_auth_seq_id 
_struct_conf.pdbx_PDB_helix_class 
_struct_conf.details 
_struct_conf.pdbx_PDB_helix_length 
HELX_P HELX_P1 1 THR A 5   ? ASP A 20  ? THR A 5   ASP A 20  1 ? 16 
HELX_P HELX_P2 2 THR A 28  ? LEU A 39  ? THR A 28  LEU A 39  1 ? 12 
HELX_P HELX_P3 3 THR A 44  ? GLU A 54  ? THR A 44  GLU A 54  1 ? 11 
HELX_P HELX_P4 4 ASP A 64  ? MET A 72  ? ASP A 64  MET A 72  1 ? 9  
HELX_P HELX_P5 5 SER A 81  ? ASP A 93  ? SER A 81  ASP A 93  1 ? 13 
HELX_P HELX_P6 6 SER A 101 ? GLY A 113 ? SER A 101 GLY A 113 1 ? 13 
HELX_P HELX_P7 7 THR A 117 ? ASP A 129 ? THR A 117 ASP A 129 1 ? 13 
HELX_P HELX_P8 8 TYR A 138 ? THR A 146 ? TYR A 138 THR A 146 1 ? 9  
HELX_P HELX_P9 9 LYS B 2   ? ARG B 19  ? LYS B 876 ARG B 893 1 ? 18 
# 
_struct_conf_type.id          HELX_P 
_struct_conf_type.criteria    ? 
_struct_conf_type.reference   ? 
# 
loop_
_struct_conn.id 
_struct_conn.conn_type_id 
_struct_conn.pdbx_leaving_atom_flag 
_struct_conn.pdbx_PDB_id 
_struct_conn.ptnr1_label_asym_id 
_struct_conn.ptnr1_label_comp_id 
_struct_conn.ptnr1_label_seq_id 
_struct_conn.ptnr1_label_atom_id 
_struct_conn.pdbx_ptnr1_label_alt_id 
_struct_conn.pdbx_ptnr1_PDB_ins_code 
_struct_conn.pdbx_ptnr1_standard_comp_id 
_struct_conn.ptnr1_symmetry 
_struct_conn.ptnr2_label_asym_id 
_struct_conn.ptnr2_label_comp_id 
_struct_conn.ptnr2_label_seq_id 
_struct_conn.ptnr2_label_atom_id 
_struct_conn.pdbx_ptnr2_label_alt_id 
_struct_conn.pdbx_ptnr2_PDB_ins_code 
_struct_conn.ptnr1_auth_asym_id 
_struct_conn.ptnr1_auth_comp_id 
_struct_conn.ptnr1_auth_seq_id 
_struct_conn.ptnr2_auth_asym_id 
_struct_conn.ptnr2_auth_comp_id 
_struct_conn.ptnr2_auth_seq_id 
_struct_conn.ptnr2_symmetry 
_struct_conn.pdbx_ptnr3_label_atom_id 
_struct_conn.pdbx_ptnr3_label_seq_id 
_struct_conn.pdbx_ptnr3_label_comp_id 
_struct_conn.pdbx_ptnr3_label_asym_id 
_struct_conn.pdbx_ptnr3_label_alt_id 
_struct_conn.pdbx_ptnr3_PDB_ins_code 
_struct_conn.details 
_struct_conn.pdbx_dist_value 
_struct_conn.pdbx_value_order 
_struct_conn.pdbx_role 
metalc1  metalc ? ? A ASP 20  OD1 ? ? ? 1_555 F CA  . CA ? ? A ASP 20  A CA  152 1_555 ? ? ? ? ? ? ? 2.067 ? ? 
metalc2  metalc ? ? A ASP 22  OD1 ? ? ? 1_555 F CA  . CA ? ? A ASP 22  A CA  152 1_555 ? ? ? ? ? ? ? 2.150 ? ? 
metalc3  metalc ? ? A ASP 24  OD1 ? ? ? 1_555 F CA  . CA ? ? A ASP 24  A CA  152 1_555 ? ? ? ? ? ? ? 2.444 ? ? 
metalc4  metalc ? ? A THR 26  O   ? ? ? 1_555 F CA  . CA ? ? A THR 26  A CA  152 1_555 ? ? ? ? ? ? ? 2.167 ? ? 
metalc5  metalc ? ? A GLU 31  OE1 ? ? ? 1_555 F CA  . CA ? ? A GLU 31  A CA  152 1_555 ? ? ? ? ? ? ? 2.525 ? ? 
metalc6  metalc ? ? A GLU 31  OE2 ? ? ? 1_555 F CA  . CA ? ? A GLU 31  A CA  152 1_555 ? ? ? ? ? ? ? 2.514 ? ? 
metalc7  metalc ? ? A ASP 56  OD1 ? ? ? 1_555 E CA  . CA ? ? A ASP 56  A CA  151 1_555 ? ? ? ? ? ? ? 2.402 ? ? 
metalc8  metalc ? ? A ASP 58  OD1 ? ? ? 1_555 E CA  . CA ? ? A ASP 58  A CA  151 1_555 ? ? ? ? ? ? ? 2.335 ? ? 
metalc9  metalc ? ? A ASN 60  OD1 ? ? ? 1_555 E CA  . CA ? ? A ASN 60  A CA  151 1_555 ? ? ? ? ? ? ? 2.113 ? ? 
metalc10 metalc ? ? A THR 62  O   ? ? ? 1_555 E CA  . CA ? ? A THR 62  A CA  151 1_555 ? ? ? ? ? ? ? 2.373 ? ? 
metalc11 metalc ? ? A GLU 67  OE1 ? ? ? 1_555 E CA  . CA ? ? A GLU 67  A CA  151 1_555 ? ? ? ? ? ? ? 2.839 ? ? 
metalc12 metalc ? ? A GLU 67  OE2 ? ? ? 1_555 E CA  . CA ? ? A GLU 67  A CA  151 1_555 ? ? ? ? ? ? ? 2.626 ? ? 
metalc13 metalc ? ? A ASP 93  OD1 ? ? ? 1_555 D CA  . CA ? ? A ASP 93  A CA  150 1_555 ? ? ? ? ? ? ? 2.299 ? ? 
metalc14 metalc ? ? A ASP 95  OD1 ? ? ? 1_555 D CA  . CA ? ? A ASP 95  A CA  150 1_555 ? ? ? ? ? ? ? 2.325 ? ? 
metalc15 metalc ? ? A ASN 97  OD1 ? ? ? 1_555 D CA  . CA ? ? A ASN 97  A CA  150 1_555 ? ? ? ? ? ? ? 2.404 ? ? 
metalc16 metalc ? ? A TYR 99  O   ? ? ? 1_555 D CA  . CA ? ? A TYR 99  A CA  150 1_555 ? ? ? ? ? ? ? 2.345 ? ? 
metalc17 metalc ? ? A GLU 104 OE1 ? ? ? 1_555 D CA  . CA ? ? A GLU 104 A CA  150 1_555 ? ? ? ? ? ? ? 2.431 ? ? 
metalc18 metalc ? ? A GLU 104 OE2 ? ? ? 1_555 D CA  . CA ? ? A GLU 104 A CA  150 1_555 ? ? ? ? ? ? ? 2.502 ? ? 
metalc19 metalc ? ? A ASP 129 OD1 ? ? ? 1_555 C CA  . CA ? ? A ASP 129 A CA  149 1_555 ? ? ? ? ? ? ? 2.307 ? ? 
metalc20 metalc ? ? A ASP 131 OD1 ? ? ? 1_555 C CA  . CA ? ? A ASP 131 A CA  149 1_555 ? ? ? ? ? ? ? 2.366 ? ? 
metalc21 metalc ? ? A ASP 133 OD1 ? ? ? 1_555 C CA  . CA ? ? A ASP 133 A CA  149 1_555 ? ? ? ? ? ? ? 2.341 ? ? 
metalc22 metalc ? ? A GLN 135 O   ? ? ? 1_555 C CA  . CA ? ? A GLN 135 A CA  149 1_555 ? ? ? ? ? ? ? 2.283 ? ? 
metalc23 metalc ? ? A GLU 140 OE1 ? ? ? 1_555 C CA  . CA ? ? A GLU 140 A CA  149 1_555 ? ? ? ? ? ? ? 2.458 ? ? 
metalc24 metalc ? ? A GLU 140 OE2 ? ? ? 1_555 C CA  . CA ? ? A GLU 140 A CA  149 1_555 ? ? ? ? ? ? ? 2.603 ? ? 
metalc25 metalc ? ? C CA  .   CA  ? ? ? 1_555 G HOH . O  ? ? A CA  149 A HOH 156 1_555 ? ? ? ? ? ? ? 2.377 ? ? 
metalc26 metalc ? ? D CA  .   CA  ? ? ? 1_555 G HOH . O  ? ? A CA  150 A HOH 157 1_555 ? ? ? ? ? ? ? 2.431 ? ? 
metalc27 metalc ? ? E CA  .   CA  ? ? ? 1_555 G HOH . O  ? ? A CA  151 A HOH 226 1_555 ? ? ? ? ? ? ? 2.972 ? ? 
metalc28 metalc ? ? F CA  .   CA  ? ? ? 1_555 G HOH . O  ? ? A CA  152 A HOH 176 1_555 ? ? ? ? ? ? ? 2.428 ? ? 
# 
_struct_conn_type.id          metalc 
_struct_conn_type.criteria    ? 
_struct_conn_type.reference   ? 
# 
_struct_sheet.id               A 
_struct_sheet.type             ? 
_struct_sheet.number_strands   2 
_struct_sheet.details          ? 
# 
_struct_sheet_order.sheet_id     A 
_struct_sheet_order.range_id_1   1 
_struct_sheet_order.range_id_2   2 
_struct_sheet_order.offset       ? 
_struct_sheet_order.sense        anti-parallel 
# 
loop_
_struct_sheet_range.sheet_id 
_struct_sheet_range.id 
_struct_sheet_range.beg_label_comp_id 
_struct_sheet_range.beg_label_asym_id 
_struct_sheet_range.beg_label_seq_id 
_struct_sheet_range.pdbx_beg_PDB_ins_code 
_struct_sheet_range.end_label_comp_id 
_struct_sheet_range.end_label_asym_id 
_struct_sheet_range.end_label_seq_id 
_struct_sheet_range.pdbx_end_PDB_ins_code 
_struct_sheet_range.beg_auth_comp_id 
_struct_sheet_range.beg_auth_asym_id 
_struct_sheet_range.beg_auth_seq_id 
_struct_sheet_range.end_auth_comp_id 
_struct_sheet_range.end_auth_asym_id 
_struct_sheet_range.end_auth_seq_id 
A 1 TYR A 99  ? ILE A 100 ? TYR A 99  ILE A 100 
A 2 VAL A 136 ? ASN A 137 ? VAL A 136 ASN A 137 
# 
_pdbx_struct_sheet_hbond.sheet_id                A 
_pdbx_struct_sheet_hbond.range_id_1              1 
_pdbx_struct_sheet_hbond.range_id_2              2 
_pdbx_struct_sheet_hbond.range_1_label_atom_id   N 
_pdbx_struct_sheet_hbond.range_1_label_comp_id   ILE 
_pdbx_struct_sheet_hbond.range_1_label_asym_id   A 
_pdbx_struct_sheet_hbond.range_1_label_seq_id    100 
_pdbx_struct_sheet_hbond.range_1_PDB_ins_code    ? 
_pdbx_struct_sheet_hbond.range_1_auth_atom_id    N 
_pdbx_struct_sheet_hbond.range_1_auth_comp_id    ILE 
_pdbx_struct_sheet_hbond.range_1_auth_asym_id    A 
_pdbx_struct_sheet_hbond.range_1_auth_seq_id     100 
_pdbx_struct_sheet_hbond.range_2_label_atom_id   O 
_pdbx_struct_sheet_hbond.range_2_label_comp_id   VAL 
_pdbx_struct_sheet_hbond.range_2_label_asym_id   A 
_pdbx_struct_sheet_hbond.range_2_label_seq_id    136 
_pdbx_struct_sheet_hbond.range_2_PDB_ins_code    ? 
_pdbx_struct_sheet_hbond.range_2_auth_atom_id    O 
_pdbx_struct_sheet_hbond.range_2_auth_comp_id    VAL 
_pdbx_struct_sheet_hbond.range_2_auth_asym_id    A 
_pdbx_struct_sheet_hbond.range_2_auth_seq_id     136 
# 
loop_
_struct_site.id 
_struct_site.pdbx_evidence_code 
_struct_site.pdbx_auth_asym_id 
_struct_site.pdbx_auth_comp_id 
_struct_site.pdbx_auth_seq_id 
_struct_site.pdbx_auth_ins_code 
_struct_site.pdbx_num_residues 
_struct_site.details 
AC1 Software A CA 149 ? 5 'BINDING SITE FOR RESIDUE CA A 149' 
AC2 Software A CA 150 ? 5 'BINDING SITE FOR RESIDUE CA A 150' 
AC3 Software A CA 151 ? 5 'BINDING SITE FOR RESIDUE CA A 151' 
AC4 Software A CA 152 ? 5 'BINDING SITE FOR RESIDUE CA A 152' 
# 
loop_
_struct_site_gen.id 
_struct_site_gen.site_id 
_struct_site_gen.pdbx_num_res 
_struct_site_gen.label_comp_id 
_struct_site_gen.label_asym_id 
_struct_site_gen.label_seq_id 
_struct_site_gen.pdbx_auth_ins_code 
_struct_site_gen.auth_comp_id 
_struct_site_gen.auth_asym_id 
_struct_site_gen.auth_seq_id 
_struct_site_gen.label_atom_id 
_struct_site_gen.label_alt_id 
_struct_site_gen.symmetry 
_struct_site_gen.details 
1  AC1 5 ASP A 129 ? ASP A 129 . ? 1_555 ? 
2  AC1 5 ASP A 131 ? ASP A 131 . ? 1_555 ? 
3  AC1 5 ASP A 133 ? ASP A 133 . ? 1_555 ? 
4  AC1 5 GLN A 135 ? GLN A 135 . ? 1_555 ? 
5  AC1 5 GLU A 140 ? GLU A 140 . ? 1_555 ? 
6  AC2 5 ASP A 93  ? ASP A 93  . ? 1_555 ? 
7  AC2 5 ASP A 95  ? ASP A 95  . ? 1_555 ? 
8  AC2 5 ASN A 97  ? ASN A 97  . ? 1_555 ? 
9  AC2 5 TYR A 99  ? TYR A 99  . ? 1_555 ? 
10 AC2 5 GLU A 104 ? GLU A 104 . ? 1_555 ? 
11 AC3 5 ASP A 56  ? ASP A 56  . ? 1_555 ? 
12 AC3 5 ASP A 58  ? ASP A 58  . ? 1_555 ? 
13 AC3 5 ASN A 60  ? ASN A 60  . ? 1_555 ? 
14 AC3 5 THR A 62  ? THR A 62  . ? 1_555 ? 
15 AC3 5 GLU A 67  ? GLU A 67  . ? 1_555 ? 
16 AC4 5 ASP A 20  ? ASP A 20  . ? 1_555 ? 
17 AC4 5 ASP A 22  ? ASP A 22  . ? 1_555 ? 
18 AC4 5 ASP A 24  ? ASP A 24  . ? 1_555 ? 
19 AC4 5 THR A 26  ? THR A 26  . ? 1_555 ? 
20 AC4 5 GLU A 31  ? GLU A 31  . ? 1_555 ? 
# 
_atom_sites.entry_id                    3BYA 
_atom_sites.fract_transf_matrix[1][1]   -0.00902336 
_atom_sites.fract_transf_matrix[1][2]   0.00037090 
_atom_sites.fract_transf_matrix[1][3]   0.01250328 
_atom_sites.fract_transf_matrix[2][1]   0.00323817 
_atom_sites.fract_transf_matrix[2][2]   0.02311495 
_atom_sites.fract_transf_matrix[2][3]   0.00165123 
_atom_sites.fract_transf_matrix[3][1]   -0.01575593 
_atom_sites.fract_transf_matrix[3][2]   0.00259273 
_atom_sites.fract_transf_matrix[3][3]   -0.00539626 
_atom_sites.fract_transf_vector[1]      0.308567 
_atom_sites.fract_transf_vector[2]      0.003768 
_atom_sites.fract_transf_vector[3]      0.207611 
# 
loop_
_atom_type.symbol 
C  
CA 
N  
O  
S  
# 
loop_
_atom_site.group_PDB 
_atom_site.id 
_atom_site.type_symbol 
_atom_site.label_atom_id 
_atom_site.label_alt_id 
_atom_site.label_comp_id 
_atom_site.label_asym_id 
_atom_site.label_entity_id 
_atom_site.label_seq_id 
_atom_site.pdbx_PDB_ins_code 
_atom_site.Cartn_x 
_atom_site.Cartn_y 
_atom_site.Cartn_z 
_atom_site.occupancy 
_atom_site.B_iso_or_equiv 
_atom_site.pdbx_formal_charge 
_atom_site.auth_seq_id 
_atom_site.auth_comp_id 
_atom_site.auth_asym_id 
_atom_site.auth_atom_id 
_atom_site.pdbx_PDB_model_num 
ATOM   1    N  N   . GLN A 1 3   ? -16.829 9.209   -7.601  1.00 49.26 ? 3   GLN A N   1 
ATOM   2    C  CA  . GLN A 1 3   ? -17.299 8.045   -8.413  1.00 48.92 ? 3   GLN A CA  1 
ATOM   3    C  C   . GLN A 1 3   ? -16.229 7.605   -9.416  1.00 48.54 ? 3   GLN A C   1 
ATOM   4    O  O   . GLN A 1 3   ? -16.089 8.212   -10.484 1.00 48.49 ? 3   GLN A O   1 
ATOM   5    C  CB  . GLN A 1 3   ? -18.616 8.377   -9.124  1.00 48.86 ? 3   GLN A CB  1 
ATOM   6    C  CG  . GLN A 1 3   ? -18.635 9.706   -9.886  1.00 48.92 ? 3   GLN A CG  1 
ATOM   7    C  CD  . GLN A 1 3   ? -20.009 10.348  -9.929  1.00 49.50 ? 3   GLN A CD  1 
ATOM   8    O  OE1 . GLN A 1 3   ? -20.764 10.299  -8.959  1.00 50.26 ? 3   GLN A OE1 1 
ATOM   9    N  NE2 . GLN A 1 3   ? -20.337 10.971  -11.055 1.00 48.08 ? 3   GLN A NE2 1 
ATOM   10   N  N   . LEU A 1 4   ? -15.502 6.538   -9.065  1.00 47.66 ? 4   LEU A N   1 
ATOM   11   C  CA  . LEU A 1 4   ? -14.353 6.047   -9.850  1.00 47.24 ? 4   LEU A CA  1 
ATOM   12   C  C   . LEU A 1 4   ? -14.745 5.367   -11.169 1.00 46.52 ? 4   LEU A C   1 
ATOM   13   O  O   . LEU A 1 4   ? -15.924 5.137   -11.437 1.00 46.17 ? 4   LEU A O   1 
ATOM   14   C  CB  . LEU A 1 4   ? -13.523 5.046   -9.031  1.00 47.26 ? 4   LEU A CB  1 
ATOM   15   C  CG  . LEU A 1 4   ? -13.016 5.456   -7.646  1.00 47.38 ? 4   LEU A CG  1 
ATOM   16   C  CD1 . LEU A 1 4   ? -12.261 4.312   -6.996  1.00 47.64 ? 4   LEU A CD1 1 
ATOM   17   C  CD2 . LEU A 1 4   ? -12.141 6.685   -7.764  1.00 48.24 ? 4   LEU A CD2 1 
ATOM   18   N  N   . THR A 1 5   ? -13.730 5.019   -11.964 1.00 45.80 ? 5   THR A N   1 
ATOM   19   C  CA  . THR A 1 5   ? -13.925 4.278   -13.209 1.00 45.09 ? 5   THR A CA  1 
ATOM   20   C  C   . THR A 1 5   ? -13.829 2.761   -13.009 1.00 44.25 ? 5   THR A C   1 
ATOM   21   O  O   . THR A 1 5   ? -13.272 2.280   -12.008 1.00 44.12 ? 5   THR A O   1 
ATOM   22   C  CB  . THR A 1 5   ? -12.926 4.738   -14.319 1.00 45.04 ? 5   THR A CB  1 
ATOM   23   O  OG1 . THR A 1 5   ? -13.529 4.543   -15.596 1.00 45.71 ? 5   THR A OG1 1 
ATOM   24   C  CG2 . THR A 1 5   ? -11.666 3.958   -14.304 1.00 44.32 ? 5   THR A CG2 1 
ATOM   25   N  N   . GLU A 1 6   ? -14.398 2.021   -13.964 1.00 43.28 ? 6   GLU A N   1 
ATOM   26   C  CA  . GLU A 1 6   ? -14.297 0.563   -13.990 1.00 42.86 ? 6   GLU A CA  1 
ATOM   27   C  C   . GLU A 1 6   ? -12.854 0.089   -13.912 1.00 41.51 ? 6   GLU A C   1 
ATOM   28   O  O   . GLU A 1 6   ? -12.567 -0.875  -13.202 1.00 40.30 ? 6   GLU A O   1 
ATOM   29   C  CB  . GLU A 1 6   ? -14.924 -0.017  -15.250 1.00 42.69 ? 6   GLU A CB  1 
ATOM   30   C  CG  . GLU A 1 6   ? -14.967 -1.543  -15.276 1.00 43.77 ? 6   GLU A CG  1 
ATOM   31   C  CD  . GLU A 1 6   ? -15.971 -2.096  -16.287 1.00 44.50 ? 6   GLU A CD  1 
ATOM   32   O  OE1 . GLU A 1 6   ? -15.976 -1.637  -17.461 1.00 46.98 ? 6   GLU A OE1 1 
ATOM   33   O  OE2 . GLU A 1 6   ? -16.764 -2.989  -15.901 1.00 47.71 ? 6   GLU A OE2 1 
ATOM   34   N  N   . GLU A 1 7   ? -11.971 0.746   -14.674 1.00 40.93 ? 7   GLU A N   1 
ATOM   35   C  CA  . GLU A 1 7   ? -10.529 0.486   -14.618 1.00 40.50 ? 7   GLU A CA  1 
ATOM   36   C  C   . GLU A 1 7   ? -9.964  0.652   -13.207 1.00 38.84 ? 7   GLU A C   1 
ATOM   37   O  O   . GLU A 1 7   ? -9.235  -0.201  -12.717 1.00 38.14 ? 7   GLU A O   1 
ATOM   38   C  CB  . GLU A 1 7   ? -9.772  1.417   -15.583 1.00 40.77 ? 7   GLU A CB  1 
ATOM   39   C  CG  . GLU A 1 7   ? -8.261  1.743   -15.191 1.00 42.37 ? 7   GLU A CG  1 
ATOM   40   C  CD  . GLU A 1 7   ? -7.575  2.594   -16.274 1.00 42.87 ? 7   GLU A CD  1 
ATOM   41   O  OE1 . GLU A 1 7   ? -8.279  3.009   -17.220 1.00 46.05 ? 7   GLU A OE1 1 
ATOM   42   O  OE2 . GLU A 1 7   ? -6.355  2.846   -16.206 1.00 46.97 ? 7   GLU A OE2 1 
ATOM   43   N  N   . GLN A 1 8   ? -10.300 1.765   -12.573 1.00 37.59 ? 8   GLN A N   1 
ATOM   44   C  CA  . GLN A 1 8   ? -9.794  2.105   -11.249 1.00 36.54 ? 8   GLN A CA  1 
ATOM   45   C  C   . GLN A 1 8   ? -10.317 1.133   -10.196 1.00 34.80 ? 8   GLN A C   1 
ATOM   46   O  O   . GLN A 1 8   ? -9.579  0.676   -9.345  1.00 34.70 ? 8   GLN A O   1 
ATOM   47   C  CB  . GLN A 1 8   ? -10.195 3.540   -10.894 1.00 37.01 ? 8   GLN A CB  1 
ATOM   48   C  CG  . GLN A 1 8   ? -9.560  4.605   -11.816 1.00 40.42 ? 8   GLN A CG  1 
ATOM   49   C  CD  . GLN A 1 8   ? -10.439 5.830   -12.009 1.00 43.93 ? 8   GLN A CD  1 
ATOM   50   O  OE1 . GLN A 1 8   ? -11.157 6.245   -11.094 1.00 47.94 ? 8   GLN A OE1 1 
ATOM   51   N  NE2 . GLN A 1 8   ? -10.394 6.412   -13.210 1.00 48.02 ? 8   GLN A NE2 1 
ATOM   52   N  N   . ILE A 1 9   ? -11.595 0.788   -10.265 1.00 33.86 ? 9   ILE A N   1 
ATOM   53   C  CA  . ILE A 1 9   ? -12.167 -0.172  -9.310  1.00 31.83 ? 9   ILE A CA  1 
ATOM   54   C  C   . ILE A 1 9   ? -11.436 -1.503  -9.388  1.00 31.52 ? 9   ILE A C   1 
ATOM   55   O  O   . ILE A 1 9   ? -11.077 -2.050  -8.376  1.00 30.55 ? 9   ILE A O   1 
ATOM   56   C  CB  . ILE A 1 9   ? -13.687 -0.381  -9.542  1.00 31.77 ? 9   ILE A CB  1 
ATOM   57   C  CG1 . ILE A 1 9   ? -14.438 0.874   -9.114  1.00 30.27 ? 9   ILE A CG1 1 
ATOM   58   C  CG2 . ILE A 1 9   ? -14.192 -1.592  -8.743  1.00 29.03 ? 9   ILE A CG2 1 
ATOM   59   C  CD1 . ILE A 1 9   ? -15.782 0.992   -9.697  1.00 30.97 ? 9   ILE A CD1 1 
ATOM   60   N  N   . ALA A 1 10  ? -11.244 -2.009  -10.604 1.00 32.13 ? 10  ALA A N   1 
ATOM   61   C  CA  . ALA A 1 10  ? -10.474 -3.225  -10.862 1.00 32.84 ? 10  ALA A CA  1 
ATOM   62   C  C   . ALA A 1 10  ? -9.076  -3.135  -10.265 1.00 33.74 ? 10  ALA A C   1 
ATOM   63   O  O   . ALA A 1 10  ? -8.564  -4.110  -9.686  1.00 34.53 ? 10  ALA A O   1 
ATOM   64   C  CB  . ALA A 1 10  ? -10.349 -3.445  -12.345 1.00 31.96 ? 10  ALA A CB  1 
ATOM   65   N  N   . GLU A 1 11  ? -8.465  -1.962  -10.431 1.00 34.70 ? 11  GLU A N   1 
ATOM   66   C  CA  . GLU A 1 11  ? -7.164  -1.660  -9.824  1.00 35.85 ? 11  GLU A CA  1 
ATOM   67   C  C   . GLU A 1 11  ? -7.190  -1.748  -8.317  1.00 35.98 ? 11  GLU A C   1 
ATOM   68   O  O   . GLU A 1 11  ? -6.256  -2.275  -7.686  1.00 36.94 ? 11  GLU A O   1 
ATOM   69   C  CB  . GLU A 1 11  ? -6.701  -0.233  -10.182 1.00 35.98 ? 11  GLU A CB  1 
ATOM   70   C  CG  . GLU A 1 11  ? -6.105  -0.064  -11.519 1.00 37.97 ? 11  GLU A CG  1 
ATOM   71   C  CD  . GLU A 1 11  ? -5.434  1.317   -11.688 1.00 38.65 ? 11  GLU A CD  1 
ATOM   72   O  OE1 . GLU A 1 11  ? -4.543  1.656   -10.857 1.00 43.17 ? 11  GLU A OE1 1 
ATOM   73   O  OE2 . GLU A 1 11  ? -5.798  2.040   -12.644 1.00 41.89 ? 11  GLU A OE2 1 
ATOM   74   N  N   . PHE A 1 12  ? -8.218  -1.178  -7.702  1.00 35.48 ? 12  PHE A N   1 
ATOM   75   C  CA  . PHE A 1 12  ? -8.297  -1.191  -6.257  1.00 35.24 ? 12  PHE A CA  1 
ATOM   76   C  C   . PHE A 1 12  ? -8.642  -2.580  -5.759  1.00 35.19 ? 12  PHE A C   1 
ATOM   77   O  O   . PHE A 1 12  ? -8.227  -2.955  -4.675  1.00 34.05 ? 12  PHE A O   1 
ATOM   78   C  CB  . PHE A 1 12  ? -9.311  -0.192  -5.718  1.00 36.14 ? 12  PHE A CB  1 
ATOM   79   C  CG  . PHE A 1 12  ? -8.887  1.242   -5.843  1.00 36.43 ? 12  PHE A CG  1 
ATOM   80   C  CD1 . PHE A 1 12  ? -7.901  1.759   -5.041  1.00 40.50 ? 12  PHE A CD1 1 
ATOM   81   C  CD2 . PHE A 1 12  ? -9.509  2.076   -6.719  1.00 39.25 ? 12  PHE A CD2 1 
ATOM   82   C  CE1 . PHE A 1 12  ? -7.526  3.089   -5.150  1.00 39.75 ? 12  PHE A CE1 1 
ATOM   83   C  CE2 . PHE A 1 12  ? -9.130  3.400   -6.833  1.00 39.99 ? 12  PHE A CE2 1 
ATOM   84   C  CZ  . PHE A 1 12  ? -8.141  3.895   -6.028  1.00 38.79 ? 12  PHE A CZ  1 
ATOM   85   N  N   . LYS A 1 13  ? -9.449  -3.317  -6.526  1.00 34.91 ? 13  LYS A N   1 
ATOM   86   C  CA  . LYS A 1 13  ? -9.744  -4.718  -6.251  1.00 35.93 ? 13  LYS A CA  1 
ATOM   87   C  C   . LYS A 1 13  ? -8.412  -5.467  -6.171  1.00 35.79 ? 13  LYS A C   1 
ATOM   88   O  O   . LYS A 1 13  ? -8.210  -6.253  -5.238  1.00 35.56 ? 13  LYS A O   1 
ATOM   89   C  CB  . LYS A 1 13  ? -10.676 -5.308  -7.337  1.00 36.09 ? 13  LYS A CB  1 
ATOM   90   C  CG  . LYS A 1 13  ? -11.432 -6.536  -6.923  1.00 38.17 ? 13  LYS A CG  1 
ATOM   91   C  CD  . LYS A 1 13  ? -12.497 -6.976  -7.943  1.00 39.44 ? 13  LYS A CD  1 
ATOM   92   C  CE  . LYS A 1 13  ? -13.577 -7.846  -7.282  1.00 42.69 ? 13  LYS A CE  1 
ATOM   93   N  NZ  . LYS A 1 13  ? -14.750 -8.018  -8.149  1.00 44.96 ? 13  LYS A NZ  1 
ATOM   94   N  N   . GLU A 1 14  ? -7.481  -5.177  -7.080  1.00 36.26 ? 14  GLU A N   1 
ATOM   95   C  CA  A GLU A 1 14  ? -6.189  -5.838  -7.037  0.60 36.91 ? 14  GLU A CA  1 
ATOM   96   C  CA  B GLU A 1 14  ? -6.144  -5.800  -7.063  0.40 36.11 ? 14  GLU A CA  1 
ATOM   97   C  C   . GLU A 1 14  ? -5.418  -5.493  -5.755  1.00 36.57 ? 14  GLU A C   1 
ATOM   98   O  O   . GLU A 1 14  ? -4.828  -6.370  -5.120  1.00 37.08 ? 14  GLU A O   1 
ATOM   99   C  CB  A GLU A 1 14  ? -5.366  -5.504  -8.279  0.60 37.61 ? 14  GLU A CB  1 
ATOM   100  C  CB  B GLU A 1 14  ? -5.270  -5.287  -8.214  0.40 36.38 ? 14  GLU A CB  1 
ATOM   101  C  CG  A GLU A 1 14  ? -4.022  -6.215  -8.350  0.60 39.59 ? 14  GLU A CG  1 
ATOM   102  C  CG  B GLU A 1 14  ? -5.245  -6.144  -9.470  0.40 35.76 ? 14  GLU A CG  1 
ATOM   103  C  CD  A GLU A 1 14  ? -4.108  -7.693  -8.006  0.60 42.40 ? 14  GLU A CD  1 
ATOM   104  C  CD  B GLU A 1 14  ? -4.262  -5.621  -10.506 0.40 35.09 ? 14  GLU A CD  1 
ATOM   105  O  OE1 A GLU A 1 14  ? -5.167  -8.320  -8.271  0.60 45.46 ? 14  GLU A OE1 1 
ATOM   106  O  OE1 B GLU A 1 14  ? -4.524  -5.810  -11.704 0.40 30.66 ? 14  GLU A OE1 1 
ATOM   107  O  OE2 A GLU A 1 14  ? -3.115  -8.223  -7.464  0.60 45.13 ? 14  GLU A OE2 1 
ATOM   108  O  OE2 B GLU A 1 14  ? -3.237  -5.016  -10.122 0.40 31.58 ? 14  GLU A OE2 1 
ATOM   109  N  N   . ALA A 1 15  ? -5.442  -4.224  -5.372  1.00 36.05 ? 15  ALA A N   1 
ATOM   110  C  CA  . ALA A 1 15  ? -4.877  -3.773  -4.105  1.00 35.26 ? 15  ALA A CA  1 
ATOM   111  C  C   . ALA A 1 15  ? -5.553  -4.452  -2.914  1.00 35.15 ? 15  ALA A C   1 
ATOM   112  O  O   . ALA A 1 15  ? -4.899  -5.000  -2.024  1.00 35.31 ? 15  ALA A O   1 
ATOM   113  C  CB  . ALA A 1 15  ? -5.031  -2.267  -4.009  1.00 35.48 ? 15  ALA A CB  1 
ATOM   114  N  N   . PHE A 1 16  ? -6.881  -4.412  -2.876  1.00 35.07 ? 16  PHE A N   1 
ATOM   115  C  CA  . PHE A 1 16  ? -7.616  -5.060  -1.812  1.00 34.99 ? 16  PHE A CA  1 
ATOM   116  C  C   . PHE A 1 16  ? -7.223  -6.520  -1.664  1.00 35.72 ? 16  PHE A C   1 
ATOM   117  O  O   . PHE A 1 16  ? -7.082  -7.002  -0.556  1.00 37.81 ? 16  PHE A O   1 
ATOM   118  C  CB  . PHE A 1 16  ? -9.108  -4.971  -2.083  1.00 33.98 ? 16  PHE A CB  1 
ATOM   119  C  CG  . PHE A 1 16  ? -9.970  -5.543  -0.997  1.00 32.98 ? 16  PHE A CG  1 
ATOM   120  C  CD1 . PHE A 1 16  ? -10.402 -4.747  0.056   1.00 29.65 ? 16  PHE A CD1 1 
ATOM   121  C  CD2 . PHE A 1 16  ? -10.441 -6.861  -1.075  1.00 34.94 ? 16  PHE A CD2 1 
ATOM   122  C  CE1 . PHE A 1 16  ? -11.242 -5.256  1.024   1.00 32.47 ? 16  PHE A CE1 1 
ATOM   123  C  CE2 . PHE A 1 16  ? -11.305 -7.378  -0.094  1.00 34.15 ? 16  PHE A CE2 1 
ATOM   124  C  CZ  . PHE A 1 16  ? -11.684 -6.585  0.952   1.00 33.20 ? 16  PHE A CZ  1 
ATOM   125  N  N   . SER A 1 17  ? -7.015  -7.230  -2.762  1.00 36.96 ? 17  SER A N   1 
ATOM   126  C  CA  . SER A 1 17  ? -6.629  -8.650  -2.681  1.00 38.06 ? 17  SER A CA  1 
ATOM   127  C  C   . SER A 1 17  ? -5.269  -8.893  -1.985  1.00 37.74 ? 17  SER A C   1 
ATOM   128  O  O   . SER A 1 17  ? -5.034  -9.978  -1.444  1.00 38.38 ? 17  SER A O   1 
ATOM   129  C  CB  . SER A 1 17  ? -6.673  -9.322  -4.076  1.00 38.97 ? 17  SER A CB  1 
ATOM   130  O  OG  . SER A 1 17  ? -5.544  -8.950  -4.879  1.00 41.94 ? 17  SER A OG  1 
ATOM   131  N  N   . LEU A 1 18  ? -4.393  -7.894  -1.956  1.00 37.40 ? 18  LEU A N   1 
ATOM   132  C  CA  . LEU A 1 18  ? -3.084  -8.047  -1.261  1.00 37.86 ? 18  LEU A CA  1 
ATOM   133  C  C   . LEU A 1 18  ? -3.287  -8.205  0.250   1.00 36.97 ? 18  LEU A C   1 
ATOM   134  O  O   . LEU A 1 18  ? -2.484  -8.849  0.945   1.00 36.48 ? 18  LEU A O   1 
ATOM   135  C  CB  . LEU A 1 18  ? -2.162  -6.835  -1.460  1.00 39.05 ? 18  LEU A CB  1 
ATOM   136  C  CG  . LEU A 1 18  ? -1.470  -6.414  -2.756  1.00 45.12 ? 18  LEU A CG  1 
ATOM   137  C  CD1 . LEU A 1 18  ? -0.501  -5.243  -2.409  1.00 45.92 ? 18  LEU A CD1 1 
ATOM   138  C  CD2 . LEU A 1 18  ? -0.715  -7.565  -3.469  1.00 48.73 ? 18  LEU A CD2 1 
ATOM   139  N  N   . PHE A 1 19  ? -4.354  -7.598  0.762   1.00 35.52 ? 19  PHE A N   1 
ATOM   140  C  CA  . PHE A 1 19  ? -4.678  -7.643  2.180   1.00 35.07 ? 19  PHE A CA  1 
ATOM   141  C  C   . PHE A 1 19  ? -5.565  -8.858  2.522   1.00 35.06 ? 19  PHE A C   1 
ATOM   142  O  O   . PHE A 1 19  ? -5.379  -9.572  3.530   1.00 33.29 ? 19  PHE A O   1 
ATOM   143  C  CB  . PHE A 1 19  ? -5.373  -6.341  2.578   1.00 35.54 ? 19  PHE A CB  1 
ATOM   144  C  CG  . PHE A 1 19  ? -4.524  -5.107  2.422   1.00 37.62 ? 19  PHE A CG  1 
ATOM   145  C  CD1 . PHE A 1 19  ? -4.336  -4.520  1.189   1.00 35.85 ? 19  PHE A CD1 1 
ATOM   146  C  CD2 . PHE A 1 19  ? -3.923  -4.517  3.541   1.00 40.02 ? 19  PHE A CD2 1 
ATOM   147  C  CE1 . PHE A 1 19  ? -3.578  -3.370  1.045   1.00 40.43 ? 19  PHE A CE1 1 
ATOM   148  C  CE2 . PHE A 1 19  ? -3.153  -3.371  3.400   1.00 39.91 ? 19  PHE A CE2 1 
ATOM   149  C  CZ  . PHE A 1 19  ? -2.973  -2.792  2.160   1.00 39.37 ? 19  PHE A CZ  1 
ATOM   150  N  N   . ASP A 1 20  ? -6.581  -9.089  1.710   1.00 36.71 ? 20  ASP A N   1 
ATOM   151  C  CA  . ASP A 1 20  ? -7.463  -10.233 1.939   1.00 37.93 ? 20  ASP A CA  1 
ATOM   152  C  C   . ASP A 1 20  ? -6.771  -11.549 1.591   1.00 39.82 ? 20  ASP A C   1 
ATOM   153  O  O   . ASP A 1 20  ? -7.029  -12.120 0.536   1.00 41.26 ? 20  ASP A O   1 
ATOM   154  C  CB  . ASP A 1 20  ? -8.738  -10.076 1.116   1.00 38.13 ? 20  ASP A CB  1 
ATOM   155  C  CG  . ASP A 1 20  ? -9.746  -11.129 1.409   1.00 38.27 ? 20  ASP A CG  1 
ATOM   156  O  OD1 . ASP A 1 20  ? -9.719  -11.682 2.530   1.00 36.63 ? 20  ASP A OD1 1 
ATOM   157  O  OD2 . ASP A 1 20  ? -10.582 -11.402 0.504   1.00 41.68 ? 20  ASP A OD2 1 
ATOM   158  N  N   . LYS A 1 21  ? -5.919  -12.037 2.499   1.00 41.78 ? 21  LYS A N   1 
ATOM   159  C  CA  . LYS A 1 21  ? -5.119  -13.251 2.276   1.00 42.25 ? 21  LYS A CA  1 
ATOM   160  C  C   . LYS A 1 21  ? -5.961  -14.531 2.060   1.00 43.12 ? 21  LYS A C   1 
ATOM   161  O  O   . LYS A 1 21  ? -5.573  -15.406 1.288   1.00 44.16 ? 21  LYS A O   1 
ATOM   162  C  CB  . LYS A 1 21  ? -4.130  -13.461 3.430   1.00 42.87 ? 21  LYS A CB  1 
ATOM   163  C  CG  . LYS A 1 21  ? -3.119  -12.290 3.683   1.00 42.32 ? 21  LYS A CG  1 
ATOM   164  C  CD  . LYS A 1 21  ? -2.190  -12.072 2.488   1.00 41.01 ? 21  LYS A CD  1 
ATOM   165  C  CE  . LYS A 1 21  ? -1.080  -11.048 2.800   1.00 43.28 ? 21  LYS A CE  1 
ATOM   166  N  NZ  . LYS A 1 21  ? -0.523  -10.520 1.496   1.00 41.82 ? 21  LYS A NZ  1 
ATOM   167  N  N   . ASP A 1 22  ? -7.111  -14.652 2.699   1.00 43.14 ? 22  ASP A N   1 
ATOM   168  C  CA  . ASP A 1 22  ? -7.909  -15.880 2.526   1.00 43.19 ? 22  ASP A CA  1 
ATOM   169  C  C   . ASP A 1 22  ? -8.983  -15.786 1.414   1.00 43.41 ? 22  ASP A C   1 
ATOM   170  O  O   . ASP A 1 22  ? -9.748  -16.729 1.206   1.00 43.31 ? 22  ASP A O   1 
ATOM   171  C  CB  . ASP A 1 22  ? -8.518  -16.337 3.854   1.00 43.24 ? 22  ASP A CB  1 
ATOM   172  C  CG  . ASP A 1 22  ? -9.447  -15.329 4.446   1.00 42.26 ? 22  ASP A CG  1 
ATOM   173  O  OD1 . ASP A 1 22  ? -9.743  -14.313 3.797   1.00 43.36 ? 22  ASP A OD1 1 
ATOM   174  O  OD2 . ASP A 1 22  ? -9.840  -15.521 5.594   1.00 43.69 ? 22  ASP A OD2 1 
ATOM   175  N  N   . GLY A 1 23  ? -9.018  -14.652 0.708   1.00 42.94 ? 23  GLY A N   1 
ATOM   176  C  CA  . GLY A 1 23  ? -9.929  -14.423 -0.390  1.00 42.06 ? 23  GLY A CA  1 
ATOM   177  C  C   . GLY A 1 23  ? -11.406 -14.451 -0.038  1.00 41.77 ? 23  GLY A C   1 
ATOM   178  O  O   . GLY A 1 23  ? -12.252 -14.627 -0.938  1.00 42.06 ? 23  GLY A O   1 
ATOM   179  N  N   . ASP A 1 24  ? -11.741 -14.272 1.242   1.00 40.33 ? 24  ASP A N   1 
ATOM   180  C  CA  . ASP A 1 24  ? -13.138 -14.336 1.685   1.00 39.14 ? 24  ASP A CA  1 
ATOM   181  C  C   . ASP A 1 24  ? -13.885 -13.007 1.625   1.00 38.46 ? 24  ASP A C   1 
ATOM   182  O  O   . ASP A 1 24  ? -15.008 -12.888 2.160   1.00 39.66 ? 24  ASP A O   1 
ATOM   183  C  CB  . ASP A 1 24  ? -13.232 -14.941 3.077   1.00 38.94 ? 24  ASP A CB  1 
ATOM   184  C  CG  . ASP A 1 24  ? -12.926 -13.940 4.209   1.00 38.36 ? 24  ASP A CG  1 
ATOM   185  O  OD1 . ASP A 1 24  ? -12.314 -12.860 4.015   1.00 32.57 ? 24  ASP A OD1 1 
ATOM   186  O  OD2 . ASP A 1 24  ? -13.322 -14.251 5.320   1.00 38.30 ? 24  ASP A OD2 1 
ATOM   187  N  N   . GLY A 1 25  ? -13.281 -12.034 0.952   1.00 37.20 ? 25  GLY A N   1 
ATOM   188  C  CA  . GLY A 1 25  ? -13.852 -10.718 0.759   1.00 36.30 ? 25  GLY A CA  1 
ATOM   189  C  C   . GLY A 1 25  ? -13.831 -9.789  1.955   1.00 35.17 ? 25  GLY A C   1 
ATOM   190  O  O   . GLY A 1 25  ? -14.450 -8.725  1.916   1.00 34.05 ? 25  GLY A O   1 
ATOM   191  N  N   . THR A 1 26  ? -13.094 -10.151 3.010   1.00 35.02 ? 26  THR A N   1 
ATOM   192  C  CA  . THR A 1 26  ? -13.012 -9.313  4.192   1.00 34.72 ? 26  THR A CA  1 
ATOM   193  C  C   . THR A 1 26  ? -11.546 -9.255  4.676   1.00 33.09 ? 26  THR A C   1 
ATOM   194  O  O   . THR A 1 26  ? -10.759 -10.270 4.597   1.00 33.15 ? 26  THR A O   1 
ATOM   195  C  CB  . THR A 1 26  ? -14.005 -9.791  5.337   1.00 34.78 ? 26  THR A CB  1 
ATOM   196  O  OG1 . THR A 1 26  ? -13.533 -11.023 5.919   1.00 39.73 ? 26  THR A OG1 1 
ATOM   197  C  CG2 . THR A 1 26  ? -15.403 -10.016 4.805   1.00 37.83 ? 26  THR A CG2 1 
ATOM   198  N  N   . ILE A 1 27  ? -11.135 -8.046  5.062   1.00 31.50 ? 27  ILE A N   1 
ATOM   199  C  CA  . ILE A 1 27  ? -9.797  -7.861  5.640   1.00 30.57 ? 27  ILE A CA  1 
ATOM   200  C  C   . ILE A 1 27  ? -9.936  -7.858  7.160   1.00 31.10 ? 27  ILE A C   1 
ATOM   201  O  O   . ILE A 1 27  ? -10.612 -7.005  7.734   1.00 31.93 ? 27  ILE A O   1 
ATOM   202  C  CB  . ILE A 1 27  ? -9.034  -6.561  5.158   1.00 29.47 ? 27  ILE A CB  1 
ATOM   203  C  CG1 . ILE A 1 27  ? -8.824  -6.588  3.666   1.00 29.66 ? 27  ILE A CG1 1 
ATOM   204  C  CG2 . ILE A 1 27  ? -7.650  -6.452  5.804   1.00 29.85 ? 27  ILE A CG2 1 
ATOM   205  C  CD1 . ILE A 1 27  ? -8.480  -5.208  3.023   1.00 31.56 ? 27  ILE A CD1 1 
ATOM   206  N  N   . THR A 1 28  ? -9.249  -8.803  7.803   1.00 31.68 ? 28  THR A N   1 
ATOM   207  C  CA  . THR A 1 28  ? -9.306  -8.915  9.236   1.00 30.93 ? 28  THR A CA  1 
ATOM   208  C  C   . THR A 1 28  ? -8.101  -8.196  9.816   1.00 30.68 ? 28  THR A C   1 
ATOM   209  O  O   . THR A 1 28  ? -7.139  -7.893  9.103   1.00 30.02 ? 28  THR A O   1 
ATOM   210  C  CB  . THR A 1 28  ? -9.303  -10.345 9.685   1.00 31.00 ? 28  THR A CB  1 
ATOM   211  O  OG1 . THR A 1 28  ? -8.028  -10.968 9.398   1.00 30.25 ? 28  THR A OG1 1 
ATOM   212  C  CG2 . THR A 1 28  ? -10.544 -11.124 9.089   1.00 30.76 ? 28  THR A CG2 1 
ATOM   213  N  N   . THR A 1 29  ? -8.158  -7.933  11.125  1.00 30.54 ? 29  THR A N   1 
ATOM   214  C  CA  . THR A 1 29  ? -6.978  -7.440  11.836  1.00 29.37 ? 29  THR A CA  1 
ATOM   215  C  C   . THR A 1 29  ? -5.733  -8.326  11.676  1.00 30.72 ? 29  THR A C   1 
ATOM   216  O  O   . THR A 1 29  ? -4.604  -7.847  11.673  1.00 30.42 ? 29  THR A O   1 
ATOM   217  C  CB  . THR A 1 29  ? -7.241  -7.256  13.368  1.00 30.89 ? 29  THR A CB  1 
ATOM   218  O  OG1 . THR A 1 29  ? -7.647  -8.496  13.929  1.00 30.09 ? 29  THR A OG1 1 
ATOM   219  C  CG2 . THR A 1 29  ? -8.252  -6.175  13.669  1.00 31.85 ? 29  THR A CG2 1 
ATOM   220  N  N   . LYS A 1 30  ? -5.933  -9.635  11.614  1.00 30.14 ? 30  LYS A N   1 
ATOM   221  C  CA  . LYS A 1 30  ? -4.840  -10.575 11.508  1.00 30.93 ? 30  LYS A CA  1 
ATOM   222  C  C   . LYS A 1 30  ? -4.210  -10.430 10.146  1.00 30.12 ? 30  LYS A C   1 
ATOM   223  O  O   . LYS A 1 30  ? -2.996  -10.457 10.012  1.00 30.07 ? 30  LYS A O   1 
ATOM   224  C  CB  . LYS A 1 30  ? -5.351  -12.007 11.655  1.00 30.98 ? 30  LYS A CB  1 
ATOM   225  C  CG  . LYS A 1 30  ? -5.928  -12.282 12.970  1.00 32.42 ? 30  LYS A CG  1 
ATOM   226  C  CD  . LYS A 1 30  ? -6.265  -13.795 13.198  1.00 32.61 ? 30  LYS A CD  1 
ATOM   227  C  CE  . LYS A 1 30  ? -7.642  -14.112 12.926  1.00 33.98 ? 30  LYS A CE  1 
ATOM   228  N  NZ  . LYS A 1 30  ? -8.663  -13.633 13.878  1.00 32.14 ? 30  LYS A NZ  1 
ATOM   229  N  N   . GLU A 1 31  ? -5.051  -10.266 9.126   1.00 29.64 ? 31  GLU A N   1 
ATOM   230  C  CA  . GLU A 1 31  ? -4.579  -10.033 7.761   1.00 30.50 ? 31  GLU A CA  1 
ATOM   231  C  C   . GLU A 1 31  ? -3.863  -8.704  7.617   1.00 30.07 ? 31  GLU A C   1 
ATOM   232  O  O   . GLU A 1 31  ? -2.790  -8.640  7.005   1.00 30.53 ? 31  GLU A O   1 
ATOM   233  C  CB  . GLU A 1 31  ? -5.727  -10.135 6.745   1.00 30.37 ? 31  GLU A CB  1 
ATOM   234  C  CG  . GLU A 1 31  ? -6.152  -11.592 6.443   1.00 31.29 ? 31  GLU A CG  1 
ATOM   235  C  CD  . GLU A 1 31  ? -7.455  -11.721 5.686   1.00 31.82 ? 31  GLU A CD  1 
ATOM   236  O  OE1 . GLU A 1 31  ? -8.382  -10.920 5.876   1.00 32.22 ? 31  GLU A OE1 1 
ATOM   237  O  OE2 . GLU A 1 31  ? -7.543  -12.690 4.930   1.00 37.92 ? 31  GLU A OE2 1 
ATOM   238  N  N   . LEU A 1 32  ? -4.391  -7.645  8.220   1.00 29.76 ? 32  LEU A N   1 
ATOM   239  C  CA  . LEU A 1 32  ? -3.702  -6.359  8.193   1.00 29.37 ? 32  LEU A CA  1 
ATOM   240  C  C   . LEU A 1 32  ? -2.365  -6.437  8.914   1.00 30.46 ? 32  LEU A C   1 
ATOM   241  O  O   . LEU A 1 32  ? -1.373  -5.895  8.473   1.00 30.72 ? 32  LEU A O   1 
ATOM   242  C  CB  . LEU A 1 32  ? -4.586  -5.243  8.815   1.00 29.19 ? 32  LEU A CB  1 
ATOM   243  C  CG  . LEU A 1 32  ? -4.030  -3.789  8.877   1.00 30.89 ? 32  LEU A CG  1 
ATOM   244  C  CD1 . LEU A 1 32  ? -3.560  -3.213  7.559   1.00 27.49 ? 32  LEU A CD1 1 
ATOM   245  C  CD2 . LEU A 1 32  ? -5.106  -2.870  9.517   1.00 29.38 ? 32  LEU A CD2 1 
ATOM   246  N  N   . GLY A 1 33  ? -2.342  -7.135  10.035  1.00 30.30 ? 33  GLY A N   1 
ATOM   247  C  CA  . GLY A 1 33  ? -1.105  -7.337  10.757  1.00 28.80 ? 33  GLY A CA  1 
ATOM   248  C  C   . GLY A 1 33  ? -0.072  -8.058  9.927   1.00 28.67 ? 33  GLY A C   1 
ATOM   249  O  O   . GLY A 1 33  ? 1.100   -7.748  9.959   1.00 29.91 ? 33  GLY A O   1 
ATOM   250  N  N   . THR A 1 34  ? -0.476  -9.098  9.220   1.00 30.10 ? 34  THR A N   1 
ATOM   251  C  CA  . THR A 1 34  ? 0.444   -9.841  8.372   1.00 30.78 ? 34  THR A CA  1 
ATOM   252  C  C   . THR A 1 34  ? 1.060   -8.889  7.316   1.00 29.90 ? 34  THR A C   1 
ATOM   253  O  O   . THR A 1 34  ? 2.246   -8.876  7.073   1.00 27.13 ? 34  THR A O   1 
ATOM   254  C  CB  . THR A 1 34  ? -0.321  -11.002 7.828   1.00 32.54 ? 34  THR A CB  1 
ATOM   255  O  OG1 . THR A 1 34  ? -0.451  -11.967 8.882   1.00 32.69 ? 34  THR A OG1 1 
ATOM   256  C  CG2 . THR A 1 34  ? 0.317   -11.614 6.640   1.00 32.67 ? 34  THR A CG2 1 
ATOM   257  N  N   . VAL A 1 35  ? 0.202   -8.115  6.704   1.00 30.07 ? 35  VAL A N   1 
ATOM   258  C  CA  . VAL A 1 35  ? 0.645   -7.121  5.689   1.00 29.78 ? 35  VAL A CA  1 
ATOM   259  C  C   . VAL A 1 35  ? 1.645   -6.156  6.263   1.00 28.47 ? 35  VAL A C   1 
ATOM   260  O  O   . VAL A 1 35  ? 2.712   -5.864  5.673   1.00 30.83 ? 35  VAL A O   1 
ATOM   261  C  CB  . VAL A 1 35  ? -0.558  -6.396  5.037   1.00 29.54 ? 35  VAL A CB  1 
ATOM   262  C  CG1 . VAL A 1 35  ? -0.036  -5.121  4.209   1.00 28.98 ? 35  VAL A CG1 1 
ATOM   263  C  CG2 . VAL A 1 35  ? -1.357  -7.410  4.172   1.00 29.36 ? 35  VAL A CG2 1 
ATOM   264  N  N   . MET A 1 36  ? 1.330   -5.658  7.429   1.00 29.65 ? 36  MET A N   1 
ATOM   265  C  CA  . MET A 1 36  ? 2.156   -4.612  8.033   1.00 29.39 ? 36  MET A CA  1 
ATOM   266  C  C   . MET A 1 36  ? 3.503   -5.187  8.429   1.00 29.48 ? 36  MET A C   1 
ATOM   267  O  O   . MET A 1 36  ? 4.550   -4.543  8.254   1.00 29.70 ? 36  MET A O   1 
ATOM   268  C  CB  . MET A 1 36  ? 1.414   -3.975  9.221   1.00 29.59 ? 36  MET A CB  1 
ATOM   269  C  CG  . MET A 1 36  ? 0.161   -3.237  8.776   1.00 35.29 ? 36  MET A CG  1 
ATOM   270  S  SD  . MET A 1 36  ? 0.608   -1.774  7.795   1.00 45.31 ? 36  MET A SD  1 
ATOM   271  C  CE  . MET A 1 36  ? 1.355   -1.031  9.226   1.00 44.78 ? 36  MET A CE  1 
ATOM   272  N  N   . ARG A 1 37  ? 3.552   -6.392  8.982   1.00 28.22 ? 37  ARG A N   1 
ATOM   273  C  CA  . ARG A 1 37  ? 4.819   -6.994  9.294   1.00 27.49 ? 37  ARG A CA  1 
ATOM   274  C  C   . ARG A 1 37  ? 5.652   -7.315  8.038   1.00 27.94 ? 37  ARG A C   1 
ATOM   275  O  O   . ARG A 1 37  ? 6.875   -7.291  8.094   1.00 28.70 ? 37  ARG A O   1 
ATOM   276  C  CB  . ARG A 1 37  ? 4.600   -8.300  10.141  1.00 29.25 ? 37  ARG A CB  1 
ATOM   277  C  CG  . ARG A 1 37  ? 4.248   -7.976  11.623  1.00 28.36 ? 37  ARG A CG  1 
ATOM   278  C  CD  . ARG A 1 37  ? 4.106   -9.198  12.517  1.00 28.25 ? 37  ARG A CD  1 
ATOM   279  N  NE  . ARG A 1 37  ? 3.036   -10.114 12.109  1.00 26.44 ? 37  ARG A NE  1 
ATOM   280  C  CZ  . ARG A 1 37  ? 1.739   -10.002 12.381  1.00 28.33 ? 37  ARG A CZ  1 
ATOM   281  N  NH1 . ARG A 1 37  ? 1.301   -8.983  13.105  1.00 29.16 ? 37  ARG A NH1 1 
ATOM   282  N  NH2 . ARG A 1 37  ? 0.897   -10.946 11.991  1.00 29.00 ? 37  ARG A NH2 1 
ATOM   283  N  N   . SER A 1 38  ? 4.983   -7.684  6.943   1.00 28.58 ? 38  SER A N   1 
ATOM   284  C  CA  . SER A 1 38  ? 5.670   -7.935  5.670   1.00 31.47 ? 38  SER A CA  1 
ATOM   285  C  C   . SER A 1 38  ? 6.334   -6.626  5.119   1.00 32.52 ? 38  SER A C   1 
ATOM   286  O  O   . SER A 1 38  ? 7.260   -6.681  4.296   1.00 32.89 ? 38  SER A O   1 
ATOM   287  C  CB  . SER A 1 38  ? 4.725   -8.613  4.666   1.00 29.12 ? 38  SER A CB  1 
ATOM   288  O  OG  . SER A 1 38  ? 3.756   -7.743  4.146   1.00 32.76 ? 38  SER A OG  1 
ATOM   289  N  N   . LEU A 1 39  ? 5.918   -5.486  5.676   1.00 34.36 ? 39  LEU A N   1 
ATOM   290  C  CA  . LEU A 1 39  ? 6.452   -4.102  5.365   1.00 34.36 ? 39  LEU A CA  1 
ATOM   291  C  C   . LEU A 1 39  ? 7.410   -3.575  6.434   1.00 35.60 ? 39  LEU A C   1 
ATOM   292  O  O   . LEU A 1 39  ? 7.750   -2.381  6.476   1.00 35.90 ? 39  LEU A O   1 
ATOM   293  C  CB  . LEU A 1 39  ? 5.266   -3.134  5.208   1.00 34.61 ? 39  LEU A CB  1 
ATOM   294  C  CG  . LEU A 1 39  ? 4.364   -3.477  4.011   1.00 32.01 ? 39  LEU A CG  1 
ATOM   295  C  CD1 . LEU A 1 39  ? 3.019   -2.789  3.915   1.00 33.78 ? 39  LEU A CD1 1 
ATOM   296  C  CD2 . LEU A 1 39  ? 5.124   -3.327  2.694   1.00 38.40 ? 39  LEU A CD2 1 
ATOM   297  N  N   . GLY A 1 40  ? 7.789   -4.446  7.341   1.00 35.79 ? 40  GLY A N   1 
ATOM   298  C  CA  . GLY A 1 40  ? 8.780   -4.102  8.354   1.00 37.01 ? 40  GLY A CA  1 
ATOM   299  C  C   . GLY A 1 40  ? 8.187   -3.404  9.548   1.00 36.59 ? 40  GLY A C   1 
ATOM   300  O  O   . GLY A 1 40  ? 8.918   -2.908  10.342  1.00 36.22 ? 40  GLY A O   1 
ATOM   301  N  N   . GLN A 1 41  ? 6.857   -3.389  9.682   1.00 35.35 ? 41  GLN A N   1 
ATOM   302  C  CA  . GLN A 1 41  ? 6.190   -2.733  10.811  1.00 34.99 ? 41  GLN A CA  1 
ATOM   303  C  C   . GLN A 1 41  ? 5.763   -3.738  11.878  1.00 36.69 ? 41  GLN A C   1 
ATOM   304  O  O   . GLN A 1 41  ? 5.746   -4.981  11.620  1.00 36.47 ? 41  GLN A O   1 
ATOM   305  C  CB  . GLN A 1 41  ? 4.992   -1.954  10.273  1.00 35.57 ? 41  GLN A CB  1 
ATOM   306  C  CG  . GLN A 1 41  ? 5.290   -1.079  8.995   1.00 36.65 ? 41  GLN A CG  1 
ATOM   307  C  CD  . GLN A 1 41  ? 6.448   -0.147  9.228   1.00 40.86 ? 41  GLN A CD  1 
ATOM   308  O  OE1 . GLN A 1 41  ? 6.502   0.506   10.265  1.00 39.77 ? 41  GLN A OE1 1 
ATOM   309  N  NE2 . GLN A 1 41  ? 7.416   -0.085  8.270   1.00 43.05 ? 41  GLN A NE2 1 
ATOM   310  N  N   . ASN A 1 42  ? 5.441   -3.275  13.085  1.00 36.38 ? 42  ASN A N   1 
ATOM   311  C  CA  . ASN A 1 42  ? 4.924   -4.181  14.103  1.00 36.50 ? 42  ASN A CA  1 
ATOM   312  C  C   . ASN A 1 42  ? 3.873   -3.483  14.951  1.00 35.92 ? 42  ASN A C   1 
ATOM   313  O  O   . ASN A 1 42  ? 4.059   -3.323  16.159  1.00 37.16 ? 42  ASN A O   1 
ATOM   314  C  CB  . ASN A 1 42  ? 5.997   -4.825  15.002  1.00 38.94 ? 42  ASN A CB  1 
ATOM   315  C  CG  . ASN A 1 42  ? 5.470   -6.079  15.779  1.00 39.35 ? 42  ASN A CG  1 
ATOM   316  O  OD1 . ASN A 1 42  ? 5.908   -6.335  16.902  1.00 56.17 ? 42  ASN A OD1 1 
ATOM   317  N  ND2 . ASN A 1 42  ? 4.556   -6.848  15.202  1.00 37.79 ? 42  ASN A ND2 1 
ATOM   318  N  N   . PRO A 1 43  ? 2.728   -3.210  14.339  1.00 34.02 ? 43  PRO A N   1 
ATOM   319  C  CA  . PRO A 1 43  ? 1.602   -2.667  15.050  1.00 33.67 ? 43  PRO A CA  1 
ATOM   320  C  C   . PRO A 1 43  ? 1.043   -3.655  16.088  1.00 33.46 ? 43  PRO A C   1 
ATOM   321  O  O   . PRO A 1 43  ? 1.084   -4.888  15.902  1.00 32.23 ? 43  PRO A O   1 
ATOM   322  C  CB  . PRO A 1 43  ? 0.575   -2.455  13.940  1.00 33.84 ? 43  PRO A CB  1 
ATOM   323  C  CG  . PRO A 1 43  ? 0.895   -3.571  12.947  1.00 36.43 ? 43  PRO A CG  1 
ATOM   324  C  CD  . PRO A 1 43  ? 2.378   -3.587  12.954  1.00 34.32 ? 43  PRO A CD  1 
ATOM   325  N  N   . THR A 1 44  ? 0.538   -3.100  17.199  1.00 32.50 ? 44  THR A N   1 
ATOM   326  C  CA  . THR A 1 44  ? -0.058  -3.889  18.246  1.00 30.41 ? 44  THR A CA  1 
ATOM   327  C  C   . THR A 1 44  ? -1.447  -4.274  17.820  1.00 30.87 ? 44  THR A C   1 
ATOM   328  O  O   . THR A 1 44  ? -2.000  -3.697  16.894  1.00 28.80 ? 44  THR A O   1 
ATOM   329  C  CB  . THR A 1 44  ? -0.217  -3.096  19.552  1.00 31.23 ? 44  THR A CB  1 
ATOM   330  O  OG1 . THR A 1 44  ? -1.084  -1.991  19.340  1.00 29.32 ? 44  THR A OG1 1 
ATOM   331  C  CG2 . THR A 1 44  ? 1.162   -2.624  20.049  1.00 30.40 ? 44  THR A CG2 1 
ATOM   332  N  N   . GLU A 1 45  ? -2.007  -5.276  18.514  1.00 28.29 ? 45  GLU A N   1 
ATOM   333  C  CA  A GLU A 1 45  ? -3.392  -5.655  18.303  0.30 28.42 ? 45  GLU A CA  1 
ATOM   334  C  CA  B GLU A 1 45  ? -3.384  -5.660  18.346  0.70 29.70 ? 45  GLU A CA  1 
ATOM   335  C  C   . GLU A 1 45  ? -4.296  -4.431  18.391  1.00 28.59 ? 45  GLU A C   1 
ATOM   336  O  O   . GLU A 1 45  ? -5.226  -4.286  17.604  1.00 30.02 ? 45  GLU A O   1 
ATOM   337  C  CB  A GLU A 1 45  ? -3.842  -6.765  19.288  0.30 28.03 ? 45  GLU A CB  1 
ATOM   338  C  CB  B GLU A 1 45  ? -3.776  -6.698  19.438  0.70 30.59 ? 45  GLU A CB  1 
ATOM   339  C  CG  A GLU A 1 45  ? -3.793  -6.393  20.785  0.30 24.64 ? 45  GLU A CG  1 
ATOM   340  C  CG  B GLU A 1 45  ? -4.001  -6.111  20.850  0.70 31.36 ? 45  GLU A CG  1 
ATOM   341  C  CD  A GLU A 1 45  ? -5.114  -5.812  21.348  0.30 21.95 ? 45  GLU A CD  1 
ATOM   342  C  CD  B GLU A 1 45  ? -2.753  -5.524  21.526  0.70 35.39 ? 45  GLU A CD  1 
ATOM   343  O  OE1 A GLU A 1 45  ? -6.199  -6.062  20.781  0.30 19.15 ? 45  GLU A OE1 1 
ATOM   344  O  OE1 B GLU A 1 45  ? -1.842  -6.380  21.764  0.70 37.36 ? 45  GLU A OE1 1 
ATOM   345  O  OE2 A GLU A 1 45  ? -5.041  -5.084  22.360  0.30 13.75 ? 45  GLU A OE2 1 
ATOM   346  O  OE2 B GLU A 1 45  ? -2.695  -4.250  21.875  0.70 33.42 ? 45  GLU A OE2 1 
ATOM   347  N  N   . ALA A 1 46  ? -4.062  -3.547  19.352  1.00 29.03 ? 46  ALA A N   1 
ATOM   348  C  CA  . ALA A 1 46  ? -4.943  -2.360  19.495  1.00 28.88 ? 46  ALA A CA  1 
ATOM   349  C  C   . ALA A 1 46  ? -4.801  -1.409  18.325  1.00 29.57 ? 46  ALA A C   1 
ATOM   350  O  O   . ALA A 1 46  ? -5.798  -0.803  17.847  1.00 30.91 ? 46  ALA A O   1 
ATOM   351  C  CB  . ALA A 1 46  ? -4.692  -1.622  20.841  1.00 28.44 ? 46  ALA A CB  1 
ATOM   352  N  N   . GLU A 1 47  ? -3.583  -1.201  17.869  1.00 29.45 ? 47  GLU A N   1 
ATOM   353  C  CA  . GLU A 1 47  ? -3.388  -0.294  16.709  1.00 30.33 ? 47  GLU A CA  1 
ATOM   354  C  C   . GLU A 1 47  ? -4.010  -0.853  15.428  1.00 31.09 ? 47  GLU A C   1 
ATOM   355  O  O   . GLU A 1 47  ? -4.581  -0.125  14.631  1.00 29.50 ? 47  GLU A O   1 
ATOM   356  C  CB  . GLU A 1 47  ? -1.903  -0.053  16.461  1.00 30.73 ? 47  GLU A CB  1 
ATOM   357  C  CG  . GLU A 1 47  ? -1.273  0.653   17.631  1.00 29.22 ? 47  GLU A CG  1 
ATOM   358  C  CD  . GLU A 1 47  ? 0.243   0.641   17.619  1.00 33.55 ? 47  GLU A CD  1 
ATOM   359  O  OE1 . GLU A 1 47  ? 0.865   -0.271  17.015  1.00 35.04 ? 47  GLU A OE1 1 
ATOM   360  O  OE2 . GLU A 1 47  ? 0.808   1.584   18.227  1.00 38.87 ? 47  GLU A OE2 1 
ATOM   361  N  N   . LEU A 1 48  ? -3.936  -2.168  15.256  1.00 30.11 ? 48  LEU A N   1 
ATOM   362  C  CA  . LEU A 1 48  ? -4.598  -2.767  14.153  1.00 31.98 ? 48  LEU A CA  1 
ATOM   363  C  C   . LEU A 1 48  ? -6.118  -2.578  14.208  1.00 33.19 ? 48  LEU A C   1 
ATOM   364  O  O   . LEU A 1 48  ? -6.712  -2.211  13.218  1.00 33.37 ? 48  LEU A O   1 
ATOM   365  C  CB  . LEU A 1 48  ? -4.232  -4.238  14.070  1.00 31.97 ? 48  LEU A CB  1 
ATOM   366  C  CG  . LEU A 1 48  ? -2.779  -4.509  13.656  1.00 32.35 ? 48  LEU A CG  1 
ATOM   367  C  CD1 . LEU A 1 48  ? -2.443  -5.986  13.975  1.00 31.09 ? 48  LEU A CD1 1 
ATOM   368  C  CD2 . LEU A 1 48  ? -2.520  -4.184  12.171  1.00 31.55 ? 48  LEU A CD2 1 
ATOM   369  N  N   . GLN A 1 49  ? -6.737  -2.767  15.369  1.00 34.48 ? 49  GLN A N   1 
ATOM   370  C  CA  . GLN A 1 49  ? -8.179  -2.465  15.526  1.00 36.49 ? 49  GLN A CA  1 
ATOM   371  C  C   . GLN A 1 49  ? -8.532  -1.014  15.188  1.00 36.48 ? 49  GLN A C   1 
ATOM   372  O  O   . GLN A 1 49  ? -9.590  -0.712  14.581  1.00 38.35 ? 49  GLN A O   1 
ATOM   373  C  CB  . GLN A 1 49  ? -8.621  -2.798  16.949  1.00 36.79 ? 49  GLN A CB  1 
ATOM   374  C  CG  . GLN A 1 49  ? -8.361  -4.236  17.261  1.00 39.05 ? 49  GLN A CG  1 
ATOM   375  C  CD  . GLN A 1 49  ? -9.149  -4.743  18.426  1.00 44.20 ? 49  GLN A CD  1 
ATOM   376  O  OE1 . GLN A 1 49  ? -9.837  -5.756  18.326  1.00 50.11 ? 49  GLN A OE1 1 
ATOM   377  N  NE2 . GLN A 1 49  ? -9.069  -4.053  19.529  1.00 43.48 ? 49  GLN A NE2 1 
ATOM   378  N  N   . ASP A 1 50  ? -7.648  -0.125  15.619  1.00 36.55 ? 50  ASP A N   1 
ATOM   379  C  CA  . ASP A 1 50  ? -7.788  1.296   15.404  1.00 37.42 ? 50  ASP A CA  1 
ATOM   380  C  C   . ASP A 1 50  ? -7.726  1.602   13.893  1.00 37.57 ? 50  ASP A C   1 
ATOM   381  O  O   . ASP A 1 50  ? -8.570  2.341   13.353  1.00 35.40 ? 50  ASP A O   1 
ATOM   382  C  CB  . ASP A 1 50  ? -6.684  2.061   16.158  1.00 37.26 ? 50  ASP A CB  1 
ATOM   383  C  CG  . ASP A 1 50  ? -6.929  2.147   17.678  1.00 41.41 ? 50  ASP A CG  1 
ATOM   384  O  OD1 . ASP A 1 50  ? -8.031  1.784   18.189  1.00 45.08 ? 50  ASP A OD1 1 
ATOM   385  O  OD2 . ASP A 1 50  ? -5.982  2.587   18.389  1.00 45.02 ? 50  ASP A OD2 1 
ATOM   386  N  N   . MET A 1 51  ? -6.752  1.015   13.202  1.00 37.60 ? 51  MET A N   1 
ATOM   387  C  CA  A MET A 1 51  ? -6.612  1.221   11.764  0.50 38.36 ? 51  MET A CA  1 
ATOM   388  C  CA  B MET A 1 51  ? -6.632  1.246   11.775  0.50 38.38 ? 51  MET A CA  1 
ATOM   389  C  C   . MET A 1 51  ? -7.884  0.777   11.027  1.00 38.80 ? 51  MET A C   1 
ATOM   390  O  O   . MET A 1 51  ? -8.344  1.445   10.084  1.00 38.61 ? 51  MET A O   1 
ATOM   391  C  CB  A MET A 1 51  ? -5.399  0.469   11.222  0.50 38.25 ? 51  MET A CB  1 
ATOM   392  C  CB  B MET A 1 51  ? -5.384  0.579   11.235  0.50 38.38 ? 51  MET A CB  1 
ATOM   393  C  CG  A MET A 1 51  ? -4.051  0.986   11.708  0.50 37.70 ? 51  MET A CG  1 
ATOM   394  C  CG  B MET A 1 51  ? -4.120  1.235   11.741  0.50 38.09 ? 51  MET A CG  1 
ATOM   395  S  SD  A MET A 1 51  ? -2.737  -0.006  11.023  0.50 39.18 ? 51  MET A SD  1 
ATOM   396  S  SD  B MET A 1 51  ? -2.696  0.302   11.275  0.50 38.80 ? 51  MET A SD  1 
ATOM   397  C  CE  A MET A 1 51  ? -1.462  0.192   12.251  0.50 36.55 ? 51  MET A CE  1 
ATOM   398  C  CE  B MET A 1 51  ? -2.889  0.255   9.481   0.50 36.49 ? 51  MET A CE  1 
ATOM   399  N  N   . ILE A 1 52  ? -8.441  -0.349  11.462  1.00 39.19 ? 52  ILE A N   1 
ATOM   400  C  CA  . ILE A 1 52  ? -9.664  -0.878  10.869  1.00 39.85 ? 52  ILE A CA  1 
ATOM   401  C  C   . ILE A 1 52  ? -10.873 0.012   11.204  1.00 40.87 ? 52  ILE A C   1 
ATOM   402  O  O   . ILE A 1 52  ? -11.685 0.311   10.328  1.00 42.20 ? 52  ILE A O   1 
ATOM   403  C  CB  . ILE A 1 52  ? -9.865  -2.365  11.314  1.00 38.88 ? 52  ILE A CB  1 
ATOM   404  C  CG1 . ILE A 1 52  ? -8.855  -3.238  10.554  1.00 37.78 ? 52  ILE A CG1 1 
ATOM   405  C  CG2 . ILE A 1 52  ? -11.276 -2.850  11.045  1.00 39.75 ? 52  ILE A CG2 1 
ATOM   406  C  CD1 . ILE A 1 52  ? -9.230  -4.649  10.422  1.00 37.23 ? 52  ILE A CD1 1 
ATOM   407  N  N   . ASN A 1 53  ? -10.966 0.413   12.475  1.00 42.33 ? 53  ASN A N   1 
ATOM   408  C  CA  . ASN A 1 53  ? -12.036 1.268   12.996  1.00 43.65 ? 53  ASN A CA  1 
ATOM   409  C  C   . ASN A 1 53  ? -12.205 2.569   12.220  1.00 43.86 ? 53  ASN A C   1 
ATOM   410  O  O   . ASN A 1 53  ? -13.340 3.014   12.022  1.00 44.48 ? 53  ASN A O   1 
ATOM   411  C  CB  . ASN A 1 53  ? -11.779 1.545   14.492  1.00 44.09 ? 53  ASN A CB  1 
ATOM   412  C  CG  . ASN A 1 53  ? -12.691 2.620   15.079  1.00 47.06 ? 53  ASN A CG  1 
ATOM   413  O  OD1 . ASN A 1 53  ? -12.220 3.568   15.727  1.00 52.04 ? 53  ASN A OD1 1 
ATOM   414  N  ND2 . ASN A 1 53  ? -13.996 2.473   14.872  1.00 48.54 ? 53  ASN A ND2 1 
ATOM   415  N  N   . GLU A 1 54  ? -11.105 3.180   11.778  1.00 43.87 ? 54  GLU A N   1 
ATOM   416  C  CA  . GLU A 1 54  ? -11.201 4.457   11.043  1.00 45.68 ? 54  GLU A CA  1 
ATOM   417  C  C   . GLU A 1 54  ? -11.990 4.381   9.747   1.00 44.79 ? 54  GLU A C   1 
ATOM   418  O  O   . GLU A 1 54  ? -12.600 5.369   9.323   1.00 44.97 ? 54  GLU A O   1 
ATOM   419  C  CB  . GLU A 1 54  ? -9.820  5.029   10.753  1.00 46.38 ? 54  GLU A CB  1 
ATOM   420  C  CG  . GLU A 1 54  ? -9.426  6.099   11.755  1.00 49.41 ? 54  GLU A CG  1 
ATOM   421  C  CD  . GLU A 1 54  ? -7.936  6.199   11.930  1.00 52.33 ? 54  GLU A CD  1 
ATOM   422  O  OE1 . GLU A 1 54  ? -7.245  5.209   11.603  1.00 54.07 ? 54  GLU A OE1 1 
ATOM   423  O  OE2 . GLU A 1 54  ? -7.468  7.271   12.391  1.00 55.71 ? 54  GLU A OE2 1 
ATOM   424  N  N   . VAL A 1 55  ? -11.993 3.200   9.143   1.00 44.22 ? 55  VAL A N   1 
ATOM   425  C  CA  . VAL A 1 55  ? -12.639 2.983   7.871   1.00 43.76 ? 55  VAL A CA  1 
ATOM   426  C  C   . VAL A 1 55  ? -13.868 2.052   7.908   1.00 43.18 ? 55  VAL A C   1 
ATOM   427  O  O   . VAL A 1 55  ? -14.532 1.868   6.875   1.00 43.72 ? 55  VAL A O   1 
ATOM   428  C  CB  . VAL A 1 55  ? -11.606 2.466   6.871   1.00 44.10 ? 55  VAL A CB  1 
ATOM   429  C  CG1 . VAL A 1 55  ? -10.388 3.382   6.896   1.00 45.17 ? 55  VAL A CG1 1 
ATOM   430  C  CG2 . VAL A 1 55  ? -11.220 1.033   7.172   1.00 42.69 ? 55  VAL A CG2 1 
ATOM   431  N  N   . ASP A 1 56  ? -14.223 1.514   9.080   1.00 41.68 ? 56  ASP A N   1 
ATOM   432  C  CA  . ASP A 1 56  ? -15.204 0.431   9.108   1.00 40.04 ? 56  ASP A CA  1 
ATOM   433  C  C   . ASP A 1 56  ? -16.608 0.928   9.172   1.00 39.20 ? 56  ASP A C   1 
ATOM   434  O  O   . ASP A 1 56  ? -17.048 1.449   10.210  1.00 39.26 ? 56  ASP A O   1 
ATOM   435  C  CB  . ASP A 1 56  ? -14.993 -0.515  10.276  1.00 39.39 ? 56  ASP A CB  1 
ATOM   436  C  CG  . ASP A 1 56  ? -15.849 -1.756  10.160  1.00 36.61 ? 56  ASP A CG  1 
ATOM   437  O  OD1 . ASP A 1 56  ? -16.274 -2.113  8.996   1.00 24.37 ? 56  ASP A OD1 1 
ATOM   438  O  OD2 . ASP A 1 56  ? -16.012 -2.392  11.242  1.00 33.62 ? 56  ASP A OD2 1 
ATOM   439  N  N   . ALA A 1 57  ? -17.343 0.718   8.088   1.00 38.40 ? 57  ALA A N   1 
ATOM   440  C  CA  . ALA A 1 57  ? -18.677 1.341   7.935   1.00 37.14 ? 57  ALA A CA  1 
ATOM   441  C  C   . ALA A 1 57  ? -19.800 0.661   8.739   1.00 36.24 ? 57  ALA A C   1 
ATOM   442  O  O   . ALA A 1 57  ? -20.661 1.351   9.354   1.00 36.91 ? 57  ALA A O   1 
ATOM   443  C  CB  . ALA A 1 57  ? -19.055 1.394   6.453   1.00 37.16 ? 57  ALA A CB  1 
ATOM   444  N  N   . ASP A 1 58  ? -19.830 -0.671  8.671   1.00 34.96 ? 58  ASP A N   1 
ATOM   445  C  CA  . ASP A 1 58  ? -20.833 -1.473  9.347   1.00 35.39 ? 58  ASP A CA  1 
ATOM   446  C  C   . ASP A 1 58  ? -20.447 -1.981  10.716  1.00 35.66 ? 58  ASP A C   1 
ATOM   447  O  O   . ASP A 1 58  ? -21.234 -2.712  11.328  1.00 35.77 ? 58  ASP A O   1 
ATOM   448  C  CB  . ASP A 1 58  ? -21.351 -2.636  8.480   1.00 35.20 ? 58  ASP A CB  1 
ATOM   449  C  CG  . ASP A 1 58  ? -20.270 -3.470  7.905   1.00 36.24 ? 58  ASP A CG  1 
ATOM   450  O  OD1 . ASP A 1 58  ? -19.104 -3.280  8.299   1.00 31.19 ? 58  ASP A OD1 1 
ATOM   451  O  OD2 . ASP A 1 58  ? -20.585 -4.302  7.027   1.00 39.48 ? 58  ASP A OD2 1 
ATOM   452  N  N   . GLY A 1 59  ? -19.262 -1.590  11.192  1.00 36.43 ? 59  GLY A N   1 
ATOM   453  C  CA  . GLY A 1 59  ? -18.868 -1.841  12.558  1.00 37.01 ? 59  GLY A CA  1 
ATOM   454  C  C   . GLY A 1 59  ? -18.761 -3.334  12.824  1.00 38.06 ? 59  GLY A C   1 
ATOM   455  O  O   . GLY A 1 59  ? -19.068 -3.800  13.929  1.00 39.31 ? 59  GLY A O   1 
ATOM   456  N  N   . ASN A 1 60  ? -18.340 -4.089  11.812  1.00 37.27 ? 60  ASN A N   1 
ATOM   457  C  CA  . ASN A 1 60  ? -18.378 -5.543  11.901  1.00 36.74 ? 60  ASN A CA  1 
ATOM   458  C  C   . ASN A 1 60  ? -17.022 -6.155  12.207  1.00 35.98 ? 60  ASN A C   1 
ATOM   459  O  O   . ASN A 1 60  ? -16.912 -7.383  12.296  1.00 35.89 ? 60  ASN A O   1 
ATOM   460  C  CB  . ASN A 1 60  ? -18.976 -6.155  10.634  1.00 36.97 ? 60  ASN A CB  1 
ATOM   461  C  CG  . ASN A 1 60  ? -18.115 -5.967  9.416   1.00 36.14 ? 60  ASN A CG  1 
ATOM   462  O  OD1 . ASN A 1 60  ? -17.283 -5.042  9.349   1.00 32.73 ? 60  ASN A OD1 1 
ATOM   463  N  ND2 . ASN A 1 60  ? -18.337 -6.819  8.404   1.00 35.13 ? 60  ASN A ND2 1 
ATOM   464  N  N   . GLY A 1 61  ? -16.016 -5.291  12.392  1.00 35.48 ? 61  GLY A N   1 
ATOM   465  C  CA  . GLY A 1 61  ? -14.662 -5.704  12.719  1.00 34.76 ? 61  GLY A CA  1 
ATOM   466  C  C   . GLY A 1 61  ? -13.662 -5.744  11.554  1.00 34.65 ? 61  GLY A C   1 
ATOM   467  O  O   . GLY A 1 61  ? -12.440 -5.880  11.750  1.00 33.90 ? 61  GLY A O   1 
ATOM   468  N  N   . THR A 1 62  ? -14.157 -5.660  10.334  1.00 33.68 ? 62  THR A N   1 
ATOM   469  C  CA  . THR A 1 62  ? -13.346 -5.972  9.169   1.00 32.89 ? 62  THR A CA  1 
ATOM   470  C  C   . THR A 1 62  ? -13.617 -4.969  8.032   1.00 33.14 ? 62  THR A C   1 
ATOM   471  O  O   . THR A 1 62  ? -14.684 -4.349  8.021   1.00 29.30 ? 62  THR A O   1 
ATOM   472  C  CB  . THR A 1 62  ? -13.739 -7.373  8.668   1.00 33.39 ? 62  THR A CB  1 
ATOM   473  O  OG1 . THR A 1 62  ? -15.083 -7.342  8.218   1.00 32.81 ? 62  THR A OG1 1 
ATOM   474  C  CG2 . THR A 1 62  ? -13.661 -8.409  9.761   1.00 33.08 ? 62  THR A CG2 1 
ATOM   475  N  N   . ILE A 1 63  ? -12.678 -4.839  7.099   1.00 32.54 ? 63  ILE A N   1 
ATOM   476  C  CA  . ILE A 1 63  ? -12.800 -3.974  5.907   1.00 32.97 ? 63  ILE A CA  1 
ATOM   477  C  C   . ILE A 1 63  ? -13.307 -4.793  4.693   1.00 32.80 ? 63  ILE A C   1 
ATOM   478  O  O   . ILE A 1 63  ? -12.681 -5.744  4.264   1.00 32.38 ? 63  ILE A O   1 
ATOM   479  C  CB  . ILE A 1 63  ? -11.446 -3.223  5.576   1.00 32.91 ? 63  ILE A CB  1 
ATOM   480  C  CG1 . ILE A 1 63  ? -10.801 -2.641  6.865   1.00 32.09 ? 63  ILE A CG1 1 
ATOM   481  C  CG2 . ILE A 1 63  ? -11.698 -2.071  4.560   1.00 32.45 ? 63  ILE A CG2 1 
ATOM   482  C  CD1 . ILE A 1 63  ? -9.239  -2.284  6.816   1.00 34.34 ? 63  ILE A CD1 1 
ATOM   483  N  N   . ASP A 1 64  ? -14.475 -4.468  4.157   1.00 32.79 ? 64  ASP A N   1 
ATOM   484  C  CA  . ASP A 1 64  ? -14.919 -5.110  2.920   1.00 33.41 ? 64  ASP A CA  1 
ATOM   485  C  C   . ASP A 1 64  ? -14.494 -4.165  1.807   1.00 32.91 ? 64  ASP A C   1 
ATOM   486  O  O   . ASP A 1 64  ? -13.861 -3.138  2.075   1.00 33.05 ? 64  ASP A O   1 
ATOM   487  C  CB  . ASP A 1 64  ? -16.459 -5.389  2.933   1.00 34.15 ? 64  ASP A CB  1 
ATOM   488  C  CG  . ASP A 1 64  ? -17.308 -4.123  2.831   1.00 37.95 ? 64  ASP A CG  1 
ATOM   489  O  OD1 . ASP A 1 64  ? -16.805 -2.996  3.049   1.00 42.91 ? 64  ASP A OD1 1 
ATOM   490  O  OD2 . ASP A 1 64  ? -18.514 -4.256  2.527   1.00 43.99 ? 64  ASP A OD2 1 
ATOM   491  N  N   . PHE A 1 65  ? -14.891 -4.440  0.567   1.00 33.06 ? 65  PHE A N   1 
ATOM   492  C  CA  . PHE A 1 65  ? -14.318 -3.706  -0.531  1.00 32.36 ? 65  PHE A CA  1 
ATOM   493  C  C   . PHE A 1 65  ? -14.798 -2.255  -0.622  1.00 32.64 ? 65  PHE A C   1 
ATOM   494  O  O   . PHE A 1 65  ? -14.003 -1.362  -0.837  1.00 32.89 ? 65  PHE A O   1 
ATOM   495  C  CB  . PHE A 1 65  ? -14.371 -4.531  -1.822  1.00 32.33 ? 65  PHE A CB  1 
ATOM   496  C  CG  . PHE A 1 65  ? -13.758 -3.851  -3.017  1.00 30.32 ? 65  PHE A CG  1 
ATOM   497  C  CD1 . PHE A 1 65  ? -12.401 -3.613  -3.108  1.00 30.72 ? 65  PHE A CD1 1 
ATOM   498  C  CD2 . PHE A 1 65  ? -14.567 -3.441  -4.079  1.00 30.73 ? 65  PHE A CD2 1 
ATOM   499  C  CE1 . PHE A 1 65  ? -11.876 -2.985  -4.226  1.00 29.54 ? 65  PHE A CE1 1 
ATOM   500  C  CE2 . PHE A 1 65  ? -14.030 -2.806  -5.182  1.00 29.10 ? 65  PHE A CE2 1 
ATOM   501  C  CZ  . PHE A 1 65  ? -12.713 -2.579  -5.265  1.00 32.28 ? 65  PHE A CZ  1 
ATOM   502  N  N   . PRO A 1 66  ? -16.095 -1.990  -0.447  1.00 35.23 ? 66  PRO A N   1 
ATOM   503  C  CA  . PRO A 1 66  ? -16.484 -0.573  -0.426  1.00 35.92 ? 66  PRO A CA  1 
ATOM   504  C  C   . PRO A 1 66  ? -15.736 0.303   0.604   1.00 36.39 ? 66  PRO A C   1 
ATOM   505  O  O   . PRO A 1 66  ? -15.327 1.427   0.310   1.00 35.84 ? 66  PRO A O   1 
ATOM   506  C  CB  . PRO A 1 66  ? -17.976 -0.646  -0.135  1.00 36.81 ? 66  PRO A CB  1 
ATOM   507  C  CG  . PRO A 1 66  ? -18.382 -1.962  -0.776  1.00 36.71 ? 66  PRO A CG  1 
ATOM   508  C  CD  . PRO A 1 66  ? -17.257 -2.878  -0.350  1.00 33.87 ? 66  PRO A CD  1 
ATOM   509  N  N   . GLU A 1 67  ? -15.532 -0.222  1.795   1.00 37.26 ? 67  GLU A N   1 
ATOM   510  C  CA  . GLU A 1 67  ? -14.855 0.533   2.845   1.00 37.13 ? 67  GLU A CA  1 
ATOM   511  C  C   . GLU A 1 67  ? -13.388 0.766   2.528   1.00 38.34 ? 67  GLU A C   1 
ATOM   512  O  O   . GLU A 1 67  ? -12.838 1.821   2.863   1.00 39.15 ? 67  GLU A O   1 
ATOM   513  C  CB  . GLU A 1 67  ? -14.985 -0.213  4.142   1.00 37.43 ? 67  GLU A CB  1 
ATOM   514  C  CG  . GLU A 1 67  ? -16.428 -0.470  4.564   1.00 34.79 ? 67  GLU A CG  1 
ATOM   515  C  CD  . GLU A 1 67  ? -16.523 -1.629  5.541   1.00 35.61 ? 67  GLU A CD  1 
ATOM   516  O  OE1 . GLU A 1 67  ? -15.462 -2.103  6.018   1.00 37.33 ? 67  GLU A OE1 1 
ATOM   517  O  OE2 . GLU A 1 67  ? -17.653 -2.046  5.878   1.00 36.06 ? 67  GLU A OE2 1 
ATOM   518  N  N   . PHE A 1 68  ? -12.758 -0.228  1.900   1.00 38.44 ? 68  PHE A N   1 
ATOM   519  C  CA  . PHE A 1 68  ? -11.400 -0.084  1.351   1.00 38.94 ? 68  PHE A CA  1 
ATOM   520  C  C   . PHE A 1 68  ? -11.244 1.101   0.394   1.00 40.64 ? 68  PHE A C   1 
ATOM   521  O  O   . PHE A 1 68  ? -10.272 1.854   0.484   1.00 41.07 ? 68  PHE A O   1 
ATOM   522  C  CB  . PHE A 1 68  ? -11.010 -1.382  0.655   1.00 38.09 ? 68  PHE A CB  1 
ATOM   523  C  CG  . PHE A 1 68  ? -9.614  -1.414  0.162   1.00 37.34 ? 68  PHE A CG  1 
ATOM   524  C  CD1 . PHE A 1 68  ? -8.564  -1.765  1.026   1.00 35.16 ? 68  PHE A CD1 1 
ATOM   525  C  CD2 . PHE A 1 68  ? -9.325  -1.112  -1.158  1.00 35.45 ? 68  PHE A CD2 1 
ATOM   526  C  CE1 . PHE A 1 68  ? -7.264  -1.819  0.539   1.00 35.05 ? 68  PHE A CE1 1 
ATOM   527  C  CE2 . PHE A 1 68  ? -8.037  -1.138  -1.638  1.00 37.17 ? 68  PHE A CE2 1 
ATOM   528  C  CZ  . PHE A 1 68  ? -7.010  -1.477  -0.807  1.00 34.72 ? 68  PHE A CZ  1 
ATOM   529  N  N   . LEU A 1 69  ? -12.206 1.257   -0.514  1.00 42.67 ? 69  LEU A N   1 
ATOM   530  C  CA  . LEU A 1 69  ? -12.179 2.315   -1.520  1.00 44.75 ? 69  LEU A CA  1 
ATOM   531  C  C   . LEU A 1 69  ? -12.354 3.697   -0.918  1.00 46.80 ? 69  LEU A C   1 
ATOM   532  O  O   . LEU A 1 69  ? -11.653 4.637   -1.296  1.00 47.73 ? 69  LEU A O   1 
ATOM   533  C  CB  . LEU A 1 69  ? -13.298 2.119   -2.554  1.00 44.26 ? 69  LEU A CB  1 
ATOM   534  C  CG  . LEU A 1 69  ? -13.272 0.845   -3.394  1.00 44.23 ? 69  LEU A CG  1 
ATOM   535  C  CD1 . LEU A 1 69  ? -14.526 0.777   -4.272  1.00 42.82 ? 69  LEU A CD1 1 
ATOM   536  C  CD2 . LEU A 1 69  ? -12.028 0.770   -4.235  1.00 42.40 ? 69  LEU A CD2 1 
ATOM   537  N  N   . THR A 1 70  ? -13.322 3.833   -0.021  1.00 48.92 ? 70  THR A N   1 
ATOM   538  C  CA  . THR A 1 70  ? -13.574 5.111   0.645   1.00 50.54 ? 70  THR A CA  1 
ATOM   539  C  C   . THR A 1 70  ? -12.307 5.674   1.277   1.00 52.29 ? 70  THR A C   1 
ATOM   540  O  O   . THR A 1 70  ? -11.997 6.871   1.142   1.00 52.53 ? 70  THR A O   1 
ATOM   541  C  CB  . THR A 1 70  ? -14.680 4.983   1.725   1.00 50.79 ? 70  THR A CB  1 
ATOM   542  O  OG1 . THR A 1 70  ? -15.957 5.204   1.113   1.00 49.17 ? 70  THR A OG1 1 
ATOM   543  C  CG2 . THR A 1 70  ? -14.493 6.012   2.838   1.00 51.08 ? 70  THR A CG2 1 
ATOM   544  N  N   . MET A 1 71  ? -11.581 4.788   1.947   1.00 53.75 ? 71  MET A N   1 
ATOM   545  C  CA  . MET A 1 71  ? -10.366 5.140   2.643   1.00 56.05 ? 71  MET A CA  1 
ATOM   546  C  C   . MET A 1 71  ? -9.343  5.765   1.720   1.00 56.80 ? 71  MET A C   1 
ATOM   547  O  O   . MET A 1 71  ? -8.572  6.637   2.137   1.00 57.57 ? 71  MET A O   1 
ATOM   548  C  CB  . MET A 1 71  ? -9.777  3.873   3.271   1.00 55.96 ? 71  MET A CB  1 
ATOM   549  C  CG  . MET A 1 71  ? -8.361  3.962   3.801   1.00 56.94 ? 71  MET A CG  1 
ATOM   550  S  SD  . MET A 1 71  ? -7.906  2.272   4.249   1.00 59.01 ? 71  MET A SD  1 
ATOM   551  C  CE  . MET A 1 71  ? -6.187  2.362   4.827   1.00 58.19 ? 71  MET A CE  1 
ATOM   552  N  N   . MET A 1 72  ? -9.332  5.318   0.466   1.00 57.55 ? 72  MET A N   1 
ATOM   553  C  CA  . MET A 1 72  ? -8.334  5.773   -0.499  1.00 57.89 ? 72  MET A CA  1 
ATOM   554  C  C   . MET A 1 72  ? -8.630  7.201   -1.001  1.00 57.67 ? 72  MET A C   1 
ATOM   555  O  O   . MET A 1 72  ? -7.929  7.716   -1.866  1.00 57.78 ? 72  MET A O   1 
ATOM   556  C  CB  . MET A 1 72  ? -8.224  4.757   -1.645  1.00 58.17 ? 72  MET A CB  1 
ATOM   557  C  CG  . MET A 1 72  ? -7.968  3.307   -1.161  1.00 58.30 ? 72  MET A CG  1 
ATOM   558  S  SD  . MET A 1 72  ? -6.230  2.885   -0.964  1.00 61.63 ? 72  MET A SD  1 
ATOM   559  C  CE  . MET A 1 72  ? -5.915  1.825   -2.384  1.00 60.32 ? 72  MET A CE  1 
ATOM   560  N  N   . ALA A 1 73  ? -9.667  7.828   -0.445  1.00 57.64 ? 73  ALA A N   1 
ATOM   561  C  CA  . ALA A 1 73  ? -9.915  9.259   -0.586  1.00 57.61 ? 73  ALA A CA  1 
ATOM   562  C  C   . ALA A 1 73  ? -8.614  10.048  -0.690  1.00 57.69 ? 73  ALA A C   1 
ATOM   563  O  O   . ALA A 1 73  ? -8.500  10.976  -1.491  1.00 57.64 ? 73  ALA A O   1 
ATOM   564  C  CB  . ALA A 1 73  ? -10.730 9.759   0.605   1.00 57.47 ? 73  ALA A CB  1 
ATOM   565  N  N   . SER A 1 81  ? 1.046   13.507  6.320   1.00 48.86 ? 81  SER A N   1 
ATOM   566  C  CA  . SER A 1 81  ? 2.160   14.414  6.662   1.00 48.02 ? 81  SER A CA  1 
ATOM   567  C  C   . SER A 1 81  ? 3.474   14.014  5.996   1.00 47.10 ? 81  SER A C   1 
ATOM   568  O  O   . SER A 1 81  ? 3.685   12.853  5.539   1.00 46.41 ? 81  SER A O   1 
ATOM   569  C  CB  . SER A 1 81  ? 2.379   14.479  8.193   1.00 48.04 ? 81  SER A CB  1 
ATOM   570  O  OG  . SER A 1 81  ? 3.244   13.431  8.663   1.00 48.38 ? 81  SER A OG  1 
ATOM   571  N  N   . GLU A 1 82  ? 4.376   14.990  5.980   1.00 44.95 ? 82  GLU A N   1 
ATOM   572  C  CA  . GLU A 1 82  ? 5.703   14.807  5.426   1.00 44.27 ? 82  GLU A CA  1 
ATOM   573  C  C   . GLU A 1 82  ? 6.433   13.624  6.066   1.00 41.46 ? 82  GLU A C   1 
ATOM   574  O  O   . GLU A 1 82  ? 6.982   12.766  5.353   1.00 40.46 ? 82  GLU A O   1 
ATOM   575  C  CB  . GLU A 1 82  ? 6.560   16.085  5.620   1.00 43.88 ? 82  GLU A CB  1 
ATOM   576  C  CG  . GLU A 1 82  ? 8.017   15.786  5.222   1.00 46.77 ? 82  GLU A CG  1 
ATOM   577  C  CD  . GLU A 1 82  ? 8.956   16.976  5.124   1.00 49.56 ? 82  GLU A CD  1 
ATOM   578  O  OE1 . GLU A 1 82  ? 8.574   18.178  5.314   1.00 53.77 ? 82  GLU A OE1 1 
ATOM   579  O  OE2 . GLU A 1 82  ? 10.139  16.654  4.833   1.00 57.56 ? 82  GLU A OE2 1 
ATOM   580  N  N   . GLU A 1 83  ? 6.478   13.586  7.400   1.00 38.94 ? 83  GLU A N   1 
ATOM   581  C  CA  . GLU A 1 83  ? 7.261   12.529  8.039   1.00 38.81 ? 83  GLU A CA  1 
ATOM   582  C  C   . GLU A 1 83  ? 6.654   11.178  7.711   1.00 38.18 ? 83  GLU A C   1 
ATOM   583  O  O   . GLU A 1 83  ? 7.372   10.175  7.533   1.00 39.88 ? 83  GLU A O   1 
ATOM   584  C  CB  . GLU A 1 83  ? 7.362   12.691  9.560   1.00 38.00 ? 83  GLU A CB  1 
ATOM   585  C  CG  . GLU A 1 83  ? 8.150   11.571  10.269  1.00 39.59 ? 83  GLU A CG  1 
ATOM   586  C  CD  . GLU A 1 83  ? 9.559   11.356  9.673   1.00 43.36 ? 83  GLU A CD  1 
ATOM   587  O  OE1 . GLU A 1 83  ? 10.057  12.266  8.986   1.00 46.96 ? 83  GLU A OE1 1 
ATOM   588  O  OE2 . GLU A 1 83  ? 10.184  10.303  9.917   1.00 46.76 ? 83  GLU A OE2 1 
ATOM   589  N  N   . GLU A 1 84  ? 5.331   11.122  7.606   1.00 37.82 ? 84  GLU A N   1 
ATOM   590  C  CA  . GLU A 1 84  ? 4.668   9.842   7.232   1.00 37.80 ? 84  GLU A CA  1 
ATOM   591  C  C   . GLU A 1 84  ? 5.095   9.348   5.852   1.00 38.49 ? 84  GLU A C   1 
ATOM   592  O  O   . GLU A 1 84  ? 5.303   8.152   5.580   1.00 39.45 ? 84  GLU A O   1 
ATOM   593  C  CB  . GLU A 1 84  ? 3.145   10.039  7.253   1.00 37.94 ? 84  GLU A CB  1 
ATOM   594  C  CG  . GLU A 1 84  ? 2.552   10.249  8.637   1.00 38.82 ? 84  GLU A CG  1 
ATOM   595  C  CD  . GLU A 1 84  ? 1.064   10.676  8.640   1.00 41.63 ? 84  GLU A CD  1 
ATOM   596  O  OE1 . GLU A 1 84  ? 0.419   10.803  7.562   1.00 48.75 ? 84  GLU A OE1 1 
ATOM   597  O  OE2 . GLU A 1 84  ? 0.555   10.940  9.750   1.00 47.28 ? 84  GLU A OE2 1 
ATOM   598  N  N   . ILE A 1 85  ? 5.215   10.298  4.935   1.00 38.65 ? 85  ILE A N   1 
ATOM   599  C  CA  . ILE A 1 85  ? 5.562   9.949   3.548   1.00 38.87 ? 85  ILE A CA  1 
ATOM   600  C  C   . ILE A 1 85  ? 7.043   9.539   3.495   1.00 38.05 ? 85  ILE A C   1 
ATOM   601  O  O   . ILE A 1 85  ? 7.415   8.568   2.823   1.00 36.39 ? 85  ILE A O   1 
ATOM   602  C  CB  . ILE A 1 85  ? 5.182   11.108  2.572   1.00 40.00 ? 85  ILE A CB  1 
ATOM   603  C  CG1 . ILE A 1 85  ? 3.713   11.352  2.595   1.00 41.80 ? 85  ILE A CG1 1 
ATOM   604  C  CG2 . ILE A 1 85  ? 5.502   10.704  1.111   1.00 40.61 ? 85  ILE A CG2 1 
ATOM   605  C  CD1 . ILE A 1 85  ? 3.266   12.582  1.798   1.00 42.74 ? 85  ILE A CD1 1 
ATOM   606  N  N   . ARG A 1 86  ? 7.905   10.277  4.173   1.00 37.87 ? 86  ARG A N   1 
ATOM   607  C  CA  . ARG A 1 86  ? 9.321   9.882   4.281   1.00 38.75 ? 86  ARG A CA  1 
ATOM   608  C  C   . ARG A 1 86  ? 9.502   8.493   4.830   1.00 38.51 ? 86  ARG A C   1 
ATOM   609  O  O   . ARG A 1 86  ? 10.297  7.692   4.284   1.00 40.19 ? 86  ARG A O   1 
ATOM   610  C  CB  . ARG A 1 86  ? 10.117  10.813  5.185   1.00 38.14 ? 86  ARG A CB  1 
ATOM   611  C  CG  . ARG A 1 86  ? 10.241  12.214  4.685   1.00 43.56 ? 86  ARG A CG  1 
ATOM   612  C  CD  . ARG A 1 86  ? 11.430  12.513  3.846   1.00 52.65 ? 86  ARG A CD  1 
ATOM   613  N  NE  . ARG A 1 86  ? 11.505  13.982  3.606   1.00 55.55 ? 86  ARG A NE  1 
ATOM   614  C  CZ  . ARG A 1 86  ? 12.356  14.548  2.750   1.00 58.26 ? 86  ARG A CZ  1 
ATOM   615  N  NH1 . ARG A 1 86  ? 13.236  13.789  2.080   1.00 58.27 ? 86  ARG A NH1 1 
ATOM   616  N  NH2 . ARG A 1 86  ? 12.342  15.886  2.573   1.00 57.05 ? 86  ARG A NH2 1 
ATOM   617  N  N   . GLU A 1 87  ? 8.798   8.190   5.915   1.00 37.97 ? 87  GLU A N   1 
ATOM   618  C  CA  . GLU A 1 87  ? 8.922   6.884   6.546   1.00 39.94 ? 87  GLU A CA  1 
ATOM   619  C  C   . GLU A 1 87  ? 8.475   5.791   5.592   1.00 39.37 ? 87  GLU A C   1 
ATOM   620  O  O   . GLU A 1 87  ? 9.122   4.759   5.463   1.00 41.11 ? 87  GLU A O   1 
ATOM   621  C  CB  . GLU A 1 87  ? 8.143   6.802   7.850   1.00 39.92 ? 87  GLU A CB  1 
ATOM   622  C  CG  . GLU A 1 87  ? 8.585   7.780   8.948   1.00 44.44 ? 87  GLU A CG  1 
ATOM   623  C  CD  . GLU A 1 87  ? 7.615   7.744   10.120  1.00 43.85 ? 87  GLU A CD  1 
ATOM   624  O  OE1 . GLU A 1 87  ? 7.675   6.783   10.916  1.00 48.01 ? 87  GLU A OE1 1 
ATOM   625  O  OE2 . GLU A 1 87  ? 6.711   8.616   10.178  1.00 47.58 ? 87  GLU A OE2 1 
ATOM   626  N  N   . ALA A 1 88  ? 7.438   6.047   4.815   1.00 38.03 ? 88  ALA A N   1 
ATOM   627  C  CA  . ALA A 1 88  ? 6.955   5.063   3.853   1.00 37.24 ? 88  ALA A CA  1 
ATOM   628  C  C   . ALA A 1 88  ? 7.956   4.898   2.667   1.00 36.59 ? 88  ALA A C   1 
ATOM   629  O  O   . ALA A 1 88  ? 8.228   3.799   2.193   1.00 37.64 ? 88  ALA A O   1 
ATOM   630  C  CB  . ALA A 1 88  ? 5.617   5.511   3.371   1.00 36.43 ? 88  ALA A CB  1 
ATOM   631  N  N   . PHE A 1 89  ? 8.580   5.997   2.235   1.00 35.51 ? 89  PHE A N   1 
ATOM   632  C  CA  . PHE A 1 89  ? 9.517   5.922   1.161   1.00 36.17 ? 89  PHE A CA  1 
ATOM   633  C  C   . PHE A 1 89  ? 10.670  5.010   1.578   1.00 37.53 ? 89  PHE A C   1 
ATOM   634  O  O   . PHE A 1 89  ? 11.186  4.262   0.739   1.00 38.01 ? 89  PHE A O   1 
ATOM   635  C  CB  . PHE A 1 89  ? 9.980   7.340   0.787   1.00 37.25 ? 89  PHE A CB  1 
ATOM   636  C  CG  . PHE A 1 89  ? 10.978  7.383   -0.339  1.00 36.29 ? 89  PHE A CG  1 
ATOM   637  C  CD1 . PHE A 1 89  ? 10.567  7.311   -1.640  1.00 32.14 ? 89  PHE A CD1 1 
ATOM   638  C  CD2 . PHE A 1 89  ? 12.323  7.506   -0.084  1.00 36.89 ? 89  PHE A CD2 1 
ATOM   639  C  CE1 . PHE A 1 89  ? 11.488  7.414   -2.695  1.00 35.18 ? 89  PHE A CE1 1 
ATOM   640  C  CE2 . PHE A 1 89  ? 13.243  7.573   -1.173  1.00 33.56 ? 89  PHE A CE2 1 
ATOM   641  C  CZ  . PHE A 1 89  ? 12.792  7.504   -2.457  1.00 35.87 ? 89  PHE A CZ  1 
ATOM   642  N  N   . ARG A 1 90  ? 11.077  5.086   2.839   1.00 38.06 ? 90  ARG A N   1 
ATOM   643  C  CA  . ARG A 1 90  ? 12.225  4.334   3.342   1.00 36.80 ? 90  ARG A CA  1 
ATOM   644  C  C   . ARG A 1 90  ? 11.932  2.837   3.332   1.00 37.57 ? 90  ARG A C   1 
ATOM   645  O  O   . ARG A 1 90  ? 12.850  2.049   3.213   1.00 39.18 ? 90  ARG A O   1 
ATOM   646  C  CB  . ARG A 1 90  ? 12.615  4.813   4.723   1.00 38.33 ? 90  ARG A CB  1 
ATOM   647  C  CG  . ARG A 1 90  ? 13.299  6.129   4.715   1.00 38.36 ? 90  ARG A CG  1 
ATOM   648  C  CD  . ARG A 1 90  ? 13.950  6.395   6.082   1.00 44.21 ? 90  ARG A CD  1 
ATOM   649  N  NE  . ARG A 1 90  ? 13.033  6.472   7.229   1.00 41.78 ? 90  ARG A NE  1 
ATOM   650  C  CZ  . ARG A 1 90  ? 12.556  7.604   7.770   1.00 47.00 ? 90  ARG A CZ  1 
ATOM   651  N  NH1 . ARG A 1 90  ? 12.817  8.767   7.245   1.00 42.09 ? 90  ARG A NH1 1 
ATOM   652  N  NH2 . ARG A 1 90  ? 11.757  7.564   8.825   1.00 47.21 ? 90  ARG A NH2 1 
ATOM   653  N  N   . VAL A 1 91  ? 10.655  2.461   3.423   1.00 36.91 ? 91  VAL A N   1 
ATOM   654  C  CA  . VAL A 1 91  ? 10.274  1.058   3.311   1.00 36.29 ? 91  VAL A CA  1 
ATOM   655  C  C   . VAL A 1 91  ? 10.670  0.504   1.965   1.00 35.38 ? 91  VAL A C   1 
ATOM   656  O  O   . VAL A 1 91  ? 11.122  -0.634  1.907   1.00 35.17 ? 91  VAL A O   1 
ATOM   657  C  CB  . VAL A 1 91  ? 8.743   0.816   3.568   1.00 35.51 ? 91  VAL A CB  1 
ATOM   658  C  CG1 . VAL A 1 91  ? 8.261   -0.697  3.309   1.00 37.36 ? 91  VAL A CG1 1 
ATOM   659  C  CG2 . VAL A 1 91  ? 8.388   1.238   4.943   1.00 39.14 ? 91  VAL A CG2 1 
ATOM   660  N  N   . PHE A 1 92  ? 10.405  1.247   0.884   1.00 34.89 ? 92  PHE A N   1 
ATOM   661  C  CA  . PHE A 1 92  ? 10.733  0.826   -0.466  1.00 34.27 ? 92  PHE A CA  1 
ATOM   662  C  C   . PHE A 1 92  ? 12.221  1.045   -0.812  1.00 34.35 ? 92  PHE A C   1 
ATOM   663  O  O   . PHE A 1 92  ? 12.916  0.183   -1.382  1.00 34.20 ? 92  PHE A O   1 
ATOM   664  C  CB  . PHE A 1 92  ? 9.890   1.643   -1.431  1.00 34.41 ? 92  PHE A CB  1 
ATOM   665  C  CG  . PHE A 1 92  ? 8.438   1.312   -1.411  1.00 34.59 ? 92  PHE A CG  1 
ATOM   666  C  CD1 . PHE A 1 92  ? 7.960   0.207   -2.104  1.00 35.47 ? 92  PHE A CD1 1 
ATOM   667  C  CD2 . PHE A 1 92  ? 7.531   2.057   -0.679  1.00 35.34 ? 92  PHE A CD2 1 
ATOM   668  C  CE1 . PHE A 1 92  ? 6.658   -0.107  -2.117  1.00 35.48 ? 92  PHE A CE1 1 
ATOM   669  C  CE2 . PHE A 1 92  ? 6.125   1.674   -0.702  1.00 35.85 ? 92  PHE A CE2 1 
ATOM   670  C  CZ  . PHE A 1 92  ? 5.752   0.600   -1.419  1.00 36.74 ? 92  PHE A CZ  1 
ATOM   671  N  N   . ASP A 1 93  ? 12.741  2.201   -0.417  1.00 35.56 ? 93  ASP A N   1 
ATOM   672  C  CA  . ASP A 1 93  ? 14.126  2.499   -0.732  1.00 35.45 ? 93  ASP A CA  1 
ATOM   673  C  C   . ASP A 1 93  ? 15.078  1.795   0.261   1.00 35.53 ? 93  ASP A C   1 
ATOM   674  O  O   . ASP A 1 93  ? 15.688  2.448   1.158   1.00 35.47 ? 93  ASP A O   1 
ATOM   675  C  CB  . ASP A 1 93  ? 14.330  4.001   -0.660  1.00 35.29 ? 93  ASP A CB  1 
ATOM   676  C  CG  . ASP A 1 93  ? 15.728  4.424   -1.038  1.00 33.73 ? 93  ASP A CG  1 
ATOM   677  O  OD1 . ASP A 1 93  ? 16.418  3.714   -1.776  1.00 33.09 ? 93  ASP A OD1 1 
ATOM   678  O  OD2 . ASP A 1 93  ? 16.166  5.555   -0.716  1.00 33.38 ? 93  ASP A OD2 1 
ATOM   679  N  N   . LYS A 1 94  ? 15.221  0.503   0.060   1.00 38.32 ? 94  LYS A N   1 
ATOM   680  C  CA  . LYS A 1 94  ? 15.932  -0.337  1.050   1.00 39.22 ? 94  LYS A CA  1 
ATOM   681  C  C   . LYS A 1 94  ? 17.403  -0.069  1.193   1.00 38.25 ? 94  LYS A C   1 
ATOM   682  O  O   . LYS A 1 94  ? 17.905  -0.180  2.335   1.00 38.78 ? 94  LYS A O   1 
ATOM   683  C  CB  . LYS A 1 94  ? 15.609  -1.799  0.873   1.00 42.36 ? 94  LYS A CB  1 
ATOM   684  C  CG  . LYS A 1 94  ? 14.257  -2.078  1.602   1.00 45.03 ? 94  LYS A CG  1 
ATOM   685  C  CD  . LYS A 1 94  ? 13.882  -3.528  1.632   1.00 50.45 ? 94  LYS A CD  1 
ATOM   686  C  CE  . LYS A 1 94  ? 12.396  -3.742  2.026   1.00 50.63 ? 94  LYS A CE  1 
ATOM   687  N  NZ  . LYS A 1 94  ? 11.849  -2.873  3.194   1.00 52.21 ? 94  LYS A NZ  1 
ATOM   688  N  N   . ASP A 1 95  ? 18.065  0.408   0.141   1.00 36.52 ? 95  ASP A N   1 
ATOM   689  C  CA  . ASP A 1 95  ? 19.484  0.759   0.254   1.00 36.13 ? 95  ASP A CA  1 
ATOM   690  C  C   . ASP A 1 95  ? 19.723  2.233   0.570   1.00 35.85 ? 95  ASP A C   1 
ATOM   691  O  O   . ASP A 1 95  ? 20.831  2.660   0.609   1.00 34.33 ? 95  ASP A O   1 
ATOM   692  C  CB  . ASP A 1 95  ? 20.257  0.359   -0.957  1.00 36.78 ? 95  ASP A CB  1 
ATOM   693  C  CG  . ASP A 1 95  ? 19.891  1.151   -2.237  1.00 37.95 ? 95  ASP A CG  1 
ATOM   694  O  OD1 . ASP A 1 95  ? 19.044  2.058   -2.255  1.00 35.66 ? 95  ASP A OD1 1 
ATOM   695  O  OD2 . ASP A 1 95  ? 20.463  0.781   -3.305  1.00 36.69 ? 95  ASP A OD2 1 
ATOM   696  N  N   . GLY A 1 96  ? 18.642  2.956   0.784   1.00 36.17 ? 96  GLY A N   1 
ATOM   697  C  CA  . GLY A 1 96  ? 18.679  4.331   1.165   1.00 35.68 ? 96  GLY A CA  1 
ATOM   698  C  C   . GLY A 1 96  ? 19.301  5.263   0.172   1.00 35.69 ? 96  GLY A C   1 
ATOM   699  O  O   . GLY A 1 96  ? 19.682  6.389   0.532   1.00 35.18 ? 96  GLY A O   1 
ATOM   700  N  N   . ASN A 1 97  ? 19.383  4.841   -1.121  1.00 34.70 ? 97  ASN A N   1 
ATOM   701  C  CA  . ASN A 1 97  ? 20.108  5.701   -2.089  1.00 33.68 ? 97  ASN A CA  1 
ATOM   702  C  C   . ASN A 1 97  ? 19.365  6.864   -2.656  1.00 32.66 ? 97  ASN A C   1 
ATOM   703  O  O   . ASN A 1 97  ? 19.869  7.660   -3.477  1.00 32.30 ? 97  ASN A O   1 
ATOM   704  C  CB  . ASN A 1 97  ? 20.752  4.857   -3.200  1.00 33.41 ? 97  ASN A CB  1 
ATOM   705  C  CG  . ASN A 1 97  ? 19.824  4.488   -4.266  1.00 32.51 ? 97  ASN A CG  1 
ATOM   706  O  OD1 . ASN A 1 97  ? 18.599  4.373   -4.058  1.00 33.93 ? 97  ASN A OD1 1 
ATOM   707  N  ND2 . ASN A 1 97  ? 20.402  4.198   -5.481  1.00 32.47 ? 97  ASN A ND2 1 
ATOM   708  N  N   . GLY A 1 98  ? 18.117  6.992   -2.208  1.00 34.54 ? 98  GLY A N   1 
ATOM   709  C  CA  . GLY A 1 98  ? 17.219  8.040   -2.679  1.00 34.14 ? 98  GLY A CA  1 
ATOM   710  C  C   . GLY A 1 98  ? 16.319  7.753   -3.853  1.00 33.54 ? 98  GLY A C   1 
ATOM   711  O  O   . GLY A 1 98  ? 15.506  8.637   -4.297  1.00 33.42 ? 98  GLY A O   1 
ATOM   712  N  N   . TYR A 1 99  ? 16.344  6.543   -4.336  1.00 33.60 ? 99  TYR A N   1 
ATOM   713  C  CA  . TYR A 1 99  ? 15.603  6.127   -5.521  1.00 33.49 ? 99  TYR A CA  1 
ATOM   714  C  C   . TYR A 1 99  ? 15.054  4.760   -5.274  1.00 34.59 ? 99  TYR A C   1 
ATOM   715  O  O   . TYR A 1 99  ? 15.787  3.865   -4.872  1.00 38.11 ? 99  TYR A O   1 
ATOM   716  C  CB  . TYR A 1 99  ? 16.491  6.031   -6.767  1.00 33.92 ? 99  TYR A CB  1 
ATOM   717  C  CG  . TYR A 1 99  ? 17.092  7.383   -7.151  1.00 32.13 ? 99  TYR A CG  1 
ATOM   718  C  CD1 . TYR A 1 99  ? 16.359  8.280   -7.946  1.00 35.60 ? 99  TYR A CD1 1 
ATOM   719  C  CD2 . TYR A 1 99  ? 18.287  7.786   -6.668  1.00 32.87 ? 99  TYR A CD2 1 
ATOM   720  C  CE1 . TYR A 1 99  ? 16.831  9.504   -8.277  1.00 36.31 ? 99  TYR A CE1 1 
ATOM   721  C  CE2 . TYR A 1 99  ? 18.747  9.061   -7.010  1.00 32.00 ? 99  TYR A CE2 1 
ATOM   722  C  CZ  . TYR A 1 99  ? 18.028  9.887   -7.811  1.00 34.42 ? 99  TYR A CZ  1 
ATOM   723  O  OH  . TYR A 1 99  ? 18.504  11.165  -8.134  1.00 35.50 ? 99  TYR A OH  1 
ATOM   724  N  N   . ILE A 1 100 ? 13.795  4.590   -5.585  1.00 34.14 ? 100 ILE A N   1 
ATOM   725  C  CA  . ILE A 1 100 ? 13.168  3.266   -5.565  1.00 33.18 ? 100 ILE A CA  1 
ATOM   726  C  C   . ILE A 1 100 ? 13.350  2.699   -6.947  1.00 34.78 ? 100 ILE A C   1 
ATOM   727  O  O   . ILE A 1 100 ? 12.861  3.259   -7.952  1.00 34.42 ? 100 ILE A O   1 
ATOM   728  C  CB  . ILE A 1 100 ? 11.692  3.285   -5.209  1.00 33.00 ? 100 ILE A CB  1 
ATOM   729  C  CG1 . ILE A 1 100 ? 11.442  3.960   -3.856  1.00 35.36 ? 100 ILE A CG1 1 
ATOM   730  C  CG2 . ILE A 1 100 ? 11.143  1.819   -5.297  1.00 34.56 ? 100 ILE A CG2 1 
ATOM   731  C  CD1 . ILE A 1 100 ? 9.919   4.315   -3.660  1.00 34.28 ? 100 ILE A CD1 1 
ATOM   732  N  N   . SER A 1 101 ? 14.154  1.648   -6.988  1.00 33.80 ? 101 SER A N   1 
ATOM   733  C  CA  . SER A 1 101 ? 14.408  0.861   -8.182  1.00 35.16 ? 101 SER A CA  1 
ATOM   734  C  C   . SER A 1 101 ? 13.311  -0.163  -8.483  1.00 37.44 ? 101 SER A C   1 
ATOM   735  O  O   . SER A 1 101 ? 12.514  -0.591  -7.595  1.00 34.86 ? 101 SER A O   1 
ATOM   736  C  CB  . SER A 1 101 ? 15.781  0.175   -8.044  1.00 36.32 ? 101 SER A CB  1 
ATOM   737  O  OG  . SER A 1 101 ? 15.776  -0.896  -7.033  1.00 36.33 ? 101 SER A OG  1 
ATOM   738  N  N   . ALA A 1 102 ? 13.281  -0.641  -9.731  1.00 36.15 ? 102 ALA A N   1 
ATOM   739  C  CA  . ALA A 1 102 ? 12.399  -1.790  -10.036 1.00 37.82 ? 102 ALA A CA  1 
ATOM   740  C  C   . ALA A 1 102 ? 12.682  -2.973  -9.115  1.00 37.93 ? 102 ALA A C   1 
ATOM   741  O  O   . ALA A 1 102 ? 11.741  -3.653  -8.674  1.00 37.40 ? 102 ALA A O   1 
ATOM   742  C  CB  . ALA A 1 102 ? 12.537  -2.219  -11.480 1.00 38.71 ? 102 ALA A CB  1 
ATOM   743  N  N   . ALA A 1 103 ? 13.958  -3.255  -8.842  1.00 37.73 ? 103 ALA A N   1 
ATOM   744  C  CA  . ALA A 1 103 ? 14.329  -4.400  -7.982  1.00 37.39 ? 103 ALA A CA  1 
ATOM   745  C  C   . ALA A 1 103 ? 13.776  -4.221  -6.553  1.00 36.74 ? 103 ALA A C   1 
ATOM   746  O  O   . ALA A 1 103 ? 13.184  -5.142  -5.962  1.00 36.25 ? 103 ALA A O   1 
ATOM   747  C  CB  . ALA A 1 103 ? 15.896  -4.582  -7.986  1.00 38.50 ? 103 ALA A CB  1 
ATOM   748  N  N   . GLU A 1 104 ? 13.928  -3.009  -5.983  1.00 34.74 ? 104 GLU A N   1 
ATOM   749  C  CA  . GLU A 1 104 ? 13.361  -2.695  -4.701  1.00 35.10 ? 104 GLU A CA  1 
ATOM   750  C  C   . GLU A 1 104 ? 11.829  -2.814  -4.660  1.00 35.64 ? 104 GLU A C   1 
ATOM   751  O  O   . GLU A 1 104 ? 11.258  -3.389  -3.732  1.00 37.53 ? 104 GLU A O   1 
ATOM   752  C  CB  . GLU A 1 104 ? 13.812  -1.266  -4.265  1.00 34.77 ? 104 GLU A CB  1 
ATOM   753  C  CG  . GLU A 1 104 ? 15.248  -1.308  -3.635  1.00 33.93 ? 104 GLU A CG  1 
ATOM   754  C  CD  . GLU A 1 104 ? 15.859  0.062   -3.467  1.00 35.41 ? 104 GLU A CD  1 
ATOM   755  O  OE1 . GLU A 1 104 ? 15.372  0.978   -4.155  1.00 35.35 ? 104 GLU A OE1 1 
ATOM   756  O  OE2 . GLU A 1 104 ? 16.849  0.171   -2.709  1.00 33.94 ? 104 GLU A OE2 1 
ATOM   757  N  N   . LEU A 1 105 ? 11.138  -2.311  -5.670  1.00 35.21 ? 105 LEU A N   1 
ATOM   758  C  CA  . LEU A 1 105 ? 9.692   -2.499  -5.736  1.00 36.38 ? 105 LEU A CA  1 
ATOM   759  C  C   . LEU A 1 105 ? 9.328   -3.998  -5.829  1.00 34.75 ? 105 LEU A C   1 
ATOM   760  O  O   . LEU A 1 105 ? 8.396   -4.452  -5.131  1.00 34.42 ? 105 LEU A O   1 
ATOM   761  C  CB  . LEU A 1 105 ? 9.107   -1.779  -6.906  1.00 37.55 ? 105 LEU A CB  1 
ATOM   762  C  CG  . LEU A 1 105 ? 7.611   -1.815  -6.974  1.00 41.70 ? 105 LEU A CG  1 
ATOM   763  C  CD1 . LEU A 1 105 ? 7.021   -1.301  -5.629  1.00 39.72 ? 105 LEU A CD1 1 
ATOM   764  C  CD2 . LEU A 1 105 ? 7.130   -0.986  -8.197  1.00 43.21 ? 105 LEU A CD2 1 
ATOM   765  N  N   . ARG A 1 106 ? 10.037  -4.752  -6.676  1.00 33.91 ? 106 ARG A N   1 
ATOM   766  C  CA  . ARG A 1 106 ? 9.838   -6.190  -6.800  1.00 36.62 ? 106 ARG A CA  1 
ATOM   767  C  C   . ARG A 1 106 ? 9.963   -6.856  -5.465  1.00 33.44 ? 106 ARG A C   1 
ATOM   768  O  O   . ARG A 1 106 ? 9.105   -7.645  -5.082  1.00 34.62 ? 106 ARG A O   1 
ATOM   769  C  CB  . ARG A 1 106 ? 10.875  -6.764  -7.778  1.00 36.89 ? 106 ARG A CB  1 
ATOM   770  C  CG  . ARG A 1 106 ? 10.658  -8.206  -8.131  1.00 40.93 ? 106 ARG A CG  1 
ATOM   771  C  CD  . ARG A 1 106 ? 11.588  -8.547  -9.348  1.00 45.30 ? 106 ARG A CD  1 
ATOM   772  N  NE  . ARG A 1 106 ? 12.977  -8.721  -8.881  1.00 52.27 ? 106 ARG A NE  1 
ATOM   773  C  CZ  . ARG A 1 106 ? 14.075  -8.085  -9.312  1.00 53.01 ? 106 ARG A CZ  1 
ATOM   774  N  NH1 . ARG A 1 106 ? 14.072  -7.146  -10.282 1.00 55.50 ? 106 ARG A NH1 1 
ATOM   775  N  NH2 . ARG A 1 106 ? 15.238  -8.405  -8.733  1.00 54.71 ? 106 ARG A NH2 1 
ATOM   776  N  N   . HIS A 1 107 ? 11.025  -6.562  -4.735  1.00 33.04 ? 107 HIS A N   1 
ATOM   777  C  CA  . HIS A 1 107 ? 11.209  -7.157  -3.411  1.00 33.61 ? 107 HIS A CA  1 
ATOM   778  C  C   . HIS A 1 107 ? 10.061  -6.903  -2.484  1.00 32.31 ? 107 HIS A C   1 
ATOM   779  O  O   . HIS A 1 107 ? 9.634   -7.770  -1.734  1.00 30.37 ? 107 HIS A O   1 
ATOM   780  C  CB  . HIS A 1 107 ? 12.532  -6.734  -2.803  1.00 33.70 ? 107 HIS A CB  1 
ATOM   781  C  CG  . HIS A 1 107 ? 13.691  -7.089  -3.675  1.00 36.96 ? 107 HIS A CG  1 
ATOM   782  N  ND1 . HIS A 1 107 ? 14.894  -6.403  -3.642  1.00 39.95 ? 107 HIS A ND1 1 
ATOM   783  C  CD2 . HIS A 1 107 ? 13.801  -8.013  -4.664  1.00 37.12 ? 107 HIS A CD2 1 
ATOM   784  C  CE1 . HIS A 1 107 ? 15.708  -6.940  -4.528  1.00 40.34 ? 107 HIS A CE1 1 
ATOM   785  N  NE2 . HIS A 1 107 ? 15.062  -7.878  -5.196  1.00 39.68 ? 107 HIS A NE2 1 
ATOM   786  N  N   . VAL A 1 108 ? 9.592   -5.681  -2.445  1.00 33.79 ? 108 VAL A N   1 
ATOM   787  C  CA  . VAL A 1 108 ? 8.510   -5.362  -1.522  1.00 33.50 ? 108 VAL A CA  1 
ATOM   788  C  C   . VAL A 1 108 ? 7.266   -6.112  -1.923  1.00 32.55 ? 108 VAL A C   1 
ATOM   789  O  O   . VAL A 1 108 ? 6.640   -6.766  -1.118  1.00 31.87 ? 108 VAL A O   1 
ATOM   790  C  CB  . VAL A 1 108 ? 8.269   -3.859  -1.473  1.00 35.04 ? 108 VAL A CB  1 
ATOM   791  C  CG1 . VAL A 1 108 ? 6.880   -3.595  -0.729  1.00 35.07 ? 108 VAL A CG1 1 
ATOM   792  C  CG2 . VAL A 1 108 ? 9.517   -3.165  -0.824  1.00 36.90 ? 108 VAL A CG2 1 
ATOM   793  N  N   . MET A 1 109 ? 6.979   -6.152  -3.212  1.00 31.45 ? 109 MET A N   1 
ATOM   794  C  CA  A MET A 1 109 ? 5.749   -6.797  -3.675  0.50 32.52 ? 109 MET A CA  1 
ATOM   795  C  CA  B MET A 1 109 ? 5.754   -6.784  -3.660  0.50 32.05 ? 109 MET A CA  1 
ATOM   796  C  C   . MET A 1 109 ? 5.832   -8.293  -3.418  1.00 30.47 ? 109 MET A C   1 
ATOM   797  O  O   . MET A 1 109 ? 4.876   -8.943  -2.992  1.00 32.38 ? 109 MET A O   1 
ATOM   798  C  CB  A MET A 1 109 ? 5.526   -6.522  -5.166  0.50 33.38 ? 109 MET A CB  1 
ATOM   799  C  CB  B MET A 1 109 ? 5.525   -6.417  -5.130  0.50 32.21 ? 109 MET A CB  1 
ATOM   800  C  CG  A MET A 1 109 ? 5.277   -5.065  -5.477  0.50 35.94 ? 109 MET A CG  1 
ATOM   801  C  CG  B MET A 1 109 ? 5.388   -4.904  -5.327  0.50 33.83 ? 109 MET A CG  1 
ATOM   802  S  SD  A MET A 1 109 ? 3.648   -4.527  -4.935  0.50 41.91 ? 109 MET A SD  1 
ATOM   803  S  SD  B MET A 1 109 ? 4.087   -4.254  -4.284  0.50 37.41 ? 109 MET A SD  1 
ATOM   804  C  CE  A MET A 1 109 ? 3.967   -2.759  -4.736  0.50 38.40 ? 109 MET A CE  1 
ATOM   805  C  CE  B MET A 1 109 ? 2.706   -5.187  -4.953  0.50 33.82 ? 109 MET A CE  1 
ATOM   806  N  N   . THR A 1 110 ? 7.002   -8.851  -3.621  1.00 30.28 ? 110 THR A N   1 
ATOM   807  C  CA  . THR A 1 110 ? 7.194   -10.295 -3.369  1.00 29.89 ? 110 THR A CA  1 
ATOM   808  C  C   . THR A 1 110 ? 6.926   -10.675 -1.915  1.00 27.84 ? 110 THR A C   1 
ATOM   809  O  O   . THR A 1 110 ? 6.285   -11.668 -1.592  1.00 27.06 ? 110 THR A O   1 
ATOM   810  C  CB  . THR A 1 110 ? 8.624   -10.726 -3.709  1.00 29.96 ? 110 THR A CB  1 
ATOM   811  O  OG1 . THR A 1 110 ? 8.782   -10.668 -5.118  1.00 34.29 ? 110 THR A OG1 1 
ATOM   812  C  CG2 . THR A 1 110 ? 8.806   -12.250 -3.293  1.00 33.15 ? 110 THR A CG2 1 
ATOM   813  N  N   . ASN A 1 111 ? 7.446   -9.863  -1.015  1.00 28.86 ? 111 ASN A N   1 
ATOM   814  C  CA  . ASN A 1 111 ? 7.254   -10.110 0.403   1.00 30.93 ? 111 ASN A CA  1 
ATOM   815  C  C   . ASN A 1 111 ? 5.769   -9.942  0.833   1.00 30.61 ? 111 ASN A C   1 
ATOM   816  O  O   . ASN A 1 111 ? 5.307   -10.556 1.786   1.00 30.13 ? 111 ASN A O   1 
ATOM   817  C  CB  . ASN A 1 111 ? 8.276   -9.284  1.228   1.00 32.48 ? 111 ASN A CB  1 
ATOM   818  C  CG  . ASN A 1 111 ? 8.643   -9.952  2.544   1.00 32.48 ? 111 ASN A CG  1 
ATOM   819  O  OD1 . ASN A 1 111 ? 8.958   -11.130 2.599   1.00 37.98 ? 111 ASN A OD1 1 
ATOM   820  N  ND2 . ASN A 1 111 ? 8.460   -9.209  3.659   1.00 36.02 ? 111 ASN A ND2 1 
ATOM   821  N  N   . LEU A 1 112 ? 5.026   -9.162  0.071   1.00 32.06 ? 112 LEU A N   1 
ATOM   822  C  CA  . LEU A 1 112 ? 3.568   -8.976  0.205   1.00 34.57 ? 112 LEU A CA  1 
ATOM   823  C  C   . LEU A 1 112 ? 2.804   -10.155 -0.407  1.00 36.46 ? 112 LEU A C   1 
ATOM   824  O  O   . LEU A 1 112 ? 1.589   -10.316 -0.198  1.00 37.65 ? 112 LEU A O   1 
ATOM   825  C  CB  . LEU A 1 112 ? 3.157   -7.635  -0.452  1.00 34.31 ? 112 LEU A CB  1 
ATOM   826  C  CG  . LEU A 1 112 ? 3.495   -6.375  0.326   1.00 35.56 ? 112 LEU A CG  1 
ATOM   827  C  CD1 . LEU A 1 112 ? 3.304   -5.077  -0.483  1.00 39.31 ? 112 LEU A CD1 1 
ATOM   828  C  CD2 . LEU A 1 112 ? 2.617   -6.344  1.567   1.00 39.37 ? 112 LEU A CD2 1 
ATOM   829  N  N   . GLY A 1 113 ? 3.524   -11.045 -1.097  1.00 38.06 ? 113 GLY A N   1 
ATOM   830  C  CA  . GLY A 1 113 ? 2.949   -12.231 -1.637  1.00 39.57 ? 113 GLY A CA  1 
ATOM   831  C  C   . GLY A 1 113 ? 2.452   -12.040 -3.056  1.00 41.84 ? 113 GLY A C   1 
ATOM   832  O  O   . GLY A 1 113 ? 1.553   -12.735 -3.484  1.00 41.35 ? 113 GLY A O   1 
ATOM   833  N  N   . GLU A 1 114 ? 3.045   -11.126 -3.790  1.00 44.10 ? 114 GLU A N   1 
ATOM   834  C  CA  . GLU A 1 114 ? 2.665   -10.847 -5.165  1.00 47.36 ? 114 GLU A CA  1 
ATOM   835  C  C   . GLU A 1 114 ? 3.893   -10.966 -6.077  1.00 48.24 ? 114 GLU A C   1 
ATOM   836  O  O   . GLU A 1 114 ? 4.667   -9.993  -6.217  1.00 48.12 ? 114 GLU A O   1 
ATOM   837  C  CB  . GLU A 1 114 ? 2.101   -9.426  -5.224  1.00 47.36 ? 114 GLU A CB  1 
ATOM   838  C  CG  . GLU A 1 114 ? 1.302   -9.111  -6.480  1.00 51.38 ? 114 GLU A CG  1 
ATOM   839  C  CD  . GLU A 1 114 ? 1.125   -7.609  -6.667  1.00 51.01 ? 114 GLU A CD  1 
ATOM   840  O  OE1 . GLU A 1 114 ? 2.144   -6.905  -6.885  1.00 59.84 ? 114 GLU A OE1 1 
ATOM   841  O  OE2 . GLU A 1 114 ? -0.029  -7.126  -6.572  1.00 57.10 ? 114 GLU A OE2 1 
ATOM   842  N  N   . LYS A 1 115 ? 4.084   -12.132 -6.700  1.00 49.62 ? 115 LYS A N   1 
ATOM   843  C  CA  . LYS A 1 115 ? 5.275   -12.378 -7.568  1.00 51.34 ? 115 LYS A CA  1 
ATOM   844  C  C   . LYS A 1 115 ? 5.125   -11.793 -9.000  1.00 51.16 ? 115 LYS A C   1 
ATOM   845  O  O   . LYS A 1 115 ? 4.634   -12.442 -9.901  1.00 50.71 ? 115 LYS A O   1 
ATOM   846  C  CB  . LYS A 1 115 ? 5.593   -13.885 -7.655  1.00 51.99 ? 115 LYS A CB  1 
ATOM   847  C  CG  . LYS A 1 115 ? 5.871   -14.628 -6.303  1.00 54.91 ? 115 LYS A CG  1 
ATOM   848  C  CD  . LYS A 1 115 ? 7.320   -14.460 -5.777  1.00 55.99 ? 115 LYS A CD  1 
ATOM   849  C  CE  . LYS A 1 115 ? 7.714   -15.625 -4.843  1.00 55.75 ? 115 LYS A CE  1 
ATOM   850  N  NZ  . LYS A 1 115 ? 8.806   -15.315 -3.847  1.00 56.63 ? 115 LYS A NZ  1 
ATOM   851  N  N   . LEU A 1 116 ? 5.579   -10.566 -9.212  1.00 51.86 ? 116 LEU A N   1 
ATOM   852  C  CA  . LEU A 1 116 ? 5.338   -9.898  -10.483 1.00 52.46 ? 116 LEU A CA  1 
ATOM   853  C  C   . LEU A 1 116 ? 6.439   -10.209 -11.502 1.00 53.03 ? 116 LEU A C   1 
ATOM   854  O  O   . LEU A 1 116 ? 7.615   -10.341 -11.138 1.00 53.89 ? 116 LEU A O   1 
ATOM   855  C  CB  . LEU A 1 116 ? 5.267   -8.369  -10.250 1.00 51.79 ? 116 LEU A CB  1 
ATOM   856  C  CG  . LEU A 1 116 ? 4.064   -7.923  -9.408  1.00 52.09 ? 116 LEU A CG  1 
ATOM   857  C  CD1 . LEU A 1 116 ? 4.203   -6.510  -9.040  1.00 53.98 ? 116 LEU A CD1 1 
ATOM   858  C  CD2 . LEU A 1 116 ? 2.732   -8.099  -10.123 1.00 53.35 ? 116 LEU A CD2 1 
ATOM   859  N  N   . THR A 1 117 ? 6.076   -10.276 -12.777 1.00 52.59 ? 117 THR A N   1 
ATOM   860  C  CA  . THR A 1 117 ? 7.090   -10.344 -13.820 1.00 52.46 ? 117 THR A CA  1 
ATOM   861  C  C   . THR A 1 117 ? 7.837   -9.019  -13.829 1.00 52.88 ? 117 THR A C   1 
ATOM   862  O  O   . THR A 1 117 ? 7.308   -8.033  -13.390 1.00 52.25 ? 117 THR A O   1 
ATOM   863  C  CB  . THR A 1 117 ? 6.498   -10.552 -15.241 1.00 52.18 ? 117 THR A CB  1 
ATOM   864  O  OG1 . THR A 1 117 ? 5.690   -9.421  -15.616 1.00 50.57 ? 117 THR A OG1 1 
ATOM   865  C  CG2 . THR A 1 117 ? 5.694   -11.831 -15.319 1.00 51.03 ? 117 THR A CG2 1 
ATOM   866  N  N   . ASP A 1 118 ? 9.043   -9.020  -14.390 1.00 53.65 ? 118 ASP A N   1 
ATOM   867  C  CA  . ASP A 1 118 ? 9.819   -7.797  -14.535 1.00 54.02 ? 118 ASP A CA  1 
ATOM   868  C  C   . ASP A 1 118 ? 9.051   -6.755  -15.334 1.00 52.66 ? 118 ASP A C   1 
ATOM   869  O  O   . ASP A 1 118 ? 9.155   -5.580  -15.029 1.00 51.69 ? 118 ASP A O   1 
ATOM   870  C  CB  . ASP A 1 118 ? 11.178  -8.076  -15.188 1.00 55.23 ? 118 ASP A CB  1 
ATOM   871  C  CG  . ASP A 1 118 ? 12.027  -9.057  -14.372 1.00 58.57 ? 118 ASP A CG  1 
ATOM   872  O  OD1 . ASP A 1 118 ? 11.536  -9.506  -13.304 1.00 62.89 ? 118 ASP A OD1 1 
ATOM   873  O  OD2 . ASP A 1 118 ? 13.171  -9.379  -14.798 1.00 61.13 ? 118 ASP A OD2 1 
ATOM   874  N  N   . GLU A 1 119 ? 8.275   -7.153  -16.342 1.00 50.64 ? 119 GLU A N   1 
ATOM   875  C  CA  . GLU A 1 119 ? 7.506   -6.137  -17.094 1.00 49.18 ? 119 GLU A CA  1 
ATOM   876  C  C   . GLU A 1 119 ? 6.450   -5.445  -16.227 1.00 46.97 ? 119 GLU A C   1 
ATOM   877  O  O   . GLU A 1 119 ? 6.240   -4.238  -16.342 1.00 45.51 ? 119 GLU A O   1 
ATOM   878  C  CB  . GLU A 1 119 ? 6.801   -6.693  -18.338 1.00 50.05 ? 119 GLU A CB  1 
ATOM   879  C  CG  . GLU A 1 119 ? 6.030   -5.578  -19.130 1.00 52.42 ? 119 GLU A CG  1 
ATOM   880  C  CD  . GLU A 1 119 ? 6.904   -4.356  -19.540 1.00 57.71 ? 119 GLU A CD  1 
ATOM   881  O  OE1 . GLU A 1 119 ? 7.411   -4.411  -20.691 1.00 61.56 ? 119 GLU A OE1 1 
ATOM   882  O  OE2 . GLU A 1 119 ? 7.099   -3.359  -18.749 1.00 56.90 ? 119 GLU A OE2 1 
ATOM   883  N  N   . GLU A 1 120 ? 5.768   -6.220  -15.392 1.00 43.58 ? 120 GLU A N   1 
ATOM   884  C  CA  . GLU A 1 120 ? 4.730   -5.690  -14.520 1.00 42.72 ? 120 GLU A CA  1 
ATOM   885  C  C   . GLU A 1 120 ? 5.408   -4.737  -13.506 1.00 43.65 ? 120 GLU A C   1 
ATOM   886  O  O   . GLU A 1 120 ? 4.858   -3.688  -13.142 1.00 43.26 ? 120 GLU A O   1 
ATOM   887  C  CB  . GLU A 1 120 ? 4.016   -6.832  -13.805 1.00 42.06 ? 120 GLU A CB  1 
ATOM   888  C  CG  . GLU A 1 120 ? 3.161   -7.670  -14.779 1.00 41.82 ? 120 GLU A CG  1 
ATOM   889  C  CD  . GLU A 1 120 ? 2.907   -9.078  -14.333 1.00 41.81 ? 120 GLU A CD  1 
ATOM   890  O  OE1 . GLU A 1 120 ? 3.373   -9.498  -13.255 1.00 37.84 ? 120 GLU A OE1 1 
ATOM   891  O  OE2 . GLU A 1 120 ? 2.208   -9.807  -15.099 1.00 45.49 ? 120 GLU A OE2 1 
ATOM   892  N  N   . VAL A 1 121 ? 6.625   -5.089  -13.089 1.00 44.42 ? 121 VAL A N   1 
ATOM   893  C  CA  . VAL A 1 121 ? 7.342   -4.245  -12.095 1.00 44.10 ? 121 VAL A CA  1 
ATOM   894  C  C   . VAL A 1 121 ? 7.741   -2.950  -12.763 1.00 44.94 ? 121 VAL A C   1 
ATOM   895  O  O   . VAL A 1 121 ? 7.587   -1.848  -12.193 1.00 44.99 ? 121 VAL A O   1 
ATOM   896  C  CB  . VAL A 1 121 ? 8.586   -4.970  -11.449 1.00 43.81 ? 121 VAL A CB  1 
ATOM   897  C  CG1 . VAL A 1 121 ? 9.388   -4.007  -10.579 1.00 46.19 ? 121 VAL A CG1 1 
ATOM   898  C  CG2 . VAL A 1 121 ? 8.134   -6.161  -10.555 1.00 45.73 ? 121 VAL A CG2 1 
ATOM   899  N  N   . ASP A 1 122 ? 8.219   -3.063  -13.999 1.00 44.87 ? 122 ASP A N   1 
ATOM   900  C  CA  . ASP A 1 122 ? 8.571   -1.873  -14.772 1.00 45.51 ? 122 ASP A CA  1 
ATOM   901  C  C   . ASP A 1 122 ? 7.374   -0.927  -15.039 1.00 45.56 ? 122 ASP A C   1 
ATOM   902  O  O   . ASP A 1 122 ? 7.498   0.297   -14.916 1.00 43.61 ? 122 ASP A O   1 
ATOM   903  C  CB  . ASP A 1 122 ? 9.304   -2.236  -16.077 1.00 46.23 ? 122 ASP A CB  1 
ATOM   904  C  CG  . ASP A 1 122 ? 10.648  -2.900  -15.831 1.00 48.86 ? 122 ASP A CG  1 
ATOM   905  O  OD1 . ASP A 1 122 ? 11.239  -2.812  -14.716 1.00 50.80 ? 122 ASP A OD1 1 
ATOM   906  O  OD2 . ASP A 1 122 ? 11.126  -3.553  -16.768 1.00 52.83 ? 122 ASP A OD2 1 
ATOM   907  N  N   . GLU A 1 123 ? 6.219   -1.482  -15.387 1.00 45.26 ? 123 GLU A N   1 
ATOM   908  C  CA  . GLU A 1 123 ? 5.016   -0.643  -15.563 1.00 45.24 ? 123 GLU A CA  1 
ATOM   909  C  C   . GLU A 1 123 ? 4.615   0.096   -14.292 1.00 44.07 ? 123 GLU A C   1 
ATOM   910  O  O   . GLU A 1 123 ? 4.190   1.238   -14.355 1.00 44.26 ? 123 GLU A O   1 
ATOM   911  C  CB  . GLU A 1 123 ? 3.818   -1.448  -16.107 1.00 46.45 ? 123 GLU A CB  1 
ATOM   912  C  CG  . GLU A 1 123 ? 2.549   -0.595  -16.385 1.00 48.29 ? 123 GLU A CG  1 
ATOM   913  C  CD  . GLU A 1 123 ? 2.830   0.617   -17.259 1.00 54.29 ? 123 GLU A CD  1 
ATOM   914  O  OE1 . GLU A 1 123 ? 3.040   0.446   -18.470 1.00 59.64 ? 123 GLU A OE1 1 
ATOM   915  O  OE2 . GLU A 1 123 ? 2.914   1.752   -16.738 1.00 62.03 ? 123 GLU A OE2 1 
ATOM   916  N  N   . MET A 1 124 ? 4.739   -0.537  -13.131 1.00 42.64 ? 124 MET A N   1 
ATOM   917  C  CA  . MET A 1 124 ? 4.365   0.109   -11.871 1.00 42.48 ? 124 MET A CA  1 
ATOM   918  C  C   . MET A 1 124 ? 5.313   1.307   -11.607 1.00 39.91 ? 124 MET A C   1 
ATOM   919  O  O   . MET A 1 124 ? 4.951   2.425   -11.169 1.00 39.01 ? 124 MET A O   1 
ATOM   920  C  CB  . MET A 1 124 ? 4.504   -0.911  -10.707 1.00 42.47 ? 124 MET A CB  1 
ATOM   921  C  CG  . MET A 1 124 ? 3.269   -1.526  -10.154 1.00 49.38 ? 124 MET A CG  1 
ATOM   922  S  SD  . MET A 1 124 ? 3.651   -2.323  -8.497  1.00 49.66 ? 124 MET A SD  1 
ATOM   923  C  CE  . MET A 1 124 ? 3.386   -1.074  -7.243  1.00 56.55 ? 124 MET A CE  1 
ATOM   924  N  N   . ILE A 1 125 ? 6.577   1.070   -11.872 1.00 39.59 ? 125 ILE A N   1 
ATOM   925  C  CA  . ILE A 1 125 ? 7.567   2.186   -11.731 1.00 38.94 ? 125 ILE A CA  1 
ATOM   926  C  C   . ILE A 1 125 ? 7.238   3.296   -12.711 1.00 38.35 ? 125 ILE A C   1 
ATOM   927  O  O   . ILE A 1 125 ? 7.247   4.476   -12.364 1.00 38.04 ? 125 ILE A O   1 
ATOM   928  C  CB  . ILE A 1 125 ? 8.992   1.719   -11.967 1.00 39.31 ? 125 ILE A CB  1 
ATOM   929  C  CG1 . ILE A 1 125 ? 9.496   0.771   -10.878 1.00 41.23 ? 125 ILE A CG1 1 
ATOM   930  C  CG2 . ILE A 1 125 ? 9.941   2.912   -12.074 1.00 40.54 ? 125 ILE A CG2 1 
ATOM   931  C  CD1 . ILE A 1 125 ? 9.779   1.390   -9.520  1.00 37.12 ? 125 ILE A CD1 1 
ATOM   932  N  N   . ARG A 1 126 ? 6.964   2.923   -13.960 1.00 40.16 ? 126 ARG A N   1 
ATOM   933  C  CA  . ARG A 1 126 ? 6.745   3.884   -15.029 1.00 42.32 ? 126 ARG A CA  1 
ATOM   934  C  C   . ARG A 1 126 ? 5.578   4.815   -14.680 1.00 41.66 ? 126 ARG A C   1 
ATOM   935  O  O   . ARG A 1 126 ? 5.605   6.004   -14.967 1.00 42.68 ? 126 ARG A O   1 
ATOM   936  C  CB  . ARG A 1 126 ? 6.464   3.116   -16.333 1.00 42.25 ? 126 ARG A CB  1 
ATOM   937  C  CG  . ARG A 1 126 ? 6.416   3.916   -17.567 1.00 45.56 ? 126 ARG A CG  1 
ATOM   938  C  CD  . ARG A 1 126 ? 6.224   3.007   -18.829 1.00 48.90 ? 126 ARG A CD  1 
ATOM   939  N  NE  . ARG A 1 126 ? 7.153   1.865   -18.836 1.00 51.44 ? 126 ARG A NE  1 
ATOM   940  C  CZ  . ARG A 1 126 ? 6.795   0.585   -18.901 1.00 54.02 ? 126 ARG A CZ  1 
ATOM   941  N  NH1 . ARG A 1 126 ? 5.522   0.216   -19.014 1.00 58.31 ? 126 ARG A NH1 1 
ATOM   942  N  NH2 . ARG A 1 126 ? 7.741   -0.346  -18.883 1.00 54.78 ? 126 ARG A NH2 1 
ATOM   943  N  N   . GLU A 1 127 ? 4.553   4.265   -14.041 1.00 41.95 ? 127 GLU A N   1 
ATOM   944  C  CA  . GLU A 1 127 ? 3.390   5.040   -13.657 1.00 42.40 ? 127 GLU A CA  1 
ATOM   945  C  C   . GLU A 1 127 ? 3.698   6.114   -12.651 1.00 41.37 ? 127 GLU A C   1 
ATOM   946  O  O   . GLU A 1 127 ? 3.088   7.167   -12.697 1.00 42.67 ? 127 GLU A O   1 
ATOM   947  C  CB  . GLU A 1 127 ? 2.319   4.124   -13.049 1.00 43.84 ? 127 GLU A CB  1 
ATOM   948  C  CG  . GLU A 1 127 ? 1.736   3.148   -14.026 1.00 47.25 ? 127 GLU A CG  1 
ATOM   949  C  CD  . GLU A 1 127 ? 0.597   2.392   -13.406 1.00 52.86 ? 127 GLU A CD  1 
ATOM   950  O  OE1 . GLU A 1 127 ? 0.823   1.383   -12.684 1.00 52.44 ? 127 GLU A OE1 1 
ATOM   951  O  OE2 . GLU A 1 127 ? -0.540  2.845   -13.649 1.00 56.63 ? 127 GLU A OE2 1 
ATOM   952  N  N   . ALA A 1 128 ? 4.695   5.886   -11.793 1.00 39.58 ? 128 ALA A N   1 
ATOM   953  C  CA  . ALA A 1 128 ? 5.088   6.806   -10.741 1.00 39.15 ? 128 ALA A CA  1 
ATOM   954  C  C   . ALA A 1 128 ? 6.276   7.732   -11.163 1.00 38.16 ? 128 ALA A C   1 
ATOM   955  O  O   . ALA A 1 128 ? 6.495   8.826   -10.654 1.00 37.56 ? 128 ALA A O   1 
ATOM   956  C  CB  . ALA A 1 128 ? 5.487   6.000   -9.504  1.00 39.08 ? 128 ALA A CB  1 
ATOM   957  N  N   . ASP A 1 129 ? 7.005   7.293   -12.168 1.00 37.97 ? 129 ASP A N   1 
ATOM   958  C  CA  . ASP A 1 129 ? 8.206   7.997   -12.624 1.00 37.07 ? 129 ASP A CA  1 
ATOM   959  C  C   . ASP A 1 129 ? 7.723   9.218   -13.396 1.00 38.85 ? 129 ASP A C   1 
ATOM   960  O  O   . ASP A 1 129 ? 6.810   9.114   -14.241 1.00 41.90 ? 129 ASP A O   1 
ATOM   961  C  CB  . ASP A 1 129 ? 8.975   7.014   -13.507 1.00 36.18 ? 129 ASP A CB  1 
ATOM   962  C  CG  . ASP A 1 129 ? 10.318  7.541   -13.998 1.00 35.27 ? 129 ASP A CG  1 
ATOM   963  O  OD1 . ASP A 1 129 ? 10.820  8.546   -13.458 1.00 34.87 ? 129 ASP A OD1 1 
ATOM   964  O  OD2 . ASP A 1 129 ? 10.826  6.926   -14.944 1.00 37.88 ? 129 ASP A OD2 1 
ATOM   965  N  N   . ILE A 1 130 ? 8.237   10.376  -13.056 1.00 38.71 ? 130 ILE A N   1 
ATOM   966  C  CA  . ILE A 1 130 ? 7.954   11.624  -13.756 1.00 38.80 ? 130 ILE A CA  1 
ATOM   967  C  C   . ILE A 1 130 ? 9.082   12.102  -14.634 1.00 38.79 ? 130 ILE A C   1 
ATOM   968  O  O   . ILE A 1 130 ? 8.835   12.464  -15.793 1.00 38.90 ? 130 ILE A O   1 
ATOM   969  C  CB  . ILE A 1 130 ? 7.591   12.726  -12.707 1.00 39.63 ? 130 ILE A CB  1 
ATOM   970  C  CG1 . ILE A 1 130 ? 6.407   12.269  -11.903 1.00 40.39 ? 130 ILE A CG1 1 
ATOM   971  C  CG2 . ILE A 1 130 ? 7.283   14.072  -13.347 1.00 39.17 ? 130 ILE A CG2 1 
ATOM   972  C  CD1 . ILE A 1 130 ? 6.008   13.165  -10.683 1.00 39.50 ? 130 ILE A CD1 1 
ATOM   973  N  N   . ASP A 1 131 ? 10.329  12.078  -14.126 1.00 36.06 ? 131 ASP A N   1 
ATOM   974  C  CA  . ASP A 1 131 ? 11.489  12.516  -14.928 1.00 38.10 ? 131 ASP A CA  1 
ATOM   975  C  C   . ASP A 1 131 ? 11.916  11.508  -15.963 1.00 35.32 ? 131 ASP A C   1 
ATOM   976  O  O   . ASP A 1 131 ? 12.595  11.839  -16.896 1.00 36.84 ? 131 ASP A O   1 
ATOM   977  C  CB  . ASP A 1 131 ? 12.648  13.032  -14.063 1.00 38.13 ? 131 ASP A CB  1 
ATOM   978  C  CG  . ASP A 1 131 ? 13.152  11.999  -13.056 1.00 38.77 ? 131 ASP A CG  1 
ATOM   979  O  OD1 . ASP A 1 131 ? 12.964  10.771  -13.296 1.00 35.39 ? 131 ASP A OD1 1 
ATOM   980  O  OD2 . ASP A 1 131 ? 13.727  12.395  -12.031 1.00 38.49 ? 131 ASP A OD2 1 
ATOM   981  N  N   . GLY A 1 132 ? 11.482  10.263  -15.846 1.00 35.42 ? 132 GLY A N   1 
ATOM   982  C  CA  . GLY A 1 132 ? 11.760  9.274   -16.876 1.00 34.73 ? 132 GLY A CA  1 
ATOM   983  C  C   . GLY A 1 132 ? 13.137  8.604   -16.713 1.00 33.62 ? 132 GLY A C   1 
ATOM   984  O  O   . GLY A 1 132 ? 13.591  7.908   -17.611 1.00 34.04 ? 132 GLY A O   1 
ATOM   985  N  N   . ASP A 1 133 ? 13.776  8.761   -15.565 1.00 34.64 ? 133 ASP A N   1 
ATOM   986  C  CA  . ASP A 1 133 ? 15.008  8.014   -15.286 1.00 33.78 ? 133 ASP A CA  1 
ATOM   987  C  C   . ASP A 1 133 ? 14.770  6.555   -14.939 1.00 33.27 ? 133 ASP A C   1 
ATOM   988  O  O   . ASP A 1 133 ? 15.706  5.831   -14.744 1.00 35.36 ? 133 ASP A O   1 
ATOM   989  C  CB  . ASP A 1 133 ? 15.827  8.775   -14.180 1.00 34.23 ? 133 ASP A CB  1 
ATOM   990  C  CG  . ASP A 1 133 ? 15.294  8.554   -12.766 1.00 35.69 ? 133 ASP A CG  1 
ATOM   991  O  OD1 . ASP A 1 133 ? 14.158  8.106   -12.578 1.00 32.30 ? 133 ASP A OD1 1 
ATOM   992  O  OD2 . ASP A 1 133 ? 16.019  8.883   -11.811 1.00 34.13 ? 133 ASP A OD2 1 
ATOM   993  N  N   . GLY A 1 134 ? 13.516  6.074   -14.935 1.00 33.77 ? 134 GLY A N   1 
ATOM   994  C  CA  . GLY A 1 134 ? 13.249  4.664   -14.679 1.00 32.81 ? 134 GLY A CA  1 
ATOM   995  C  C   . GLY A 1 134 ? 13.273  4.234   -13.209 1.00 35.00 ? 134 GLY A C   1 
ATOM   996  O  O   . GLY A 1 134 ? 13.282  3.037   -12.915 1.00 34.53 ? 134 GLY A O   1 
ATOM   997  N  N   . GLN A 1 135 ? 13.307  5.185   -12.284 1.00 32.73 ? 135 GLN A N   1 
ATOM   998  C  CA  . GLN A 1 135 ? 13.229  5.004   -10.842 1.00 32.98 ? 135 GLN A CA  1 
ATOM   999  C  C   . GLN A 1 135 ? 12.283  6.030   -10.244 1.00 32.74 ? 135 GLN A C   1 
ATOM   1000 O  O   . GLN A 1 135 ? 11.890  7.044   -10.913 1.00 33.57 ? 135 GLN A O   1 
ATOM   1001 C  CB  . GLN A 1 135 ? 14.610  5.166   -10.172 1.00 33.68 ? 135 GLN A CB  1 
ATOM   1002 C  CG  . GLN A 1 135 ? 15.639  4.286   -10.781 1.00 34.97 ? 135 GLN A CG  1 
ATOM   1003 C  CD  . GLN A 1 135 ? 16.902  4.182   -9.923  1.00 37.69 ? 135 GLN A CD  1 
ATOM   1004 O  OE1 . GLN A 1 135 ? 17.824  5.059   -9.980  1.00 39.98 ? 135 GLN A OE1 1 
ATOM   1005 N  NE2 . GLN A 1 135 ? 16.995  3.104   -9.195  1.00 33.98 ? 135 GLN A NE2 1 
ATOM   1006 N  N   . VAL A 1 136 ? 11.911  5.805   -8.978  1.00 33.77 ? 136 VAL A N   1 
ATOM   1007 C  CA  . VAL A 1 136 ? 11.046  6.752   -8.256  1.00 34.86 ? 136 VAL A CA  1 
ATOM   1008 C  C   . VAL A 1 136 ? 11.845  7.430   -7.175  1.00 36.33 ? 136 VAL A C   1 
ATOM   1009 O  O   . VAL A 1 136 ? 12.240  6.796   -6.218  1.00 36.91 ? 136 VAL A O   1 
ATOM   1010 C  CB  . VAL A 1 136 ? 9.815   6.014   -7.632  1.00 35.36 ? 136 VAL A CB  1 
ATOM   1011 C  CG1 . VAL A 1 136 ? 8.818   6.996   -7.029  1.00 34.26 ? 136 VAL A CG1 1 
ATOM   1012 C  CG2 . VAL A 1 136 ? 9.136   5.163   -8.747  1.00 35.00 ? 136 VAL A CG2 1 
ATOM   1013 N  N   . ASN A 1 137 ? 12.043  8.728   -7.298  1.00 35.31 ? 137 ASN A N   1 
ATOM   1014 C  CA  . ASN A 1 137 ? 12.679  9.485   -6.250  1.00 34.17 ? 137 ASN A CA  1 
ATOM   1015 C  C   . ASN A 1 137 ? 11.679  9.982   -5.241  1.00 34.70 ? 137 ASN A C   1 
ATOM   1016 O  O   . ASN A 1 137 ? 10.490  9.739   -5.378  1.00 36.63 ? 137 ASN A O   1 
ATOM   1017 C  CB  . ASN A 1 137 ? 13.576  10.584  -6.849  1.00 34.49 ? 137 ASN A CB  1 
ATOM   1018 C  CG  . ASN A 1 137 ? 12.802  11.734  -7.510  1.00 36.64 ? 137 ASN A CG  1 
ATOM   1019 O  OD1 . ASN A 1 137 ? 11.616  11.920  -7.315  1.00 34.38 ? 137 ASN A OD1 1 
ATOM   1020 N  ND2 . ASN A 1 137 ? 13.550  12.597  -8.253  1.00 36.90 ? 137 ASN A ND2 1 
ATOM   1021 N  N   . TYR A 1 138 ? 12.116  10.712  -4.227  1.00 34.61 ? 138 TYR A N   1 
ATOM   1022 C  CA  . TYR A 1 138 ? 11.248  11.098  -3.121  1.00 33.23 ? 138 TYR A CA  1 
ATOM   1023 C  C   . TYR A 1 138 ? 10.144  12.063  -3.594  1.00 33.17 ? 138 TYR A C   1 
ATOM   1024 O  O   . TYR A 1 138 ? 8.997   11.930  -3.302  1.00 33.11 ? 138 TYR A O   1 
ATOM   1025 C  CB  . TYR A 1 138 ? 12.021  11.679  -1.963  1.00 34.47 ? 138 TYR A CB  1 
ATOM   1026 C  CG  . TYR A 1 138 ? 11.085  12.148  -0.865  1.00 35.91 ? 138 TYR A CG  1 
ATOM   1027 C  CD1 . TYR A 1 138 ? 10.336  11.249  -0.132  1.00 37.91 ? 138 TYR A CD1 1 
ATOM   1028 C  CD2 . TYR A 1 138 ? 10.853  13.510  -0.631  1.00 38.64 ? 138 TYR A CD2 1 
ATOM   1029 C  CE1 . TYR A 1 138 ? 9.454   11.704  0.858   1.00 42.51 ? 138 TYR A CE1 1 
ATOM   1030 C  CE2 . TYR A 1 138 ? 9.988   13.928  0.361   1.00 41.09 ? 138 TYR A CE2 1 
ATOM   1031 C  CZ  . TYR A 1 138 ? 9.281   13.005  1.091   1.00 40.52 ? 138 TYR A CZ  1 
ATOM   1032 O  OH  . TYR A 1 138 ? 8.355   13.452  2.081   1.00 43.09 ? 138 TYR A OH  1 
ATOM   1033 N  N   . GLU A 1 139 ? 10.526  13.038  -4.414  1.00 35.27 ? 139 GLU A N   1 
ATOM   1034 C  CA  . GLU A 1 139 ? 9.548   13.984  -4.887  1.00 36.55 ? 139 GLU A CA  1 
ATOM   1035 C  C   . GLU A 1 139 ? 8.459   13.347  -5.733  1.00 34.85 ? 139 GLU A C   1 
ATOM   1036 O  O   . GLU A 1 139 ? 7.282   13.770  -5.689  1.00 35.16 ? 139 GLU A O   1 
ATOM   1037 C  CB  . GLU A 1 139 ? 10.287  15.017  -5.715  1.00 38.08 ? 139 GLU A CB  1 
ATOM   1038 C  CG  . GLU A 1 139 ? 11.315  15.861  -4.906  1.00 44.04 ? 139 GLU A CG  1 
ATOM   1039 C  CD  . GLU A 1 139 ? 12.647  15.136  -4.436  1.00 51.18 ? 139 GLU A CD  1 
ATOM   1040 O  OE1 . GLU A 1 139 ? 13.206  14.109  -5.034  1.00 38.10 ? 139 GLU A OE1 1 
ATOM   1041 O  OE2 . GLU A 1 139 ? 13.106  15.627  -3.333  1.00 55.15 ? 139 GLU A OE2 1 
ATOM   1042 N  N   . GLU A 1 140 ? 8.848   12.427  -6.602  1.00 34.54 ? 140 GLU A N   1 
ATOM   1043 C  CA  . GLU A 1 140 ? 7.871   11.624  -7.390  1.00 35.08 ? 140 GLU A CA  1 
ATOM   1044 C  C   . GLU A 1 140 ? 6.983   10.784  -6.491  1.00 36.02 ? 140 GLU A C   1 
ATOM   1045 O  O   . GLU A 1 140 ? 5.731   10.705  -6.670  1.00 36.24 ? 140 GLU A O   1 
ATOM   1046 C  CB  . GLU A 1 140 ? 8.591   10.725  -8.371  1.00 33.08 ? 140 GLU A CB  1 
ATOM   1047 C  CG  . GLU A 1 140 ? 9.334   11.470  -9.404  1.00 34.59 ? 140 GLU A CG  1 
ATOM   1048 C  CD  . GLU A 1 140 ? 10.259  10.651  -10.243 1.00 37.25 ? 140 GLU A CD  1 
ATOM   1049 O  OE1 . GLU A 1 140 ? 10.836  9.630   -9.777  1.00 37.22 ? 140 GLU A OE1 1 
ATOM   1050 O  OE2 . GLU A 1 140 ? 10.495  11.052  -11.406 1.00 35.34 ? 140 GLU A OE2 1 
ATOM   1051 N  N   . PHE A 1 141 ? 7.586   10.254  -5.438  1.00 36.30 ? 141 PHE A N   1 
ATOM   1052 C  CA  . PHE A 1 141 ? 6.839   9.498   -4.458  1.00 36.55 ? 141 PHE A CA  1 
ATOM   1053 C  C   . PHE A 1 141 ? 5.817   10.360  -3.748  1.00 37.38 ? 141 PHE A C   1 
ATOM   1054 O  O   . PHE A 1 141 ? 4.638   9.937   -3.560  1.00 37.72 ? 141 PHE A O   1 
ATOM   1055 C  CB  . PHE A 1 141 ? 7.826   8.882   -3.447  1.00 36.25 ? 141 PHE A CB  1 
ATOM   1056 C  CG  . PHE A 1 141 ? 7.201   7.835   -2.470  1.00 34.96 ? 141 PHE A CG  1 
ATOM   1057 C  CD1 . PHE A 1 141 ? 6.926   6.574   -2.869  1.00 37.74 ? 141 PHE A CD1 1 
ATOM   1058 C  CD2 . PHE A 1 141 ? 6.960   8.188   -1.156  1.00 35.75 ? 141 PHE A CD2 1 
ATOM   1059 C  CE1 . PHE A 1 141 ? 6.442   5.618   -1.968  1.00 36.29 ? 141 PHE A CE1 1 
ATOM   1060 C  CE2 . PHE A 1 141 ? 6.476   7.263   -0.235  1.00 38.28 ? 141 PHE A CE2 1 
ATOM   1061 C  CZ  . PHE A 1 141 ? 6.202   5.975   -0.650  1.00 38.24 ? 141 PHE A CZ  1 
ATOM   1062 N  N   . VAL A 1 142 ? 6.228   11.548  -3.326  1.00 37.02 ? 142 VAL A N   1 
ATOM   1063 C  CA  . VAL A 1 142 ? 5.275   12.492  -2.718  1.00 37.08 ? 142 VAL A CA  1 
ATOM   1064 C  C   . VAL A 1 142 ? 4.071   12.787  -3.631  1.00 39.97 ? 142 VAL A C   1 
ATOM   1065 O  O   . VAL A 1 142 ? 2.920   12.752  -3.199  1.00 39.93 ? 142 VAL A O   1 
ATOM   1066 C  CB  . VAL A 1 142 ? 5.946   13.788  -2.364  1.00 39.80 ? 142 VAL A CB  1 
ATOM   1067 C  CG1 . VAL A 1 142 ? 4.895   14.905  -1.998  1.00 37.50 ? 142 VAL A CG1 1 
ATOM   1068 C  CG2 . VAL A 1 142 ? 6.869   13.552  -1.212  1.00 36.75 ? 142 VAL A CG2 1 
ATOM   1069 N  N   . GLN A 1 143 ? 4.358   13.018  -4.903  1.00 41.15 ? 143 GLN A N   1 
ATOM   1070 C  CA  . GLN A 1 143 ? 3.354   13.396  -5.879  1.00 43.86 ? 143 GLN A CA  1 
ATOM   1071 C  C   . GLN A 1 143 ? 2.399   12.270  -6.085  1.00 44.57 ? 143 GLN A C   1 
ATOM   1072 O  O   . GLN A 1 143 ? 1.157   12.458  -6.149  1.00 46.31 ? 143 GLN A O   1 
ATOM   1073 C  CB  . GLN A 1 143 ? 4.025   13.798  -7.171  1.00 43.69 ? 143 GLN A CB  1 
ATOM   1074 C  CG  . GLN A 1 143 ? 4.725   15.077  -7.028  1.00 47.35 ? 143 GLN A CG  1 
ATOM   1075 C  CD  . GLN A 1 143 ? 4.737   15.854  -8.287  1.00 55.02 ? 143 GLN A CD  1 
ATOM   1076 O  OE1 . GLN A 1 143 ? 3.801   15.743  -9.119  1.00 58.50 ? 143 GLN A OE1 1 
ATOM   1077 N  NE2 . GLN A 1 143 ? 5.806   16.671  -8.474  1.00 58.39 ? 143 GLN A NE2 1 
ATOM   1078 N  N   . MET A 1 144 ? 2.939   11.069  -6.088  1.00 44.78 ? 144 MET A N   1 
ATOM   1079 C  CA  . MET A 1 144 ? 2.104   9.921   -6.219  1.00 47.13 ? 144 MET A CA  1 
ATOM   1080 C  C   . MET A 1 144 ? 1.036   9.939   -5.130  1.00 49.41 ? 144 MET A C   1 
ATOM   1081 O  O   . MET A 1 144 ? -0.142  9.543   -5.360  1.00 49.44 ? 144 MET A O   1 
ATOM   1082 C  CB  . MET A 1 144 ? 2.902   8.661   -6.113  1.00 45.88 ? 144 MET A CB  1 
ATOM   1083 C  CG  . MET A 1 144 ? 2.085   7.481   -6.423  1.00 49.15 ? 144 MET A CG  1 
ATOM   1084 S  SD  . MET A 1 144 ? 3.035   5.984   -6.299  1.00 49.04 ? 144 MET A SD  1 
ATOM   1085 C  CE  . MET A 1 144 ? 3.308   5.791   -4.523  1.00 53.03 ? 144 MET A CE  1 
ATOM   1086 N  N   . MET A 1 145 ? 1.432   10.364  -3.938  1.00 50.26 ? 145 MET A N   1 
ATOM   1087 C  CA  A MET A 1 145 ? 0.509   10.360  -2.773  0.80 50.40 ? 145 MET A CA  1 
ATOM   1088 C  CA  B MET A 1 145 ? 0.502   10.327  -2.804  0.20 51.01 ? 145 MET A CA  1 
ATOM   1089 C  C   . MET A 1 145 ? -0.281  11.620  -2.574  1.00 51.44 ? 145 MET A C   1 
ATOM   1090 O  O   . MET A 1 145 ? -1.219  11.634  -1.806  1.00 52.27 ? 145 MET A O   1 
ATOM   1091 C  CB  A MET A 1 145 ? 1.313   10.156  -1.494  0.80 50.06 ? 145 MET A CB  1 
ATOM   1092 C  CB  B MET A 1 145 ? 1.268   9.934   -1.546  0.20 50.84 ? 145 MET A CB  1 
ATOM   1093 C  CG  A MET A 1 145 ? 2.087   8.914   -1.487  0.80 47.90 ? 145 MET A CG  1 
ATOM   1094 C  CG  B MET A 1 145 ? 1.790   8.517   -1.617  0.20 50.54 ? 145 MET A CG  1 
ATOM   1095 S  SD  A MET A 1 145 ? 1.001   7.588   -2.050  0.80 49.90 ? 145 MET A SD  1 
ATOM   1096 S  SD  B MET A 1 145 ? 3.510   8.367   -1.152  0.20 51.52 ? 145 MET A SD  1 
ATOM   1097 C  CE  A MET A 1 145 ? -0.336  7.456   -0.813  0.80 48.54 ? 145 MET A CE  1 
ATOM   1098 C  CE  B MET A 1 145 ? 3.389   8.304   0.650   0.20 44.35 ? 145 MET A CE  1 
ATOM   1099 N  N   . THR A 1 146 ? 0.080   12.701  -3.227  1.00 53.35 ? 146 THR A N   1 
ATOM   1100 C  CA  . THR A 1 146 ? -0.550  13.926  -2.857  1.00 56.10 ? 146 THR A CA  1 
ATOM   1101 C  C   . THR A 1 146 ? -1.254  14.479  -4.091  1.00 56.81 ? 146 THR A C   1 
ATOM   1102 O  O   . THR A 1 146 ? -2.469  14.314  -4.206  1.00 58.62 ? 146 THR A O   1 
ATOM   1103 C  CB  . THR A 1 146 ? 0.482   14.913  -2.264  1.00 56.20 ? 146 THR A CB  1 
ATOM   1104 O  OG1 . THR A 1 146 ? 1.331   15.399  -3.299  1.00 56.50 ? 146 THR A OG1 1 
ATOM   1105 C  CG2 . THR A 1 146 ? 1.304   14.264  -1.131  1.00 55.87 ? 146 THR A CG2 1 
ATOM   1106 N  N   . LYS B 2 1   ? -2.518  0.819   -14.202 1.00 67.50 ? 875 LYS B N   1 
ATOM   1107 C  CA  . LYS B 2 1   ? -2.556  -0.369  -13.297 1.00 67.63 ? 875 LYS B CA  1 
ATOM   1108 C  C   . LYS B 2 1   ? -1.958  -0.060  -11.911 1.00 67.36 ? 875 LYS B C   1 
ATOM   1109 O  O   . LYS B 2 1   ? -2.315  0.939   -11.280 1.00 68.03 ? 875 LYS B O   1 
ATOM   1110 C  CB  . LYS B 2 1   ? -1.872  -1.578  -13.965 1.00 67.72 ? 875 LYS B CB  1 
ATOM   1111 C  CG  . LYS B 2 1   ? -2.551  -2.027  -15.250 1.00 67.85 ? 875 LYS B CG  1 
ATOM   1112 C  CD  . LYS B 2 1   ? -1.871  -3.251  -15.877 1.00 67.87 ? 875 LYS B CD  1 
ATOM   1113 C  CE  . LYS B 2 1   ? -2.244  -4.566  -15.192 1.00 67.68 ? 875 LYS B CE  1 
ATOM   1114 N  NZ  . LYS B 2 1   ? -2.174  -5.724  -16.150 1.00 67.18 ? 875 LYS B NZ  1 
ATOM   1115 N  N   . LYS B 2 2   ? -1.003  -0.864  -11.459 1.00 66.40 ? 876 LYS B N   1 
ATOM   1116 C  CA  . LYS B 2 2   ? -0.772  -1.036  -10.037 1.00 65.75 ? 876 LYS B CA  1 
ATOM   1117 C  C   . LYS B 2 2   ? -0.223  0.211   -9.274  1.00 64.20 ? 876 LYS B C   1 
ATOM   1118 O  O   . LYS B 2 2   ? 0.361   0.091   -8.180  1.00 62.93 ? 876 LYS B O   1 
ATOM   1119 C  CB  . LYS B 2 2   ? 0.102   -2.290  -9.831  1.00 66.07 ? 876 LYS B CB  1 
ATOM   1120 C  CG  . LYS B 2 2   ? -0.599  -3.591  -10.222 1.00 67.72 ? 876 LYS B CG  1 
ATOM   1121 C  CD  . LYS B 2 2   ? 0.352   -4.682  -10.764 1.00 67.74 ? 876 LYS B CD  1 
ATOM   1122 C  CE  . LYS B 2 2   ? -0.329  -5.507  -11.886 1.00 69.11 ? 876 LYS B CE  1 
ATOM   1123 N  NZ  . LYS B 2 2   ? 0.094   -6.950  -11.957 1.00 70.41 ? 876 LYS B NZ  1 
ATOM   1124 N  N   . LYS B 2 3   ? -0.455  1.413   -9.820  1.00 62.30 ? 877 LYS B N   1 
ATOM   1125 C  CA  . LYS B 2 3   ? -0.235  2.642   -9.026  1.00 60.34 ? 877 LYS B CA  1 
ATOM   1126 C  C   . LYS B 2 3   ? -1.230  2.714   -7.836  1.00 58.00 ? 877 LYS B C   1 
ATOM   1127 O  O   . LYS B 2 3   ? -0.903  3.259   -6.793  1.00 56.86 ? 877 LYS B O   1 
ATOM   1128 C  CB  . LYS B 2 3   ? -0.356  3.890   -9.905  1.00 60.39 ? 877 LYS B CB  1 
ATOM   1129 C  CG  . LYS B 2 3   ? -0.047  5.189   -9.166  1.00 60.61 ? 877 LYS B CG  1 
ATOM   1130 C  CD  . LYS B 2 3   ? 0.221   6.343   -10.135 1.00 61.15 ? 877 LYS B CD  1 
ATOM   1131 C  CE  . LYS B 2 3   ? -0.146  7.711   -9.554  1.00 62.39 ? 877 LYS B CE  1 
ATOM   1132 N  NZ  . LYS B 2 3   ? -1.522  7.747   -8.955  1.00 63.01 ? 877 LYS B NZ  1 
ATOM   1133 N  N   . ALA B 2 4   ? -2.447  2.183   -8.027  1.00 54.92 ? 878 ALA B N   1 
ATOM   1134 C  CA  . ALA B 2 4   ? -3.385  1.954   -6.920  1.00 52.68 ? 878 ALA B CA  1 
ATOM   1135 C  C   . ALA B 2 4   ? -2.741  1.071   -5.846  1.00 50.54 ? 878 ALA B C   1 
ATOM   1136 O  O   . ALA B 2 4   ? -2.877  1.346   -4.634  1.00 49.55 ? 878 ALA B O   1 
ATOM   1137 C  CB  . ALA B 2 4   ? -4.666  1.296   -7.426  1.00 52.40 ? 878 ALA B CB  1 
ATOM   1138 N  N   . THR B 2 5   ? -2.067  0.006   -6.297  1.00 47.59 ? 879 THR B N   1 
ATOM   1139 C  CA  . THR B 2 5   ? -1.418  -0.921  -5.373  1.00 47.56 ? 879 THR B CA  1 
ATOM   1140 C  C   . THR B 2 5   ? -0.240  -0.187  -4.672  1.00 45.87 ? 879 THR B C   1 
ATOM   1141 O  O   . THR B 2 5   ? -0.019  -0.321  -3.481  1.00 44.71 ? 879 THR B O   1 
ATOM   1142 C  CB  . THR B 2 5   ? -0.910  -2.203  -6.086  1.00 47.68 ? 879 THR B CB  1 
ATOM   1143 O  OG1 . THR B 2 5   ? -2.013  -3.031  -6.462  1.00 45.70 ? 879 THR B OG1 1 
ATOM   1144 C  CG2 . THR B 2 5   ? 0.015   -3.008  -5.161  1.00 50.21 ? 879 THR B CG2 1 
ATOM   1145 N  N   . PHE B 2 6   ? 0.531   0.556   -5.449  1.00 45.39 ? 880 PHE B N   1 
ATOM   1146 C  CA  . PHE B 2 6   ? 1.688   1.232   -4.903  1.00 45.26 ? 880 PHE B CA  1 
ATOM   1147 C  C   . PHE B 2 6   ? 1.156   2.285   -3.891  1.00 46.32 ? 880 PHE B C   1 
ATOM   1148 O  O   . PHE B 2 6   ? 1.713   2.479   -2.808  1.00 46.04 ? 880 PHE B O   1 
ATOM   1149 C  CB  . PHE B 2 6   ? 2.397   1.924   -6.079  1.00 45.64 ? 880 PHE B CB  1 
ATOM   1150 C  CG  . PHE B 2 6   ? 3.876   2.283   -5.858  1.00 44.01 ? 880 PHE B CG  1 
ATOM   1151 C  CD1 . PHE B 2 6   ? 4.527   2.195   -4.640  1.00 44.26 ? 880 PHE B CD1 1 
ATOM   1152 C  CD2 . PHE B 2 6   ? 4.595   2.765   -6.943  1.00 42.03 ? 880 PHE B CD2 1 
ATOM   1153 C  CE1 . PHE B 2 6   ? 5.891   2.561   -4.503  1.00 42.43 ? 880 PHE B CE1 1 
ATOM   1154 C  CE2 . PHE B 2 6   ? 5.938   3.166   -6.813  1.00 41.15 ? 880 PHE B CE2 1 
ATOM   1155 C  CZ  . PHE B 2 6   ? 6.592   3.041   -5.578  1.00 40.72 ? 880 PHE B CZ  1 
ATOM   1156 N  N   . ARG B 2 7   ? 0.073   2.984   -4.278  1.00 45.35 ? 881 ARG B N   1 
ATOM   1157 C  CA  . ARG B 2 7   ? -0.566  3.957   -3.384  1.00 46.16 ? 881 ARG B CA  1 
ATOM   1158 C  C   . ARG B 2 7   ? -1.150  3.357   -2.118  1.00 45.56 ? 881 ARG B C   1 
ATOM   1159 O  O   . ARG B 2 7   ? -1.049  3.950   -1.031  1.00 45.72 ? 881 ARG B O   1 
ATOM   1160 C  CB  . ARG B 2 7   ? -1.665  4.735   -4.115  1.00 45.23 ? 881 ARG B CB  1 
ATOM   1161 C  CG  . ARG B 2 7   ? -1.091  5.724   -5.100  1.00 48.29 ? 881 ARG B CG  1 
ATOM   1162 C  CD  . ARG B 2 7   ? -2.095  6.865   -5.497  1.00 49.59 ? 881 ARG B CD  1 
ATOM   1163 N  NE  . ARG B 2 7   ? -2.443  7.652   -4.298  1.00 53.85 ? 881 ARG B NE  1 
ATOM   1164 C  CZ  . ARG B 2 7   ? -2.787  8.944   -4.270  1.00 56.15 ? 881 ARG B CZ  1 
ATOM   1165 N  NH1 . ARG B 2 7   ? -2.865  9.692   -5.390  1.00 57.92 ? 881 ARG B NH1 1 
ATOM   1166 N  NH2 . ARG B 2 7   ? -3.066  9.498   -3.082  1.00 56.37 ? 881 ARG B NH2 1 
ATOM   1167 N  N   . ALA B 2 8   ? -1.785  2.192   -2.280  1.00 44.53 ? 882 ALA B N   1 
ATOM   1168 C  CA  . ALA B 2 8   ? -2.503  1.515   -1.179  1.00 44.99 ? 882 ALA B CA  1 
ATOM   1169 C  C   . ALA B 2 8   ? -1.528  1.125   -0.093  1.00 44.32 ? 882 ALA B C   1 
ATOM   1170 O  O   . ALA B 2 8   ? -1.778  1.293   1.141   1.00 45.33 ? 882 ALA B O   1 
ATOM   1171 C  CB  . ALA B 2 8   ? -3.224  0.281   -1.690  1.00 43.87 ? 882 ALA B CB  1 
ATOM   1172 N  N   . ILE B 2 9   ? -0.393  0.609   -0.536  1.00 43.79 ? 883 ILE B N   1 
ATOM   1173 C  CA  . ILE B 2 9   ? 0.658   0.232   0.412   1.00 42.47 ? 883 ILE B CA  1 
ATOM   1174 C  C   . ILE B 2 9   ? 1.140   1.443   1.130   1.00 43.09 ? 883 ILE B C   1 
ATOM   1175 O  O   . ILE B 2 9   ? 1.290   1.421   2.344   1.00 42.56 ? 883 ILE B O   1 
ATOM   1176 C  CB  . ILE B 2 9   ? 1.858   -0.390  -0.282  1.00 42.54 ? 883 ILE B CB  1 
ATOM   1177 C  CG1 . ILE B 2 9   ? 1.487   -1.721  -0.909  1.00 41.66 ? 883 ILE B CG1 1 
ATOM   1178 C  CG2 . ILE B 2 9   ? 3.034   -0.532  0.713   1.00 41.43 ? 883 ILE B CG2 1 
ATOM   1179 C  CD1 . ILE B 2 9   ? 2.387   -2.016  -2.079  1.00 50.88 ? 883 ILE B CD1 1 
ATOM   1180 N  N   . THR B 2 10  ? 1.364   2.533   0.391   1.00 43.44 ? 884 THR B N   1 
ATOM   1181 C  CA  . THR B 2 10  ? 1.947   3.707   1.010   1.00 44.29 ? 884 THR B CA  1 
ATOM   1182 C  C   . THR B 2 10  ? 0.995   4.337   2.024   1.00 45.60 ? 884 THR B C   1 
ATOM   1183 O  O   . THR B 2 10  ? 1.401   4.726   3.151   1.00 45.30 ? 884 THR B O   1 
ATOM   1184 C  CB  . THR B 2 10  ? 2.353   4.692   -0.038  1.00 44.45 ? 884 THR B CB  1 
ATOM   1185 O  OG1 . THR B 2 10  ? 3.391   4.098   -0.843  1.00 44.20 ? 884 THR B OG1 1 
ATOM   1186 C  CG2 . THR B 2 10  ? 2.887   5.971   0.623   1.00 44.93 ? 884 THR B CG2 1 
ATOM   1187 N  N   . SER B 2 11  ? -0.266  4.429   1.617   1.00 46.55 ? 885 SER B N   1 
ATOM   1188 C  CA  A SER B 2 11  ? -1.333  4.949   2.475   0.50 46.95 ? 885 SER B CA  1 
ATOM   1189 C  CA  B SER B 2 11  ? -1.309  4.970   2.477   0.50 46.97 ? 885 SER B CA  1 
ATOM   1190 C  C   . SER B 2 11  ? -1.475  4.153   3.753   1.00 46.93 ? 885 SER B C   1 
ATOM   1191 O  O   . SER B 2 11  ? -1.682  4.731   4.845   1.00 46.26 ? 885 SER B O   1 
ATOM   1192 C  CB  A SER B 2 11  ? -2.672  4.938   1.738   0.50 47.30 ? 885 SER B CB  1 
ATOM   1193 C  CB  B SER B 2 11  ? -2.639  5.101   1.717   0.50 47.33 ? 885 SER B CB  1 
ATOM   1194 O  OG  A SER B 2 11  ? -3.737  5.308   2.605   0.50 47.71 ? 885 SER B OG  1 
ATOM   1195 O  OG  B SER B 2 11  ? -2.919  3.970   0.902   0.50 47.73 ? 885 SER B OG  1 
ATOM   1196 N  N   . THR B 2 12  ? -1.418  2.829   3.624   1.00 47.11 ? 886 THR B N   1 
ATOM   1197 C  CA  . THR B 2 12  ? -1.562  1.959   4.792   1.00 47.37 ? 886 THR B CA  1 
ATOM   1198 C  C   . THR B 2 12  ? -0.378  2.146   5.738   1.00 47.68 ? 886 THR B C   1 
ATOM   1199 O  O   . THR B 2 12  ? -0.537  2.192   6.948   1.00 47.07 ? 886 THR B O   1 
ATOM   1200 C  CB  . THR B 2 12  ? -1.585  0.531   4.392   1.00 47.64 ? 886 THR B CB  1 
ATOM   1201 O  OG1 . THR B 2 12  ? -2.625  0.333   3.417   1.00 49.82 ? 886 THR B OG1 1 
ATOM   1202 C  CG2 . THR B 2 12  ? -1.843  -0.330  5.643   1.00 50.24 ? 886 THR B CG2 1 
ATOM   1203 N  N   . LEU B 2 13  ? 0.813   2.320   5.165   1.00 47.08 ? 887 LEU B N   1 
ATOM   1204 C  CA  . LEU B 2 13  ? 1.963   2.701   5.973   1.00 48.13 ? 887 LEU B CA  1 
ATOM   1205 C  C   . LEU B 2 13  ? 1.721   4.024   6.716   1.00 48.94 ? 887 LEU B C   1 
ATOM   1206 O  O   . LEU B 2 13  ? 1.794   4.078   7.968   1.00 48.13 ? 887 LEU B O   1 
ATOM   1207 C  CB  . LEU B 2 13  ? 3.207   2.748   5.142   1.00 47.69 ? 887 LEU B CB  1 
ATOM   1208 C  CG  . LEU B 2 13  ? 3.820   1.388   4.797   1.00 48.26 ? 887 LEU B CG  1 
ATOM   1209 C  CD1 . LEU B 2 13  ? 4.852   1.613   3.661   1.00 44.07 ? 887 LEU B CD1 1 
ATOM   1210 C  CD2 . LEU B 2 13  ? 4.465   0.747   6.050   1.00 45.45 ? 887 LEU B CD2 1 
ATOM   1211 N  N   . ALA B 2 14  ? 1.362   5.049   5.960   1.00 50.59 ? 888 ALA B N   1 
ATOM   1212 C  CA  . ALA B 2 14  ? 1.081   6.352   6.535   1.00 51.67 ? 888 ALA B CA  1 
ATOM   1213 C  C   . ALA B 2 14  ? 0.074   6.264   7.718   1.00 53.49 ? 888 ALA B C   1 
ATOM   1214 O  O   . ALA B 2 14  ? 0.263   6.912   8.766   1.00 54.06 ? 888 ALA B O   1 
ATOM   1215 C  CB  . ALA B 2 14  ? 0.581   7.299   5.449   1.00 51.46 ? 888 ALA B CB  1 
ATOM   1216 N  N   . SER B 2 15  ? -0.976  5.458   7.547   1.00 55.22 ? 889 SER B N   1 
ATOM   1217 C  CA  . SER B 2 15  ? -1.958  5.186   8.606   1.00 56.75 ? 889 SER B CA  1 
ATOM   1218 C  C   . SER B 2 15  ? -1.309  4.669   9.885   1.00 57.75 ? 889 SER B C   1 
ATOM   1219 O  O   . SER B 2 15  ? -1.623  5.156   10.998  1.00 57.77 ? 889 SER B O   1 
ATOM   1220 C  CB  . SER B 2 15  ? -2.984  4.151   8.123   1.00 56.89 ? 889 SER B CB  1 
ATOM   1221 O  OG  . SER B 2 15  ? -4.010  3.933   9.081   1.00 58.54 ? 889 SER B OG  1 
ATOM   1222 N  N   . SER B 2 16  ? -0.422  3.690   9.731   1.00 59.02 ? 890 SER B N   1 
ATOM   1223 C  CA  . SER B 2 16  ? 0.238   3.084   10.883  1.00 60.77 ? 890 SER B CA  1 
ATOM   1224 C  C   . SER B 2 16  ? 1.135   4.066   11.629  1.00 62.53 ? 890 SER B C   1 
ATOM   1225 O  O   . SER B 2 16  ? 1.181   4.059   12.876  1.00 63.00 ? 890 SER B O   1 
ATOM   1226 C  CB  . SER B 2 16  ? 1.039   1.846   10.478  1.00 61.10 ? 890 SER B CB  1 
ATOM   1227 O  OG  . SER B 2 16  ? 1.849   2.086   9.355   1.00 60.59 ? 890 SER B OG  1 
ATOM   1228 N  N   . PHE B 2 17  ? 1.840   4.906   10.871  1.00 63.64 ? 891 PHE B N   1 
ATOM   1229 C  CA  . PHE B 2 17  ? 2.756   5.871   11.456  1.00 64.78 ? 891 PHE B CA  1 
ATOM   1230 C  C   . PHE B 2 17  ? 1.985   6.935   12.231  1.00 66.38 ? 891 PHE B C   1 
ATOM   1231 O  O   . PHE B 2 17  ? 2.450   7.421   13.263  1.00 66.17 ? 891 PHE B O   1 
ATOM   1232 C  CB  . PHE B 2 17  ? 3.598   6.530   10.371  1.00 64.71 ? 891 PHE B CB  1 
ATOM   1233 C  CG  . PHE B 2 17  ? 4.420   5.565   9.551   1.00 64.61 ? 891 PHE B CG  1 
ATOM   1234 C  CD1 . PHE B 2 17  ? 5.139   4.534   10.154  1.00 65.10 ? 891 PHE B CD1 1 
ATOM   1235 C  CD2 . PHE B 2 17  ? 4.500   5.707   8.171   1.00 64.29 ? 891 PHE B CD2 1 
ATOM   1236 C  CE1 . PHE B 2 17  ? 5.910   3.663   9.396   1.00 64.77 ? 891 PHE B CE1 1 
ATOM   1237 C  CE2 . PHE B 2 17  ? 5.269   4.846   7.417   1.00 63.93 ? 891 PHE B CE2 1 
ATOM   1238 C  CZ  . PHE B 2 17  ? 5.978   3.825   8.020   1.00 63.90 ? 891 PHE B CZ  1 
ATOM   1239 N  N   . LYS B 2 18  ? 0.794   7.265   11.735  1.00 68.16 ? 892 LYS B N   1 
ATOM   1240 C  CA  . LYS B 2 18  ? -0.053  8.301   12.322  1.00 69.61 ? 892 LYS B CA  1 
ATOM   1241 C  C   . LYS B 2 18  ? -0.265  8.083   13.819  1.00 70.75 ? 892 LYS B C   1 
ATOM   1242 O  O   . LYS B 2 18  ? -0.115  9.027   14.603  1.00 70.64 ? 892 LYS B O   1 
ATOM   1243 C  CB  . LYS B 2 18  ? -1.410  8.357   11.597  1.00 69.61 ? 892 LYS B CB  1 
ATOM   1244 C  CG  . LYS B 2 18  ? -2.165  9.667   11.752  1.00 69.94 ? 892 LYS B CG  1 
ATOM   1245 C  CD  . LYS B 2 18  ? -3.340  9.789   10.770  1.00 70.05 ? 892 LYS B CD  1 
ATOM   1246 C  CE  . LYS B 2 18  ? -2.887  9.877   9.294   1.00 70.65 ? 892 LYS B CE  1 
ATOM   1247 N  NZ  . LYS B 2 18  ? -2.844  8.551   8.569   1.00 70.70 ? 892 LYS B NZ  1 
ATOM   1248 N  N   . ARG B 2 19  ? -0.585  6.846   14.211  1.00 72.10 ? 893 ARG B N   1 
ATOM   1249 C  CA  . ARG B 2 19  ? -0.976  6.549   15.605  1.00 73.42 ? 893 ARG B CA  1 
ATOM   1250 C  C   . ARG B 2 19  ? 0.189   6.068   16.497  1.00 73.92 ? 893 ARG B C   1 
ATOM   1251 O  O   . ARG B 2 19  ? 0.008   5.213   17.385  1.00 74.33 ? 893 ARG B O   1 
ATOM   1252 C  CB  . ARG B 2 19  ? -2.145  5.545   15.638  1.00 73.87 ? 893 ARG B CB  1 
ATOM   1253 C  CG  . ARG B 2 19  ? -1.781  4.083   15.342  1.00 74.51 ? 893 ARG B CG  1 
ATOM   1254 C  CD  . ARG B 2 19  ? -2.902  3.343   14.608  1.00 76.19 ? 893 ARG B CD  1 
ATOM   1255 N  NE  . ARG B 2 19  ? -3.188  3.957   13.300  1.00 76.86 ? 893 ARG B NE  1 
ATOM   1256 C  CZ  . ARG B 2 19  ? -4.253  4.709   13.014  1.00 76.96 ? 893 ARG B CZ  1 
ATOM   1257 N  NH1 . ARG B 2 19  ? -5.186  4.960   13.929  1.00 77.84 ? 893 ARG B NH1 1 
ATOM   1258 N  NH2 . ARG B 2 19  ? -4.386  5.219   11.794  1.00 76.78 ? 893 ARG B NH2 1 
ATOM   1259 N  N   . ARG B 2 20  ? 1.375   6.631   16.255  1.00 74.23 ? 894 ARG B N   1 
ATOM   1260 C  CA  . ARG B 2 20  ? 2.563   6.355   17.069  1.00 74.42 ? 894 ARG B CA  1 
ATOM   1261 C  C   . ARG B 2 20  ? 2.584   7.311   18.273  1.00 73.86 ? 894 ARG B C   1 
ATOM   1262 O  O   . ARG B 2 20  ? 2.115   8.443   18.171  1.00 72.62 ? 894 ARG B O   1 
ATOM   1263 C  CB  . ARG B 2 20  ? 3.844   6.526   16.229  1.00 74.61 ? 894 ARG B CB  1 
ATOM   1264 C  CG  . ARG B 2 20  ? 5.025   5.668   16.701  1.00 75.68 ? 894 ARG B CG  1 
ATOM   1265 C  CD  . ARG B 2 20  ? 6.390   6.337   16.461  1.00 76.39 ? 894 ARG B CD  1 
ATOM   1266 N  NE  . ARG B 2 20  ? 6.832   7.145   17.603  1.00 76.27 ? 894 ARG B NE  1 
ATOM   1267 C  CZ  . ARG B 2 20  ? 8.031   7.721   17.701  1.00 76.39 ? 894 ARG B CZ  1 
ATOM   1268 N  NH1 . ARG B 2 20  ? 8.929   7.583   16.726  1.00 75.92 ? 894 ARG B NH1 1 
ATOM   1269 N  NH2 . ARG B 2 20  ? 8.341   8.440   18.778  1.00 75.78 ? 894 ARG B NH2 1 
HETATM 1270 CA CA  . CA  C 3 .   ? 12.236  9.145   -11.738 1.00 23.36 ? 149 CA  A CA  1 
HETATM 1271 CA CA  . CA  D 3 .   ? 17.178  2.496   -3.572  1.00 25.53 ? 150 CA  A CA  1 
HETATM 1272 CA CA  . CA  E 3 .   ? -16.977 -3.924  7.583   1.00 69.65 ? 151 CA  A CA  1 
HETATM 1273 CA CA  . CA  F 3 .   ? -9.985  -12.291 4.487   1.00 50.16 ? 152 CA  A CA  1 
HETATM 1274 O  O   . HOH G 4 .   ? 18.376  7.384   -11.635 0.50 22.86 ? 153 HOH A O   1 
HETATM 1275 O  O   . HOH G 4 .   ? 19.563  9.068   -0.290  1.00 26.39 ? 154 HOH A O   1 
HETATM 1276 O  O   . HOH G 4 .   ? 15.039  11.047  -3.542  1.00 26.09 ? 155 HOH A O   1 
HETATM 1277 O  O   . HOH G 4 .   ? 13.957  10.064  -10.379 1.00 23.60 ? 156 HOH A O   1 
HETATM 1278 O  O   . HOH G 4 .   ? 18.566  1.285   -5.159  1.00 27.27 ? 157 HOH A O   1 
HETATM 1279 O  O   . HOH G 4 .   ? 18.939  2.486   -7.513  1.00 28.30 ? 158 HOH A O   1 
HETATM 1280 O  O   . HOH G 4 .   ? 4.671   10.247  -9.148  1.00 32.54 ? 159 HOH A O   1 
HETATM 1281 O  O   . HOH G 4 .   ? 21.064  11.434  -8.395  1.00 28.74 ? 160 HOH A O   1 
HETATM 1282 O  O   . HOH G 4 .   ? 14.052  -0.028  4.435   1.00 51.02 ? 161 HOH A O   1 
HETATM 1283 O  O   . HOH G 4 .   ? 12.848  -2.671  -1.244  1.00 48.64 ? 162 HOH A O   1 
HETATM 1284 O  O   . HOH G 4 .   ? 1.841   -9.859  3.466   1.00 32.93 ? 163 HOH A O   1 
HETATM 1285 O  O   . HOH G 4 .   ? 18.112  -1.418  -6.143  1.00 33.94 ? 164 HOH A O   1 
HETATM 1286 O  O   . HOH G 4 .   ? 12.439  11.334  8.293   1.00 43.55 ? 165 HOH A O   1 
HETATM 1287 O  O   . HOH G 4 .   ? 10.530  3.573   7.423   1.00 44.35 ? 166 HOH A O   1 
HETATM 1288 O  O   . HOH G 4 .   ? 15.763  7.039   1.647   1.00 35.78 ? 167 HOH A O   1 
HETATM 1289 O  O   . HOH G 4 .   ? 8.524   -9.956  8.650   1.00 32.24 ? 168 HOH A O   1 
HETATM 1290 O  O   . HOH G 4 .   ? 17.341  11.257  -11.645 1.00 33.94 ? 169 HOH A O   1 
HETATM 1291 O  O   . HOH G 4 .   ? 7.994   -6.507  11.276  1.00 42.27 ? 170 HOH A O   1 
HETATM 1292 O  O   . HOH G 4 .   ? 9.829   4.884   -16.206 1.00 40.70 ? 171 HOH A O   1 
HETATM 1293 O  O   . HOH G 4 .   ? 10.184  1.913   -15.599 1.00 49.80 ? 172 HOH A O   1 
HETATM 1294 O  O   . HOH G 4 .   ? 16.971  9.595   0.506   1.00 33.69 ? 173 HOH A O   1 
HETATM 1295 O  O   . HOH G 4 .   ? 16.049  13.042  -5.084  1.00 37.41 ? 174 HOH A O   1 
HETATM 1296 O  O   . HOH G 4 .   ? 20.101  7.001   3.178   1.00 33.16 ? 175 HOH A O   1 
HETATM 1297 O  O   . HOH G 4 .   ? -10.398 -13.570 6.509   1.00 50.56 ? 176 HOH A O   1 
HETATM 1298 O  O   . HOH G 4 .   ? 2.102   10.296  -9.500  1.00 52.88 ? 177 HOH A O   1 
HETATM 1299 O  O   . HOH G 4 .   ? -8.273  -13.445 8.832   1.00 43.60 ? 178 HOH A O   1 
HETATM 1300 O  O   . HOH G 4 .   ? 8.983   -5.342  2.487   1.00 50.84 ? 179 HOH A O   1 
HETATM 1301 O  O   . HOH G 4 .   ? 9.093   -7.381  17.373  1.00 33.16 ? 180 HOH A O   1 
HETATM 1302 O  O   . HOH G 4 .   ? -0.170  -7.101  19.933  1.00 41.92 ? 181 HOH A O   1 
HETATM 1303 O  O   . HOH G 4 .   ? 22.798  3.854   2.315   1.00 49.61 ? 182 HOH A O   1 
HETATM 1304 O  O   . HOH G 4 .   ? 11.262  -10.240 -5.546  1.00 46.98 ? 183 HOH A O   1 
HETATM 1305 O  O   . HOH G 4 .   ? -10.889 -8.266  12.088  1.00 41.34 ? 184 HOH A O   1 
HETATM 1306 O  O   . HOH G 4 .   ? 3.955   9.566   -13.979 1.00 53.57 ? 185 HOH A O   1 
HETATM 1307 O  O   . HOH G 4 .   ? -1.059  -0.486  21.386  1.00 45.71 ? 186 HOH A O   1 
HETATM 1308 O  O   . HOH G 4 .   ? 11.889  6.951   -19.362 1.00 41.89 ? 187 HOH A O   1 
HETATM 1309 O  O   . HOH G 4 .   ? 23.119  2.705   -1.165  1.00 51.76 ? 188 HOH A O   1 
HETATM 1310 O  O   . HOH G 4 .   ? 14.555  0.621   -12.011 1.00 43.37 ? 189 HOH A O   1 
HETATM 1311 O  O   . HOH G 4 .   ? -2.365  -13.903 8.389   1.00 51.88 ? 190 HOH A O   1 
HETATM 1312 O  O   . HOH G 4 .   ? 15.614  -4.511  -2.028  1.00 49.64 ? 191 HOH A O   1 
HETATM 1313 O  O   . HOH G 4 .   ? 15.853  2.627   3.684   1.00 55.22 ? 192 HOH A O   1 
HETATM 1314 O  O   . HOH G 4 .   ? 11.424  -14.958 -4.051  1.00 57.96 ? 193 HOH A O   1 
HETATM 1315 O  O   . HOH G 4 .   ? 16.141  -2.500  -10.663 1.00 39.99 ? 194 HOH A O   1 
HETATM 1316 O  O   . HOH G 4 .   ? 13.772  11.188  1.504   1.00 33.70 ? 195 HOH A O   1 
HETATM 1317 O  O   . HOH G 4 .   ? 7.146   16.659  -5.261  1.00 46.93 ? 196 HOH A O   1 
HETATM 1318 O  O   . HOH G 4 .   ? 16.482  12.867  -8.276  1.00 45.54 ? 197 HOH A O   1 
HETATM 1319 O  O   . HOH G 4 .   ? 5.722   -13.924 -3.084  1.00 54.00 ? 198 HOH A O   1 
HETATM 1320 O  O   . HOH G 4 .   ? -3.721  -1.969  -8.381  1.00 59.50 ? 199 HOH A O   1 
HETATM 1321 O  O   . HOH G 4 .   ? 5.933   15.702  9.226   1.00 47.66 ? 200 HOH A O   1 
HETATM 1322 O  O   . HOH G 4 .   ? 10.416  14.747  7.998   1.00 50.93 ? 201 HOH A O   1 
HETATM 1323 O  O   . HOH G 4 .   ? 18.133  -3.513  -4.166  1.00 57.20 ? 202 HOH A O   1 
HETATM 1324 O  O   . HOH G 4 .   ? 5.487   -0.597  13.925  1.00 59.13 ? 203 HOH A O   1 
HETATM 1325 O  O   . HOH G 4 .   ? 23.686  1.487   3.624   1.00 51.28 ? 204 HOH A O   1 
HETATM 1326 O  O   . HOH G 4 .   ? 21.651  -1.563  -3.315  1.00 49.46 ? 205 HOH A O   1 
HETATM 1327 O  O   . HOH G 4 .   ? 18.087  -2.097  -2.189  1.00 41.41 ? 206 HOH A O   1 
HETATM 1328 O  O   . HOH G 4 .   ? -10.335 -9.989  -2.057  1.00 72.46 ? 207 HOH A O   1 
HETATM 1329 O  O   . HOH G 4 .   ? 20.412  0.361   -8.021  1.00 53.37 ? 208 HOH A O   1 
HETATM 1330 O  O   . HOH G 4 .   ? 0.422   -13.147 0.636   1.00 57.74 ? 209 HOH A O   1 
HETATM 1331 O  O   . HOH G 4 .   ? 10.559  16.867  -2.252  1.00 51.69 ? 210 HOH A O   1 
HETATM 1332 O  O   . HOH G 4 .   ? -15.661 -6.920  -0.075  1.00 60.39 ? 211 HOH A O   1 
HETATM 1333 O  O   . HOH G 4 .   ? 22.702  1.772   -5.471  1.00 52.56 ? 212 HOH A O   1 
HETATM 1334 O  O   . HOH G 4 .   ? 8.369   16.477  8.477   1.00 53.36 ? 213 HOH A O   1 
HETATM 1335 O  O   . HOH G 4 .   ? 13.688  -11.272 -6.380  1.00 65.86 ? 214 HOH A O   1 
HETATM 1336 O  O   . HOH G 4 .   ? 11.045  -1.048  6.686   1.00 64.14 ? 215 HOH A O   1 
HETATM 1337 O  O   . HOH G 4 .   ? 14.512  14.593  -1.597  1.00 53.15 ? 216 HOH A O   1 
HETATM 1338 O  O   . HOH G 4 .   ? 7.433   -9.058  -7.041  1.00 54.31 ? 217 HOH A O   1 
HETATM 1339 O  O   . HOH G 4 .   ? -10.928 -6.265  16.151  1.00 69.12 ? 218 HOH A O   1 
HETATM 1340 O  O   . HOH G 4 .   ? -6.600  -14.753 6.017   1.00 61.44 ? 219 HOH A O   1 
HETATM 1341 O  O   . HOH G 4 .   ? -0.520  -5.821  23.328  1.00 36.30 ? 220 HOH A O   1 
HETATM 1342 O  O   . HOH G 4 .   ? 2.507   -8.720  -17.618 1.00 61.75 ? 221 HOH A O   1 
HETATM 1343 O  O   . HOH G 4 .   ? 9.160   -2.184  13.739  1.00 62.96 ? 222 HOH A O   1 
HETATM 1344 O  O   . HOH G 4 .   ? 17.441  0.703   -12.113 0.50 77.23 ? 223 HOH A O   1 
HETATM 1345 O  O   . HOH G 4 .   ? -11.322 -5.099  13.874  1.00 59.90 ? 224 HOH A O   1 
HETATM 1346 O  O   . HOH G 4 .   ? 3.454   -13.107 1.928   1.00 58.56 ? 225 HOH A O   1 
HETATM 1347 O  O   . HOH G 4 .   ? -18.388 -6.138  6.189   0.50 44.40 ? 226 HOH A O   1 
HETATM 1348 O  O   . HOH G 4 .   ? 24.182  0.322   -1.707  1.00 54.69 ? 227 HOH A O   1 
HETATM 1349 O  O   . HOH G 4 .   ? -8.003  -18.014 8.041   1.00 61.58 ? 228 HOH A O   1 
HETATM 1350 O  O   . HOH G 4 .   ? 2.535   -6.715  14.422  0.50 25.12 ? 229 HOH A O   1 
HETATM 1351 O  O   . HOH H 4 .   ? 1.362   -2.271  -13.523 1.00 63.55 ? 56  HOH B O   1 
HETATM 1352 O  O   . HOH H 4 .   ? 0.737   1.382   14.063  1.00 65.39 ? 61  HOH B O   1 
# 
loop_
_pdbx_poly_seq_scheme.asym_id 
_pdbx_poly_seq_scheme.entity_id 
_pdbx_poly_seq_scheme.seq_id 
_pdbx_poly_seq_scheme.mon_id 
_pdbx_poly_seq_scheme.ndb_seq_num 
_pdbx_poly_seq_scheme.pdb_seq_num 
_pdbx_poly_seq_scheme.auth_seq_num 
_pdbx_poly_seq_scheme.pdb_mon_id 
_pdbx_poly_seq_scheme.auth_mon_id 
_pdbx_poly_seq_scheme.pdb_strand_id 
_pdbx_poly_seq_scheme.pdb_ins_code 
_pdbx_poly_seq_scheme.hetero 
A 1 1   ALA 1   1   ?   ?   ?   A . n 
A 1 2   ASP 2   2   ?   ?   ?   A . n 
A 1 3   GLN 3   3   3   GLN GLN A . n 
A 1 4   LEU 4   4   4   LEU LEU A . n 
A 1 5   THR 5   5   5   THR THR A . n 
A 1 6   GLU 6   6   6   GLU GLU A . n 
A 1 7   GLU 7   7   7   GLU GLU A . n 
A 1 8   GLN 8   8   8   GLN GLN A . n 
A 1 9   ILE 9   9   9   ILE ILE A . n 
A 1 10  ALA 10  10  10  ALA ALA A . n 
A 1 11  GLU 11  11  11  GLU GLU A . n 
A 1 12  PHE 12  12  12  PHE PHE A . n 
A 1 13  LYS 13  13  13  LYS LYS A . n 
A 1 14  GLU 14  14  14  GLU GLU A . n 
A 1 15  ALA 15  15  15  ALA ALA A . n 
A 1 16  PHE 16  16  16  PHE PHE A . n 
A 1 17  SER 17  17  17  SER SER A . n 
A 1 18  LEU 18  18  18  LEU LEU A . n 
A 1 19  PHE 19  19  19  PHE PHE A . n 
A 1 20  ASP 20  20  20  ASP ASP A . n 
A 1 21  LYS 21  21  21  LYS LYS A . n 
A 1 22  ASP 22  22  22  ASP ASP A . n 
A 1 23  GLY 23  23  23  GLY GLY A . n 
A 1 24  ASP 24  24  24  ASP ASP A . n 
A 1 25  GLY 25  25  25  GLY GLY A . n 
A 1 26  THR 26  26  26  THR THR A . n 
A 1 27  ILE 27  27  27  ILE ILE A . n 
A 1 28  THR 28  28  28  THR THR A . n 
A 1 29  THR 29  29  29  THR THR A . n 
A 1 30  LYS 30  30  30  LYS LYS A . n 
A 1 31  GLU 31  31  31  GLU GLU A . n 
A 1 32  LEU 32  32  32  LEU LEU A . n 
A 1 33  GLY 33  33  33  GLY GLY A . n 
A 1 34  THR 34  34  34  THR THR A . n 
A 1 35  VAL 35  35  35  VAL VAL A . n 
A 1 36  MET 36  36  36  MET MET A . n 
A 1 37  ARG 37  37  37  ARG ARG A . n 
A 1 38  SER 38  38  38  SER SER A . n 
A 1 39  LEU 39  39  39  LEU LEU A . n 
A 1 40  GLY 40  40  40  GLY GLY A . n 
A 1 41  GLN 41  41  41  GLN GLN A . n 
A 1 42  ASN 42  42  42  ASN ASN A . n 
A 1 43  PRO 43  43  43  PRO PRO A . n 
A 1 44  THR 44  44  44  THR THR A . n 
A 1 45  GLU 45  45  45  GLU GLU A . n 
A 1 46  ALA 46  46  46  ALA ALA A . n 
A 1 47  GLU 47  47  47  GLU GLU A . n 
A 1 48  LEU 48  48  48  LEU LEU A . n 
A 1 49  GLN 49  49  49  GLN GLN A . n 
A 1 50  ASP 50  50  50  ASP ASP A . n 
A 1 51  MET 51  51  51  MET MET A . n 
A 1 52  ILE 52  52  52  ILE ILE A . n 
A 1 53  ASN 53  53  53  ASN ASN A . n 
A 1 54  GLU 54  54  54  GLU GLU A . n 
A 1 55  VAL 55  55  55  VAL VAL A . n 
A 1 56  ASP 56  56  56  ASP ASP A . n 
A 1 57  ALA 57  57  57  ALA ALA A . n 
A 1 58  ASP 58  58  58  ASP ASP A . n 
A 1 59  GLY 59  59  59  GLY GLY A . n 
A 1 60  ASN 60  60  60  ASN ASN A . n 
A 1 61  GLY 61  61  61  GLY GLY A . n 
A 1 62  THR 62  62  62  THR THR A . n 
A 1 63  ILE 63  63  63  ILE ILE A . n 
A 1 64  ASP 64  64  64  ASP ASP A . n 
A 1 65  PHE 65  65  65  PHE PHE A . n 
A 1 66  PRO 66  66  66  PRO PRO A . n 
A 1 67  GLU 67  67  67  GLU GLU A . n 
A 1 68  PHE 68  68  68  PHE PHE A . n 
A 1 69  LEU 69  69  69  LEU LEU A . n 
A 1 70  THR 70  70  70  THR THR A . n 
A 1 71  MET 71  71  71  MET MET A . n 
A 1 72  MET 72  72  72  MET MET A . n 
A 1 73  ALA 73  73  73  ALA ALA A . n 
A 1 74  ARG 74  74  ?   ?   ?   A . n 
A 1 75  LYS 75  75  ?   ?   ?   A . n 
A 1 76  MET 76  76  ?   ?   ?   A . n 
A 1 77  LYS 77  77  ?   ?   ?   A . n 
A 1 78  ASP 78  78  ?   ?   ?   A . n 
A 1 79  THR 79  79  ?   ?   ?   A . n 
A 1 80  ASP 80  80  ?   ?   ?   A . n 
A 1 81  SER 81  81  81  SER SER A . n 
A 1 82  GLU 82  82  82  GLU GLU A . n 
A 1 83  GLU 83  83  83  GLU GLU A . n 
A 1 84  GLU 84  84  84  GLU GLU A . n 
A 1 85  ILE 85  85  85  ILE ILE A . n 
A 1 86  ARG 86  86  86  ARG ARG A . n 
A 1 87  GLU 87  87  87  GLU GLU A . n 
A 1 88  ALA 88  88  88  ALA ALA A . n 
A 1 89  PHE 89  89  89  PHE PHE A . n 
A 1 90  ARG 90  90  90  ARG ARG A . n 
A 1 91  VAL 91  91  91  VAL VAL A . n 
A 1 92  PHE 92  92  92  PHE PHE A . n 
A 1 93  ASP 93  93  93  ASP ASP A . n 
A 1 94  LYS 94  94  94  LYS LYS A . n 
A 1 95  ASP 95  95  95  ASP ASP A . n 
A 1 96  GLY 96  96  96  GLY GLY A . n 
A 1 97  ASN 97  97  97  ASN ASN A . n 
A 1 98  GLY 98  98  98  GLY GLY A . n 
A 1 99  TYR 99  99  99  TYR TYR A . n 
A 1 100 ILE 100 100 100 ILE ILE A . n 
A 1 101 SER 101 101 101 SER SER A . n 
A 1 102 ALA 102 102 102 ALA ALA A . n 
A 1 103 ALA 103 103 103 ALA ALA A . n 
A 1 104 GLU 104 104 104 GLU GLU A . n 
A 1 105 LEU 105 105 105 LEU LEU A . n 
A 1 106 ARG 106 106 106 ARG ARG A . n 
A 1 107 HIS 107 107 107 HIS HIS A . n 
A 1 108 VAL 108 108 108 VAL VAL A . n 
A 1 109 MET 109 109 109 MET MET A . n 
A 1 110 THR 110 110 110 THR THR A . n 
A 1 111 ASN 111 111 111 ASN ASN A . n 
A 1 112 LEU 112 112 112 LEU LEU A . n 
A 1 113 GLY 113 113 113 GLY GLY A . n 
A 1 114 GLU 114 114 114 GLU GLU A . n 
A 1 115 LYS 115 115 115 LYS LYS A . n 
A 1 116 LEU 116 116 116 LEU LEU A . n 
A 1 117 THR 117 117 117 THR THR A . n 
A 1 118 ASP 118 118 118 ASP ASP A . n 
A 1 119 GLU 119 119 119 GLU GLU A . n 
A 1 120 GLU 120 120 120 GLU GLU A . n 
A 1 121 VAL 121 121 121 VAL VAL A . n 
A 1 122 ASP 122 122 122 ASP ASP A . n 
A 1 123 GLU 123 123 123 GLU GLU A . n 
A 1 124 MET 124 124 124 MET MET A . n 
A 1 125 ILE 125 125 125 ILE ILE A . n 
A 1 126 ARG 126 126 126 ARG ARG A . n 
A 1 127 GLU 127 127 127 GLU GLU A . n 
A 1 128 ALA 128 128 128 ALA ALA A . n 
A 1 129 ASP 129 129 129 ASP ASP A . n 
A 1 130 ILE 130 130 130 ILE ILE A . n 
A 1 131 ASP 131 131 131 ASP ASP A . n 
A 1 132 GLY 132 132 132 GLY GLY A . n 
A 1 133 ASP 133 133 133 ASP ASP A . n 
A 1 134 GLY 134 134 134 GLY GLY A . n 
A 1 135 GLN 135 135 135 GLN GLN A . n 
A 1 136 VAL 136 136 136 VAL VAL A . n 
A 1 137 ASN 137 137 137 ASN ASN A . n 
A 1 138 TYR 138 138 138 TYR TYR A . n 
A 1 139 GLU 139 139 139 GLU GLU A . n 
A 1 140 GLU 140 140 140 GLU GLU A . n 
A 1 141 PHE 141 141 141 PHE PHE A . n 
A 1 142 VAL 142 142 142 VAL VAL A . n 
A 1 143 GLN 143 143 143 GLN GLN A . n 
A 1 144 MET 144 144 144 MET MET A . n 
A 1 145 MET 145 145 145 MET MET A . n 
A 1 146 THR 146 146 146 THR THR A . n 
A 1 147 ALA 147 147 ?   ?   ?   A . n 
A 1 148 LYS 148 148 ?   ?   ?   A . n 
B 2 1   LYS 1   875 875 LYS LYS B . n 
B 2 2   LYS 2   876 876 LYS LYS B . n 
B 2 3   LYS 3   877 877 LYS LYS B . n 
B 2 4   ALA 4   878 878 ALA ALA B . n 
B 2 5   THR 5   879 879 THR THR B . n 
B 2 6   PHE 6   880 880 PHE PHE B . n 
B 2 7   ARG 7   881 881 ARG ARG B . n 
B 2 8   ALA 8   882 882 ALA ALA B . n 
B 2 9   ILE 9   883 883 ILE ILE B . n 
B 2 10  THR 10  884 884 THR THR B . n 
B 2 11  SER 11  885 885 SER SER B . n 
B 2 12  THR 12  886 886 THR THR B . n 
B 2 13  LEU 13  887 887 LEU LEU B . n 
B 2 14  ALA 14  888 888 ALA ALA B . n 
B 2 15  SER 15  889 889 SER SER B . n 
B 2 16  SER 16  890 890 SER SER B . n 
B 2 17  PHE 17  891 891 PHE PHE B . n 
B 2 18  LYS 18  892 892 LYS LYS B . n 
B 2 19  ARG 19  893 893 ARG ARG B . n 
B 2 20  ARG 20  894 894 ARG ARG B . n 
B 2 21  ARG 21  895 ?   ?   ?   B . n 
B 2 22  SER 22  896 ?   ?   ?   B . n 
B 2 23  SER 23  897 ?   ?   ?   B . n 
B 2 24  LYS 24  898 ?   ?   ?   B . n 
# 
loop_
_pdbx_nonpoly_scheme.asym_id 
_pdbx_nonpoly_scheme.entity_id 
_pdbx_nonpoly_scheme.mon_id 
_pdbx_nonpoly_scheme.ndb_seq_num 
_pdbx_nonpoly_scheme.pdb_seq_num 
_pdbx_nonpoly_scheme.auth_seq_num 
_pdbx_nonpoly_scheme.pdb_mon_id 
_pdbx_nonpoly_scheme.auth_mon_id 
_pdbx_nonpoly_scheme.pdb_strand_id 
_pdbx_nonpoly_scheme.pdb_ins_code 
C 3 CA  1  149 1  CA  CA  A . 
D 3 CA  1  150 2  CA  CA  A . 
E 3 CA  1  151 3  CA  CA  A . 
F 3 CA  1  152 4  CA  CA  A . 
G 4 HOH 1  153 1  HOH HOH A . 
G 4 HOH 2  154 2  HOH HOH A . 
G 4 HOH 3  155 3  HOH HOH A . 
G 4 HOH 4  156 4  HOH HOH A . 
G 4 HOH 5  157 5  HOH HOH A . 
G 4 HOH 6  158 6  HOH HOH A . 
G 4 HOH 7  159 7  HOH HOH A . 
G 4 HOH 8  160 8  HOH HOH A . 
G 4 HOH 9  161 9  HOH HOH A . 
G 4 HOH 10 162 10 HOH HOH A . 
G 4 HOH 11 163 11 HOH HOH A . 
G 4 HOH 12 164 12 HOH HOH A . 
G 4 HOH 13 165 13 HOH HOH A . 
G 4 HOH 14 166 14 HOH HOH A . 
G 4 HOH 15 167 15 HOH HOH A . 
G 4 HOH 16 168 16 HOH HOH A . 
G 4 HOH 17 169 17 HOH HOH A . 
G 4 HOH 18 170 18 HOH HOH A . 
G 4 HOH 19 171 19 HOH HOH A . 
G 4 HOH 20 172 20 HOH HOH A . 
G 4 HOH 21 173 21 HOH HOH A . 
G 4 HOH 22 174 22 HOH HOH A . 
G 4 HOH 23 175 23 HOH HOH A . 
G 4 HOH 24 176 24 HOH HOH A . 
G 4 HOH 25 177 25 HOH HOH A . 
G 4 HOH 26 178 26 HOH HOH A . 
G 4 HOH 27 179 27 HOH HOH A . 
G 4 HOH 28 180 28 HOH HOH A . 
G 4 HOH 29 181 29 HOH HOH A . 
G 4 HOH 30 182 30 HOH HOH A . 
G 4 HOH 31 183 31 HOH HOH A . 
G 4 HOH 32 184 32 HOH HOH A . 
G 4 HOH 33 185 33 HOH HOH A . 
G 4 HOH 34 186 34 HOH HOH A . 
G 4 HOH 35 187 35 HOH HOH A . 
G 4 HOH 36 188 36 HOH HOH A . 
G 4 HOH 37 189 37 HOH HOH A . 
G 4 HOH 38 190 38 HOH HOH A . 
G 4 HOH 39 191 39 HOH HOH A . 
G 4 HOH 40 192 40 HOH HOH A . 
G 4 HOH 41 193 41 HOH HOH A . 
G 4 HOH 42 194 42 HOH HOH A . 
G 4 HOH 43 195 43 HOH HOH A . 
G 4 HOH 44 196 44 HOH HOH A . 
G 4 HOH 45 197 45 HOH HOH A . 
G 4 HOH 46 198 46 HOH HOH A . 
G 4 HOH 47 199 47 HOH HOH A . 
G 4 HOH 48 200 48 HOH HOH A . 
G 4 HOH 49 201 49 HOH HOH A . 
G 4 HOH 50 202 50 HOH HOH A . 
G 4 HOH 51 203 51 HOH HOH A . 
G 4 HOH 52 204 52 HOH HOH A . 
G 4 HOH 53 205 53 HOH HOH A . 
G 4 HOH 54 206 54 HOH HOH A . 
G 4 HOH 55 207 55 HOH HOH A . 
G 4 HOH 56 208 57 HOH HOH A . 
G 4 HOH 57 209 58 HOH HOH A . 
G 4 HOH 58 210 59 HOH HOH A . 
G 4 HOH 59 211 60 HOH HOH A . 
G 4 HOH 60 212 62 HOH HOH A . 
G 4 HOH 61 213 63 HOH HOH A . 
G 4 HOH 62 214 64 HOH HOH A . 
G 4 HOH 63 215 65 HOH HOH A . 
G 4 HOH 64 216 66 HOH HOH A . 
G 4 HOH 65 217 67 HOH HOH A . 
G 4 HOH 66 218 68 HOH HOH A . 
G 4 HOH 67 219 69 HOH HOH A . 
G 4 HOH 68 220 70 HOH HOH A . 
G 4 HOH 69 221 71 HOH HOH A . 
G 4 HOH 70 222 72 HOH HOH A . 
G 4 HOH 71 223 73 HOH HOH A . 
G 4 HOH 72 224 74 HOH HOH A . 
G 4 HOH 73 225 75 HOH HOH A . 
G 4 HOH 74 226 76 HOH HOH A . 
G 4 HOH 75 227 77 HOH HOH A . 
G 4 HOH 76 228 78 HOH HOH A . 
G 4 HOH 77 229 79 HOH HOH A . 
H 4 HOH 1  56  56 HOH HOH B . 
H 4 HOH 2  61  61 HOH HOH B . 
# 
_pdbx_struct_assembly.id                   1 
_pdbx_struct_assembly.details              author_and_software_defined_assembly 
_pdbx_struct_assembly.method_details       PISA 
_pdbx_struct_assembly.oligomeric_details   dimeric 
_pdbx_struct_assembly.oligomeric_count     2 
# 
_pdbx_struct_assembly_gen.assembly_id       1 
_pdbx_struct_assembly_gen.oper_expression   1 
_pdbx_struct_assembly_gen.asym_id_list      A,B,C,D,E,F,G,H 
# 
_pdbx_struct_assembly_prop.biol_id   1 
_pdbx_struct_assembly_prop.type      'ABSA (A^2)' 
_pdbx_struct_assembly_prop.value     3080 
_pdbx_struct_assembly_prop.details   ? 
# 
_pdbx_struct_oper_list.id                   1 
_pdbx_struct_oper_list.type                 'identity operation' 
_pdbx_struct_oper_list.name                 1_555 
_pdbx_struct_oper_list.symmetry_operation   x,y,z 
_pdbx_struct_oper_list.matrix[1][1]         1.0000000000 
_pdbx_struct_oper_list.matrix[1][2]         0.0000000000 
_pdbx_struct_oper_list.matrix[1][3]         0.0000000000 
_pdbx_struct_oper_list.vector[1]            0.0000000000 
_pdbx_struct_oper_list.matrix[2][1]         0.0000000000 
_pdbx_struct_oper_list.matrix[2][2]         1.0000000000 
_pdbx_struct_oper_list.matrix[2][3]         0.0000000000 
_pdbx_struct_oper_list.vector[2]            0.0000000000 
_pdbx_struct_oper_list.matrix[3][1]         0.0000000000 
_pdbx_struct_oper_list.matrix[3][2]         0.0000000000 
_pdbx_struct_oper_list.matrix[3][3]         1.0000000000 
_pdbx_struct_oper_list.vector[3]            0.0000000000 
# 
loop_
_pdbx_struct_special_symmetry.id 
_pdbx_struct_special_symmetry.PDB_model_num 
_pdbx_struct_special_symmetry.auth_asym_id 
_pdbx_struct_special_symmetry.auth_comp_id 
_pdbx_struct_special_symmetry.auth_seq_id 
_pdbx_struct_special_symmetry.PDB_ins_code 
_pdbx_struct_special_symmetry.label_asym_id 
_pdbx_struct_special_symmetry.label_comp_id 
_pdbx_struct_special_symmetry.label_seq_id 
1 1 A HOH 153 ? G HOH . 
2 1 A HOH 223 ? G HOH . 
# 
loop_
_pdbx_struct_conn_angle.id 
_pdbx_struct_conn_angle.ptnr1_label_atom_id 
_pdbx_struct_conn_angle.ptnr1_label_alt_id 
_pdbx_struct_conn_angle.ptnr1_label_asym_id 
_pdbx_struct_conn_angle.ptnr1_label_comp_id 
_pdbx_struct_conn_angle.ptnr1_label_seq_id 
_pdbx_struct_conn_angle.ptnr1_auth_atom_id 
_pdbx_struct_conn_angle.ptnr1_auth_asym_id 
_pdbx_struct_conn_angle.ptnr1_auth_comp_id 
_pdbx_struct_conn_angle.ptnr1_auth_seq_id 
_pdbx_struct_conn_angle.ptnr1_PDB_ins_code 
_pdbx_struct_conn_angle.ptnr1_symmetry 
_pdbx_struct_conn_angle.ptnr2_label_atom_id 
_pdbx_struct_conn_angle.ptnr2_label_alt_id 
_pdbx_struct_conn_angle.ptnr2_label_asym_id 
_pdbx_struct_conn_angle.ptnr2_label_comp_id 
_pdbx_struct_conn_angle.ptnr2_label_seq_id 
_pdbx_struct_conn_angle.ptnr2_auth_atom_id 
_pdbx_struct_conn_angle.ptnr2_auth_asym_id 
_pdbx_struct_conn_angle.ptnr2_auth_comp_id 
_pdbx_struct_conn_angle.ptnr2_auth_seq_id 
_pdbx_struct_conn_angle.ptnr2_PDB_ins_code 
_pdbx_struct_conn_angle.ptnr2_symmetry 
_pdbx_struct_conn_angle.ptnr3_label_atom_id 
_pdbx_struct_conn_angle.ptnr3_label_alt_id 
_pdbx_struct_conn_angle.ptnr3_label_asym_id 
_pdbx_struct_conn_angle.ptnr3_label_comp_id 
_pdbx_struct_conn_angle.ptnr3_label_seq_id 
_pdbx_struct_conn_angle.ptnr3_auth_atom_id 
_pdbx_struct_conn_angle.ptnr3_auth_asym_id 
_pdbx_struct_conn_angle.ptnr3_auth_comp_id 
_pdbx_struct_conn_angle.ptnr3_auth_seq_id 
_pdbx_struct_conn_angle.ptnr3_PDB_ins_code 
_pdbx_struct_conn_angle.ptnr3_symmetry 
_pdbx_struct_conn_angle.value 
_pdbx_struct_conn_angle.value_esd 
1  OD1 ? A ASP 20  ? A ASP 20  ? 1_555 CA ? F CA . ? A CA 152 ? 1_555 OD1 ? A ASP 22  ? A ASP 22  ? 1_555 87.6  ? 
2  OD1 ? A ASP 20  ? A ASP 20  ? 1_555 CA ? F CA . ? A CA 152 ? 1_555 OD1 ? A ASP 24  ? A ASP 24  ? 1_555 90.5  ? 
3  OD1 ? A ASP 22  ? A ASP 22  ? 1_555 CA ? F CA . ? A CA 152 ? 1_555 OD1 ? A ASP 24  ? A ASP 24  ? 1_555 80.0  ? 
4  OD1 ? A ASP 20  ? A ASP 20  ? 1_555 CA ? F CA . ? A CA 152 ? 1_555 O   ? A THR 26  ? A THR 26  ? 1_555 79.6  ? 
5  OD1 ? A ASP 22  ? A ASP 22  ? 1_555 CA ? F CA . ? A CA 152 ? 1_555 O   ? A THR 26  ? A THR 26  ? 1_555 159.0 ? 
6  OD1 ? A ASP 24  ? A ASP 24  ? 1_555 CA ? F CA . ? A CA 152 ? 1_555 O   ? A THR 26  ? A THR 26  ? 1_555 83.5  ? 
7  OD1 ? A ASP 20  ? A ASP 20  ? 1_555 CA ? F CA . ? A CA 152 ? 1_555 OE1 ? A GLU 31  ? A GLU 31  ? 1_555 106.2 ? 
8  OD1 ? A ASP 22  ? A ASP 22  ? 1_555 CA ? F CA . ? A CA 152 ? 1_555 OE1 ? A GLU 31  ? A GLU 31  ? 1_555 128.0 ? 
9  OD1 ? A ASP 24  ? A ASP 24  ? 1_555 CA ? F CA . ? A CA 152 ? 1_555 OE1 ? A GLU 31  ? A GLU 31  ? 1_555 146.9 ? 
10 O   ? A THR 26  ? A THR 26  ? 1_555 CA ? F CA . ? A CA 152 ? 1_555 OE1 ? A GLU 31  ? A GLU 31  ? 1_555 72.1  ? 
11 OD1 ? A ASP 20  ? A ASP 20  ? 1_555 CA ? F CA . ? A CA 152 ? 1_555 OE2 ? A GLU 31  ? A GLU 31  ? 1_555 95.1  ? 
12 OD1 ? A ASP 22  ? A ASP 22  ? 1_555 CA ? F CA . ? A CA 152 ? 1_555 OE2 ? A GLU 31  ? A GLU 31  ? 1_555 78.4  ? 
13 OD1 ? A ASP 24  ? A ASP 24  ? 1_555 CA ? F CA . ? A CA 152 ? 1_555 OE2 ? A GLU 31  ? A GLU 31  ? 1_555 157.4 ? 
14 O   ? A THR 26  ? A THR 26  ? 1_555 CA ? F CA . ? A CA 152 ? 1_555 OE2 ? A GLU 31  ? A GLU 31  ? 1_555 119.1 ? 
15 OE1 ? A GLU 31  ? A GLU 31  ? 1_555 CA ? F CA . ? A CA 152 ? 1_555 OE2 ? A GLU 31  ? A GLU 31  ? 1_555 51.1  ? 
16 OD1 ? A ASP 20  ? A ASP 20  ? 1_555 CA ? F CA . ? A CA 152 ? 1_555 O   ? G HOH .   ? A HOH 176 ? 1_555 164.9 ? 
17 OD1 ? A ASP 22  ? A ASP 22  ? 1_555 CA ? F CA . ? A CA 152 ? 1_555 O   ? G HOH .   ? A HOH 176 ? 1_555 77.9  ? 
18 OD1 ? A ASP 24  ? A ASP 24  ? 1_555 CA ? F CA . ? A CA 152 ? 1_555 O   ? G HOH .   ? A HOH 176 ? 1_555 82.9  ? 
19 O   ? A THR 26  ? A THR 26  ? 1_555 CA ? F CA . ? A CA 152 ? 1_555 O   ? G HOH .   ? A HOH 176 ? 1_555 112.9 ? 
20 OE1 ? A GLU 31  ? A GLU 31  ? 1_555 CA ? F CA . ? A CA 152 ? 1_555 O   ? G HOH .   ? A HOH 176 ? 1_555 86.3  ? 
21 OE2 ? A GLU 31  ? A GLU 31  ? 1_555 CA ? F CA . ? A CA 152 ? 1_555 O   ? G HOH .   ? A HOH 176 ? 1_555 86.3  ? 
22 OD1 ? A ASP 56  ? A ASP 56  ? 1_555 CA ? E CA . ? A CA 151 ? 1_555 OD1 ? A ASP 58  ? A ASP 58  ? 1_555 83.0  ? 
23 OD1 ? A ASP 56  ? A ASP 56  ? 1_555 CA ? E CA . ? A CA 151 ? 1_555 OD1 ? A ASN 60  ? A ASN 60  ? 1_555 87.1  ? 
24 OD1 ? A ASP 58  ? A ASP 58  ? 1_555 CA ? E CA . ? A CA 151 ? 1_555 OD1 ? A ASN 60  ? A ASN 60  ? 1_555 76.0  ? 
25 OD1 ? A ASP 56  ? A ASP 56  ? 1_555 CA ? E CA . ? A CA 151 ? 1_555 O   ? A THR 62  ? A THR 62  ? 1_555 75.1  ? 
26 OD1 ? A ASP 58  ? A ASP 58  ? 1_555 CA ? E CA . ? A CA 151 ? 1_555 O   ? A THR 62  ? A THR 62  ? 1_555 150.8 ? 
27 OD1 ? A ASN 60  ? A ASN 60  ? 1_555 CA ? E CA . ? A CA 151 ? 1_555 O   ? A THR 62  ? A THR 62  ? 1_555 83.8  ? 
28 OD1 ? A ASP 56  ? A ASP 56  ? 1_555 CA ? E CA . ? A CA 151 ? 1_555 OE1 ? A GLU 67  ? A GLU 67  ? 1_555 71.6  ? 
29 OD1 ? A ASP 58  ? A ASP 58  ? 1_555 CA ? E CA . ? A CA 151 ? 1_555 OE1 ? A GLU 67  ? A GLU 67  ? 1_555 118.6 ? 
30 OD1 ? A ASN 60  ? A ASN 60  ? 1_555 CA ? E CA . ? A CA 151 ? 1_555 OE1 ? A GLU 67  ? A GLU 67  ? 1_555 151.4 ? 
31 O   ? A THR 62  ? A THR 62  ? 1_555 CA ? E CA . ? A CA 151 ? 1_555 OE1 ? A GLU 67  ? A GLU 67  ? 1_555 72.6  ? 
32 OD1 ? A ASP 56  ? A ASP 56  ? 1_555 CA ? E CA . ? A CA 151 ? 1_555 OE2 ? A GLU 67  ? A GLU 67  ? 1_555 85.3  ? 
33 OD1 ? A ASP 58  ? A ASP 58  ? 1_555 CA ? E CA . ? A CA 151 ? 1_555 OE2 ? A GLU 67  ? A GLU 67  ? 1_555 76.5  ? 
34 OD1 ? A ASN 60  ? A ASN 60  ? 1_555 CA ? E CA . ? A CA 151 ? 1_555 OE2 ? A GLU 67  ? A GLU 67  ? 1_555 152.2 ? 
35 O   ? A THR 62  ? A THR 62  ? 1_555 CA ? E CA . ? A CA 151 ? 1_555 OE2 ? A GLU 67  ? A GLU 67  ? 1_555 119.8 ? 
36 OE1 ? A GLU 67  ? A GLU 67  ? 1_555 CA ? E CA . ? A CA 151 ? 1_555 OE2 ? A GLU 67  ? A GLU 67  ? 1_555 47.2  ? 
37 OD1 ? A ASP 56  ? A ASP 56  ? 1_555 CA ? E CA . ? A CA 151 ? 1_555 O   ? G HOH .   ? A HOH 226 ? 1_555 167.5 ? 
38 OD1 ? A ASP 58  ? A ASP 58  ? 1_555 CA ? E CA . ? A CA 151 ? 1_555 O   ? G HOH .   ? A HOH 226 ? 1_555 85.2  ? 
39 OD1 ? A ASN 60  ? A ASN 60  ? 1_555 CA ? E CA . ? A CA 151 ? 1_555 O   ? G HOH .   ? A HOH 226 ? 1_555 86.0  ? 
40 O   ? A THR 62  ? A THR 62  ? 1_555 CA ? E CA . ? A CA 151 ? 1_555 O   ? G HOH .   ? A HOH 226 ? 1_555 114.3 ? 
41 OE1 ? A GLU 67  ? A GLU 67  ? 1_555 CA ? E CA . ? A CA 151 ? 1_555 O   ? G HOH .   ? A HOH 226 ? 1_555 118.2 ? 
42 OE2 ? A GLU 67  ? A GLU 67  ? 1_555 CA ? E CA . ? A CA 151 ? 1_555 O   ? G HOH .   ? A HOH 226 ? 1_555 96.1  ? 
43 OD1 ? A ASP 93  ? A ASP 93  ? 1_555 CA ? D CA . ? A CA 150 ? 1_555 OD1 ? A ASP 95  ? A ASP 95  ? 1_555 85.6  ? 
44 OD1 ? A ASP 93  ? A ASP 93  ? 1_555 CA ? D CA . ? A CA 150 ? 1_555 OD1 ? A ASN 97  ? A ASN 97  ? 1_555 86.6  ? 
45 OD1 ? A ASP 95  ? A ASP 95  ? 1_555 CA ? D CA . ? A CA 150 ? 1_555 OD1 ? A ASN 97  ? A ASN 97  ? 1_555 77.7  ? 
46 OD1 ? A ASP 93  ? A ASP 93  ? 1_555 CA ? D CA . ? A CA 150 ? 1_555 O   ? A TYR 99  ? A TYR 99  ? 1_555 85.9  ? 
47 OD1 ? A ASP 95  ? A ASP 95  ? 1_555 CA ? D CA . ? A CA 150 ? 1_555 O   ? A TYR 99  ? A TYR 99  ? 1_555 154.2 ? 
48 OD1 ? A ASN 97  ? A ASN 97  ? 1_555 CA ? D CA . ? A CA 150 ? 1_555 O   ? A TYR 99  ? A TYR 99  ? 1_555 77.5  ? 
49 OD1 ? A ASP 93  ? A ASP 93  ? 1_555 CA ? D CA . ? A CA 150 ? 1_555 OE1 ? A GLU 104 ? A GLU 104 ? 1_555 105.8 ? 
50 OD1 ? A ASP 95  ? A ASP 95  ? 1_555 CA ? D CA . ? A CA 150 ? 1_555 OE1 ? A GLU 104 ? A GLU 104 ? 1_555 127.9 ? 
51 OD1 ? A ASN 97  ? A ASN 97  ? 1_555 CA ? D CA . ? A CA 150 ? 1_555 OE1 ? A GLU 104 ? A GLU 104 ? 1_555 151.5 ? 
52 O   ? A TYR 99  ? A TYR 99  ? 1_555 CA ? D CA . ? A CA 150 ? 1_555 OE1 ? A GLU 104 ? A GLU 104 ? 1_555 77.9  ? 
53 OD1 ? A ASP 93  ? A ASP 93  ? 1_555 CA ? D CA . ? A CA 150 ? 1_555 OE2 ? A GLU 104 ? A GLU 104 ? 1_555 100.3 ? 
54 OD1 ? A ASP 95  ? A ASP 95  ? 1_555 CA ? D CA . ? A CA 150 ? 1_555 OE2 ? A GLU 104 ? A GLU 104 ? 1_555 74.6  ? 
55 OD1 ? A ASN 97  ? A ASN 97  ? 1_555 CA ? D CA . ? A CA 150 ? 1_555 OE2 ? A GLU 104 ? A GLU 104 ? 1_555 150.8 ? 
56 O   ? A TYR 99  ? A TYR 99  ? 1_555 CA ? D CA . ? A CA 150 ? 1_555 OE2 ? A GLU 104 ? A GLU 104 ? 1_555 131.0 ? 
57 OE1 ? A GLU 104 ? A GLU 104 ? 1_555 CA ? D CA . ? A CA 150 ? 1_555 OE2 ? A GLU 104 ? A GLU 104 ? 1_555 53.4  ? 
58 OD1 ? A ASP 93  ? A ASP 93  ? 1_555 CA ? D CA . ? A CA 150 ? 1_555 O   ? G HOH .   ? A HOH 157 ? 1_555 164.2 ? 
59 OD1 ? A ASP 95  ? A ASP 95  ? 1_555 CA ? D CA . ? A CA 150 ? 1_555 O   ? G HOH .   ? A HOH 157 ? 1_555 79.5  ? 
60 OD1 ? A ASN 97  ? A ASN 97  ? 1_555 CA ? D CA . ? A CA 150 ? 1_555 O   ? G HOH .   ? A HOH 157 ? 1_555 85.4  ? 
61 O   ? A TYR 99  ? A TYR 99  ? 1_555 CA ? D CA . ? A CA 150 ? 1_555 O   ? G HOH .   ? A HOH 157 ? 1_555 105.5 ? 
62 OE1 ? A GLU 104 ? A GLU 104 ? 1_555 CA ? D CA . ? A CA 150 ? 1_555 O   ? G HOH .   ? A HOH 157 ? 1_555 87.5  ? 
63 OE2 ? A GLU 104 ? A GLU 104 ? 1_555 CA ? D CA . ? A CA 150 ? 1_555 O   ? G HOH .   ? A HOH 157 ? 1_555 80.6  ? 
64 OD1 ? A ASP 129 ? A ASP 129 ? 1_555 CA ? C CA . ? A CA 149 ? 1_555 OD1 ? A ASP 131 ? A ASP 131 ? 1_555 82.9  ? 
65 OD1 ? A ASP 129 ? A ASP 129 ? 1_555 CA ? C CA . ? A CA 149 ? 1_555 OD1 ? A ASP 133 ? A ASP 133 ? 1_555 96.9  ? 
66 OD1 ? A ASP 131 ? A ASP 131 ? 1_555 CA ? C CA . ? A CA 149 ? 1_555 OD1 ? A ASP 133 ? A ASP 133 ? 1_555 79.4  ? 
67 OD1 ? A ASP 129 ? A ASP 129 ? 1_555 CA ? C CA . ? A CA 149 ? 1_555 O   ? A GLN 135 ? A GLN 135 ? 1_555 86.4  ? 
68 OD1 ? A ASP 131 ? A ASP 131 ? 1_555 CA ? C CA . ? A CA 149 ? 1_555 O   ? A GLN 135 ? A GLN 135 ? 1_555 156.4 ? 
69 OD1 ? A ASP 133 ? A ASP 133 ? 1_555 CA ? C CA . ? A CA 149 ? 1_555 O   ? A GLN 135 ? A GLN 135 ? 1_555 81.1  ? 
70 OD1 ? A ASP 129 ? A ASP 129 ? 1_555 CA ? C CA . ? A CA 149 ? 1_555 OE1 ? A GLU 140 ? A GLU 140 ? 1_555 107.2 ? 
71 OD1 ? A ASP 131 ? A ASP 131 ? 1_555 CA ? C CA . ? A CA 149 ? 1_555 OE1 ? A GLU 140 ? A GLU 140 ? 1_555 124.4 ? 
72 OD1 ? A ASP 133 ? A ASP 133 ? 1_555 CA ? C CA . ? A CA 149 ? 1_555 OE1 ? A GLU 140 ? A GLU 140 ? 1_555 147.3 ? 
73 O   ? A GLN 135 ? A GLN 135 ? 1_555 CA ? C CA . ? A CA 149 ? 1_555 OE1 ? A GLU 140 ? A GLU 140 ? 1_555 78.9  ? 
74 OD1 ? A ASP 129 ? A ASP 129 ? 1_555 CA ? C CA . ? A CA 149 ? 1_555 OE2 ? A GLU 140 ? A GLU 140 ? 1_555 82.8  ? 
75 OD1 ? A ASP 131 ? A ASP 131 ? 1_555 CA ? C CA . ? A CA 149 ? 1_555 OE2 ? A GLU 140 ? A GLU 140 ? 1_555 77.7  ? 
76 OD1 ? A ASP 133 ? A ASP 133 ? 1_555 CA ? C CA . ? A CA 149 ? 1_555 OE2 ? A GLU 140 ? A GLU 140 ? 1_555 156.9 ? 
77 O   ? A GLN 135 ? A GLN 135 ? 1_555 CA ? C CA . ? A CA 149 ? 1_555 OE2 ? A GLU 140 ? A GLU 140 ? 1_555 121.8 ? 
78 OE1 ? A GLU 140 ? A GLU 140 ? 1_555 CA ? C CA . ? A CA 149 ? 1_555 OE2 ? A GLU 140 ? A GLU 140 ? 1_555 51.1  ? 
79 OD1 ? A ASP 129 ? A ASP 129 ? 1_555 CA ? C CA . ? A CA 149 ? 1_555 O   ? G HOH .   ? A HOH 156 ? 1_555 166.1 ? 
80 OD1 ? A ASP 131 ? A ASP 131 ? 1_555 CA ? C CA . ? A CA 149 ? 1_555 O   ? G HOH .   ? A HOH 156 ? 1_555 83.6  ? 
81 OD1 ? A ASP 133 ? A ASP 133 ? 1_555 CA ? C CA . ? A CA 149 ? 1_555 O   ? G HOH .   ? A HOH 156 ? 1_555 77.5  ? 
82 O   ? A GLN 135 ? A GLN 135 ? 1_555 CA ? C CA . ? A CA 149 ? 1_555 O   ? G HOH .   ? A HOH 156 ? 1_555 105.0 ? 
83 OE1 ? A GLU 140 ? A GLU 140 ? 1_555 CA ? C CA . ? A CA 149 ? 1_555 O   ? G HOH .   ? A HOH 156 ? 1_555 83.1  ? 
84 OE2 ? A GLU 140 ? A GLU 140 ? 1_555 CA ? C CA . ? A CA 149 ? 1_555 O   ? G HOH .   ? A HOH 156 ? 1_555 97.3  ? 
# 
loop_
_pdbx_audit_revision_history.ordinal 
_pdbx_audit_revision_history.data_content_type 
_pdbx_audit_revision_history.major_revision 
_pdbx_audit_revision_history.minor_revision 
_pdbx_audit_revision_history.revision_date 
1 'Structure model' 1 0 2009-01-20 
2 'Structure model' 1 1 2011-07-13 
3 'Structure model' 1 2 2023-08-30 
# 
_pdbx_audit_revision_details.ordinal             1 
_pdbx_audit_revision_details.revision_ordinal    1 
_pdbx_audit_revision_details.data_content_type   'Structure model' 
_pdbx_audit_revision_details.provider            repository 
_pdbx_audit_revision_details.type                'Initial release' 
_pdbx_audit_revision_details.description         ? 
_pdbx_audit_revision_details.details             ? 
# 
loop_
_pdbx_audit_revision_group.ordinal 
_pdbx_audit_revision_group.revision_ordinal 
_pdbx_audit_revision_group.data_content_type 
_pdbx_audit_revision_group.group 
1 2 'Structure model' Advisory                    
2 2 'Structure model' 'Version format compliance' 
3 3 'Structure model' 'Data collection'           
4 3 'Structure model' 'Database references'       
5 3 'Structure model' 'Derived calculations'      
6 3 'Structure model' 'Refinement description'    
# 
loop_
_pdbx_audit_revision_category.ordinal 
_pdbx_audit_revision_category.revision_ordinal 
_pdbx_audit_revision_category.data_content_type 
_pdbx_audit_revision_category.category 
1 3 'Structure model' chem_comp_atom                
2 3 'Structure model' chem_comp_bond                
3 3 'Structure model' database_2                    
4 3 'Structure model' pdbx_initial_refinement_model 
5 3 'Structure model' struct_site                   
# 
loop_
_pdbx_audit_revision_item.ordinal 
_pdbx_audit_revision_item.revision_ordinal 
_pdbx_audit_revision_item.data_content_type 
_pdbx_audit_revision_item.item 
1 3 'Structure model' '_database_2.pdbx_DOI'                
2 3 'Structure model' '_database_2.pdbx_database_accession' 
3 3 'Structure model' '_struct_site.pdbx_auth_asym_id'      
4 3 'Structure model' '_struct_site.pdbx_auth_comp_id'      
5 3 'Structure model' '_struct_site.pdbx_auth_seq_id'       
# 
loop_
_pdbx_refine_tls.id 
_pdbx_refine_tls.details 
_pdbx_refine_tls.method 
_pdbx_refine_tls.origin_x 
_pdbx_refine_tls.origin_y 
_pdbx_refine_tls.origin_z 
_pdbx_refine_tls.T[1][1] 
_pdbx_refine_tls.T[2][2] 
_pdbx_refine_tls.T[3][3] 
_pdbx_refine_tls.T[1][2] 
_pdbx_refine_tls.T[1][3] 
_pdbx_refine_tls.T[2][3] 
_pdbx_refine_tls.L[1][1] 
_pdbx_refine_tls.L[2][2] 
_pdbx_refine_tls.L[3][3] 
_pdbx_refine_tls.L[1][2] 
_pdbx_refine_tls.L[1][3] 
_pdbx_refine_tls.L[2][3] 
_pdbx_refine_tls.S[1][1] 
_pdbx_refine_tls.S[1][2] 
_pdbx_refine_tls.S[1][3] 
_pdbx_refine_tls.S[2][1] 
_pdbx_refine_tls.S[2][2] 
_pdbx_refine_tls.S[2][3] 
_pdbx_refine_tls.S[3][1] 
_pdbx_refine_tls.S[3][2] 
_pdbx_refine_tls.S[3][3] 
_pdbx_refine_tls.pdbx_refine_id 
1 ? refined -7.9064 -3.4073 3.7986  -0.0140 0.4273  0.1307  0.1229  -0.0053 0.1453  3.3854 1.8370 9.9160  1.5143  -0.7521 -3.1566 -0.2534 0.9185  0.4490  0.1735  0.5848 0.3950 -0.7936 -1.9080 -0.3315 'X-RAY DIFFRACTION' 
2 ? refined 9.8693  6.9987  3.6052  -0.0263 -0.1484 -0.1120 -0.0060 0.0635  -0.0052 8.5651 5.9010 4.9691  -2.3847 -2.3810 -0.2371 -0.2457 -0.4738 0.1077  0.6493  0.0206 0.1257 0.0050  -0.1509 0.2251  'X-RAY DIFFRACTION' 
3 ? refined 8.7066  1.5209  -8.2098 -0.0545 -0.1155 -0.0956 -0.1030 0.0147  -0.0094 2.1997 2.7369 5.5243  0.3509  -1.6107 -3.4292 -0.2526 0.1887  -0.1526 -0.3785 0.3354 0.1049 0.7657  -0.7370 -0.0828 'X-RAY DIFFRACTION' 
4 ? refined 0.2962  3.4524  1.9916  -0.0303 -0.0851 0.0709  -0.0337 0.0242  0.1054  3.3706 6.3554 16.7867 -0.2832 -1.7529 -1.5609 -0.0066 0.3944  0.5805  0.5416  0.2593 0.7584 -0.7462 -0.5500 -0.2527 'X-RAY DIFFRACTION' 
# 
loop_
_pdbx_refine_tls_group.id 
_pdbx_refine_tls_group.refine_tls_id 
_pdbx_refine_tls_group.beg_auth_asym_id 
_pdbx_refine_tls_group.beg_auth_seq_id 
_pdbx_refine_tls_group.beg_label_asym_id 
_pdbx_refine_tls_group.beg_label_seq_id 
_pdbx_refine_tls_group.end_auth_asym_id 
_pdbx_refine_tls_group.end_auth_seq_id 
_pdbx_refine_tls_group.end_label_asym_id 
_pdbx_refine_tls_group.end_label_seq_id 
_pdbx_refine_tls_group.selection 
_pdbx_refine_tls_group.pdbx_refine_id 
_pdbx_refine_tls_group.selection_details 
1 1 A 3   A 3  A 73  A 73  ? 'X-RAY DIFFRACTION' ? 
2 2 A 81  A 81 A 95  A 95  ? 'X-RAY DIFFRACTION' ? 
3 3 A 96  A 96 A 146 A 146 ? 'X-RAY DIFFRACTION' ? 
4 4 B 875 B 1  B 894 B 20  ? 'X-RAY DIFFRACTION' ? 
# 
loop_
_software.name 
_software.classification 
_software.version 
_software.citation_id 
_software.pdbx_ordinal 
REFMAC   refinement        5.2.0019 ? 1 
CBASS    'data collection' .        ? 2 
HKL-2000 'data reduction'  .        ? 3 
HKL-2000 'data scaling'    .        ? 4 
PHASER   phasing           .        ? 5 
# 
_pdbx_validate_close_contact.id               1 
_pdbx_validate_close_contact.PDB_model_num    1 
_pdbx_validate_close_contact.auth_atom_id_1   OE1 
_pdbx_validate_close_contact.auth_asym_id_1   A 
_pdbx_validate_close_contact.auth_comp_id_1   GLU 
_pdbx_validate_close_contact.auth_seq_id_1    45 
_pdbx_validate_close_contact.PDB_ins_code_1   ? 
_pdbx_validate_close_contact.label_alt_id_1   B 
_pdbx_validate_close_contact.auth_atom_id_2   O 
_pdbx_validate_close_contact.auth_asym_id_2   A 
_pdbx_validate_close_contact.auth_comp_id_2   HOH 
_pdbx_validate_close_contact.auth_seq_id_2    220 
_pdbx_validate_close_contact.PDB_ins_code_2   ? 
_pdbx_validate_close_contact.label_alt_id_2   ? 
_pdbx_validate_close_contact.dist             2.12 
# 
_pdbx_validate_rmsd_bond.id                        1 
_pdbx_validate_rmsd_bond.PDB_model_num             1 
_pdbx_validate_rmsd_bond.auth_atom_id_1            CD 
_pdbx_validate_rmsd_bond.auth_asym_id_1            A 
_pdbx_validate_rmsd_bond.auth_comp_id_1            GLU 
_pdbx_validate_rmsd_bond.auth_seq_id_1             45 
_pdbx_validate_rmsd_bond.PDB_ins_code_1            ? 
_pdbx_validate_rmsd_bond.label_alt_id_1            B 
_pdbx_validate_rmsd_bond.auth_atom_id_2            OE2 
_pdbx_validate_rmsd_bond.auth_asym_id_2            A 
_pdbx_validate_rmsd_bond.auth_comp_id_2            GLU 
_pdbx_validate_rmsd_bond.auth_seq_id_2             45 
_pdbx_validate_rmsd_bond.PDB_ins_code_2            ? 
_pdbx_validate_rmsd_bond.label_alt_id_2            B 
_pdbx_validate_rmsd_bond.bond_value                1.322 
_pdbx_validate_rmsd_bond.bond_target_value         1.252 
_pdbx_validate_rmsd_bond.bond_deviation            0.070 
_pdbx_validate_rmsd_bond.bond_standard_deviation   0.011 
_pdbx_validate_rmsd_bond.linker_flag               N 
# 
loop_
_pdbx_validate_rmsd_angle.id 
_pdbx_validate_rmsd_angle.PDB_model_num 
_pdbx_validate_rmsd_angle.auth_atom_id_1 
_pdbx_validate_rmsd_angle.auth_asym_id_1 
_pdbx_validate_rmsd_angle.auth_comp_id_1 
_pdbx_validate_rmsd_angle.auth_seq_id_1 
_pdbx_validate_rmsd_angle.PDB_ins_code_1 
_pdbx_validate_rmsd_angle.label_alt_id_1 
_pdbx_validate_rmsd_angle.auth_atom_id_2 
_pdbx_validate_rmsd_angle.auth_asym_id_2 
_pdbx_validate_rmsd_angle.auth_comp_id_2 
_pdbx_validate_rmsd_angle.auth_seq_id_2 
_pdbx_validate_rmsd_angle.PDB_ins_code_2 
_pdbx_validate_rmsd_angle.label_alt_id_2 
_pdbx_validate_rmsd_angle.auth_atom_id_3 
_pdbx_validate_rmsd_angle.auth_asym_id_3 
_pdbx_validate_rmsd_angle.auth_comp_id_3 
_pdbx_validate_rmsd_angle.auth_seq_id_3 
_pdbx_validate_rmsd_angle.PDB_ins_code_3 
_pdbx_validate_rmsd_angle.label_alt_id_3 
_pdbx_validate_rmsd_angle.angle_value 
_pdbx_validate_rmsd_angle.angle_target_value 
_pdbx_validate_rmsd_angle.angle_deviation 
_pdbx_validate_rmsd_angle.angle_standard_deviation 
_pdbx_validate_rmsd_angle.linker_flag 
1 1 CG A MET 36  ? ? SD A MET 36  ? ? CE  A MET 36  ? ? 90.31  100.20 -9.89 1.60 N 
2 1 NE A ARG 106 ? ? CZ A ARG 106 ? ? NH1 A ARG 106 ? ? 124.03 120.30 3.73  0.50 N 
# 
loop_
_pdbx_validate_torsion.id 
_pdbx_validate_torsion.PDB_model_num 
_pdbx_validate_torsion.auth_comp_id 
_pdbx_validate_torsion.auth_asym_id 
_pdbx_validate_torsion.auth_seq_id 
_pdbx_validate_torsion.PDB_ins_code 
_pdbx_validate_torsion.label_alt_id 
_pdbx_validate_torsion.phi 
_pdbx_validate_torsion.psi 
1 1 LYS B 876 ? ? -67.51 23.25 
2 1 ARG B 893 ? ? -94.58 35.70 
# 
loop_
_pdbx_unobs_or_zero_occ_residues.id 
_pdbx_unobs_or_zero_occ_residues.PDB_model_num 
_pdbx_unobs_or_zero_occ_residues.polymer_flag 
_pdbx_unobs_or_zero_occ_residues.occupancy_flag 
_pdbx_unobs_or_zero_occ_residues.auth_asym_id 
_pdbx_unobs_or_zero_occ_residues.auth_comp_id 
_pdbx_unobs_or_zero_occ_residues.auth_seq_id 
_pdbx_unobs_or_zero_occ_residues.PDB_ins_code 
_pdbx_unobs_or_zero_occ_residues.label_asym_id 
_pdbx_unobs_or_zero_occ_residues.label_comp_id 
_pdbx_unobs_or_zero_occ_residues.label_seq_id 
1  1 Y 1 A ALA 1   ? A ALA 1   
2  1 Y 1 A ASP 2   ? A ASP 2   
3  1 Y 1 A ARG 74  ? A ARG 74  
4  1 Y 1 A LYS 75  ? A LYS 75  
5  1 Y 1 A MET 76  ? A MET 76  
6  1 Y 1 A LYS 77  ? A LYS 77  
7  1 Y 1 A ASP 78  ? A ASP 78  
8  1 Y 1 A THR 79  ? A THR 79  
9  1 Y 1 A ASP 80  ? A ASP 80  
10 1 Y 1 A ALA 147 ? A ALA 147 
11 1 Y 1 A LYS 148 ? A LYS 148 
12 1 Y 1 B ARG 895 ? B ARG 21  
13 1 Y 1 B SER 896 ? B SER 22  
14 1 Y 1 B SER 897 ? B SER 23  
15 1 Y 1 B LYS 898 ? B LYS 24  
# 
loop_
_chem_comp_atom.comp_id 
_chem_comp_atom.atom_id 
_chem_comp_atom.type_symbol 
_chem_comp_atom.pdbx_aromatic_flag 
_chem_comp_atom.pdbx_stereo_config 
_chem_comp_atom.pdbx_ordinal 
ALA N    N  N N 1   
ALA CA   C  N S 2   
ALA C    C  N N 3   
ALA O    O  N N 4   
ALA CB   C  N N 5   
ALA OXT  O  N N 6   
ALA H    H  N N 7   
ALA H2   H  N N 8   
ALA HA   H  N N 9   
ALA HB1  H  N N 10  
ALA HB2  H  N N 11  
ALA HB3  H  N N 12  
ALA HXT  H  N N 13  
ARG N    N  N N 14  
ARG CA   C  N S 15  
ARG C    C  N N 16  
ARG O    O  N N 17  
ARG CB   C  N N 18  
ARG CG   C  N N 19  
ARG CD   C  N N 20  
ARG NE   N  N N 21  
ARG CZ   C  N N 22  
ARG NH1  N  N N 23  
ARG NH2  N  N N 24  
ARG OXT  O  N N 25  
ARG H    H  N N 26  
ARG H2   H  N N 27  
ARG HA   H  N N 28  
ARG HB2  H  N N 29  
ARG HB3  H  N N 30  
ARG HG2  H  N N 31  
ARG HG3  H  N N 32  
ARG HD2  H  N N 33  
ARG HD3  H  N N 34  
ARG HE   H  N N 35  
ARG HH11 H  N N 36  
ARG HH12 H  N N 37  
ARG HH21 H  N N 38  
ARG HH22 H  N N 39  
ARG HXT  H  N N 40  
ASN N    N  N N 41  
ASN CA   C  N S 42  
ASN C    C  N N 43  
ASN O    O  N N 44  
ASN CB   C  N N 45  
ASN CG   C  N N 46  
ASN OD1  O  N N 47  
ASN ND2  N  N N 48  
ASN OXT  O  N N 49  
ASN H    H  N N 50  
ASN H2   H  N N 51  
ASN HA   H  N N 52  
ASN HB2  H  N N 53  
ASN HB3  H  N N 54  
ASN HD21 H  N N 55  
ASN HD22 H  N N 56  
ASN HXT  H  N N 57  
ASP N    N  N N 58  
ASP CA   C  N S 59  
ASP C    C  N N 60  
ASP O    O  N N 61  
ASP CB   C  N N 62  
ASP CG   C  N N 63  
ASP OD1  O  N N 64  
ASP OD2  O  N N 65  
ASP OXT  O  N N 66  
ASP H    H  N N 67  
ASP H2   H  N N 68  
ASP HA   H  N N 69  
ASP HB2  H  N N 70  
ASP HB3  H  N N 71  
ASP HD2  H  N N 72  
ASP HXT  H  N N 73  
CA  CA   CA N N 74  
GLN N    N  N N 75  
GLN CA   C  N S 76  
GLN C    C  N N 77  
GLN O    O  N N 78  
GLN CB   C  N N 79  
GLN CG   C  N N 80  
GLN CD   C  N N 81  
GLN OE1  O  N N 82  
GLN NE2  N  N N 83  
GLN OXT  O  N N 84  
GLN H    H  N N 85  
GLN H2   H  N N 86  
GLN HA   H  N N 87  
GLN HB2  H  N N 88  
GLN HB3  H  N N 89  
GLN HG2  H  N N 90  
GLN HG3  H  N N 91  
GLN HE21 H  N N 92  
GLN HE22 H  N N 93  
GLN HXT  H  N N 94  
GLU N    N  N N 95  
GLU CA   C  N S 96  
GLU C    C  N N 97  
GLU O    O  N N 98  
GLU CB   C  N N 99  
GLU CG   C  N N 100 
GLU CD   C  N N 101 
GLU OE1  O  N N 102 
GLU OE2  O  N N 103 
GLU OXT  O  N N 104 
GLU H    H  N N 105 
GLU H2   H  N N 106 
GLU HA   H  N N 107 
GLU HB2  H  N N 108 
GLU HB3  H  N N 109 
GLU HG2  H  N N 110 
GLU HG3  H  N N 111 
GLU HE2  H  N N 112 
GLU HXT  H  N N 113 
GLY N    N  N N 114 
GLY CA   C  N N 115 
GLY C    C  N N 116 
GLY O    O  N N 117 
GLY OXT  O  N N 118 
GLY H    H  N N 119 
GLY H2   H  N N 120 
GLY HA2  H  N N 121 
GLY HA3  H  N N 122 
GLY HXT  H  N N 123 
HIS N    N  N N 124 
HIS CA   C  N S 125 
HIS C    C  N N 126 
HIS O    O  N N 127 
HIS CB   C  N N 128 
HIS CG   C  Y N 129 
HIS ND1  N  Y N 130 
HIS CD2  C  Y N 131 
HIS CE1  C  Y N 132 
HIS NE2  N  Y N 133 
HIS OXT  O  N N 134 
HIS H    H  N N 135 
HIS H2   H  N N 136 
HIS HA   H  N N 137 
HIS HB2  H  N N 138 
HIS HB3  H  N N 139 
HIS HD1  H  N N 140 
HIS HD2  H  N N 141 
HIS HE1  H  N N 142 
HIS HE2  H  N N 143 
HIS HXT  H  N N 144 
HOH O    O  N N 145 
HOH H1   H  N N 146 
HOH H2   H  N N 147 
ILE N    N  N N 148 
ILE CA   C  N S 149 
ILE C    C  N N 150 
ILE O    O  N N 151 
ILE CB   C  N S 152 
ILE CG1  C  N N 153 
ILE CG2  C  N N 154 
ILE CD1  C  N N 155 
ILE OXT  O  N N 156 
ILE H    H  N N 157 
ILE H2   H  N N 158 
ILE HA   H  N N 159 
ILE HB   H  N N 160 
ILE HG12 H  N N 161 
ILE HG13 H  N N 162 
ILE HG21 H  N N 163 
ILE HG22 H  N N 164 
ILE HG23 H  N N 165 
ILE HD11 H  N N 166 
ILE HD12 H  N N 167 
ILE HD13 H  N N 168 
ILE HXT  H  N N 169 
LEU N    N  N N 170 
LEU CA   C  N S 171 
LEU C    C  N N 172 
LEU O    O  N N 173 
LEU CB   C  N N 174 
LEU CG   C  N N 175 
LEU CD1  C  N N 176 
LEU CD2  C  N N 177 
LEU OXT  O  N N 178 
LEU H    H  N N 179 
LEU H2   H  N N 180 
LEU HA   H  N N 181 
LEU HB2  H  N N 182 
LEU HB3  H  N N 183 
LEU HG   H  N N 184 
LEU HD11 H  N N 185 
LEU HD12 H  N N 186 
LEU HD13 H  N N 187 
LEU HD21 H  N N 188 
LEU HD22 H  N N 189 
LEU HD23 H  N N 190 
LEU HXT  H  N N 191 
LYS N    N  N N 192 
LYS CA   C  N S 193 
LYS C    C  N N 194 
LYS O    O  N N 195 
LYS CB   C  N N 196 
LYS CG   C  N N 197 
LYS CD   C  N N 198 
LYS CE   C  N N 199 
LYS NZ   N  N N 200 
LYS OXT  O  N N 201 
LYS H    H  N N 202 
LYS H2   H  N N 203 
LYS HA   H  N N 204 
LYS HB2  H  N N 205 
LYS HB3  H  N N 206 
LYS HG2  H  N N 207 
LYS HG3  H  N N 208 
LYS HD2  H  N N 209 
LYS HD3  H  N N 210 
LYS HE2  H  N N 211 
LYS HE3  H  N N 212 
LYS HZ1  H  N N 213 
LYS HZ2  H  N N 214 
LYS HZ3  H  N N 215 
LYS HXT  H  N N 216 
MET N    N  N N 217 
MET CA   C  N S 218 
MET C    C  N N 219 
MET O    O  N N 220 
MET CB   C  N N 221 
MET CG   C  N N 222 
MET SD   S  N N 223 
MET CE   C  N N 224 
MET OXT  O  N N 225 
MET H    H  N N 226 
MET H2   H  N N 227 
MET HA   H  N N 228 
MET HB2  H  N N 229 
MET HB3  H  N N 230 
MET HG2  H  N N 231 
MET HG3  H  N N 232 
MET HE1  H  N N 233 
MET HE2  H  N N 234 
MET HE3  H  N N 235 
MET HXT  H  N N 236 
PHE N    N  N N 237 
PHE CA   C  N S 238 
PHE C    C  N N 239 
PHE O    O  N N 240 
PHE CB   C  N N 241 
PHE CG   C  Y N 242 
PHE CD1  C  Y N 243 
PHE CD2  C  Y N 244 
PHE CE1  C  Y N 245 
PHE CE2  C  Y N 246 
PHE CZ   C  Y N 247 
PHE OXT  O  N N 248 
PHE H    H  N N 249 
PHE H2   H  N N 250 
PHE HA   H  N N 251 
PHE HB2  H  N N 252 
PHE HB3  H  N N 253 
PHE HD1  H  N N 254 
PHE HD2  H  N N 255 
PHE HE1  H  N N 256 
PHE HE2  H  N N 257 
PHE HZ   H  N N 258 
PHE HXT  H  N N 259 
PRO N    N  N N 260 
PRO CA   C  N S 261 
PRO C    C  N N 262 
PRO O    O  N N 263 
PRO CB   C  N N 264 
PRO CG   C  N N 265 
PRO CD   C  N N 266 
PRO OXT  O  N N 267 
PRO H    H  N N 268 
PRO HA   H  N N 269 
PRO HB2  H  N N 270 
PRO HB3  H  N N 271 
PRO HG2  H  N N 272 
PRO HG3  H  N N 273 
PRO HD2  H  N N 274 
PRO HD3  H  N N 275 
PRO HXT  H  N N 276 
SER N    N  N N 277 
SER CA   C  N S 278 
SER C    C  N N 279 
SER O    O  N N 280 
SER CB   C  N N 281 
SER OG   O  N N 282 
SER OXT  O  N N 283 
SER H    H  N N 284 
SER H2   H  N N 285 
SER HA   H  N N 286 
SER HB2  H  N N 287 
SER HB3  H  N N 288 
SER HG   H  N N 289 
SER HXT  H  N N 290 
THR N    N  N N 291 
THR CA   C  N S 292 
THR C    C  N N 293 
THR O    O  N N 294 
THR CB   C  N R 295 
THR OG1  O  N N 296 
THR CG2  C  N N 297 
THR OXT  O  N N 298 
THR H    H  N N 299 
THR H2   H  N N 300 
THR HA   H  N N 301 
THR HB   H  N N 302 
THR HG1  H  N N 303 
THR HG21 H  N N 304 
THR HG22 H  N N 305 
THR HG23 H  N N 306 
THR HXT  H  N N 307 
TYR N    N  N N 308 
TYR CA   C  N S 309 
TYR C    C  N N 310 
TYR O    O  N N 311 
TYR CB   C  N N 312 
TYR CG   C  Y N 313 
TYR CD1  C  Y N 314 
TYR CD2  C  Y N 315 
TYR CE1  C  Y N 316 
TYR CE2  C  Y N 317 
TYR CZ   C  Y N 318 
TYR OH   O  N N 319 
TYR OXT  O  N N 320 
TYR H    H  N N 321 
TYR H2   H  N N 322 
TYR HA   H  N N 323 
TYR HB2  H  N N 324 
TYR HB3  H  N N 325 
TYR HD1  H  N N 326 
TYR HD2  H  N N 327 
TYR HE1  H  N N 328 
TYR HE2  H  N N 329 
TYR HH   H  N N 330 
TYR HXT  H  N N 331 
VAL N    N  N N 332 
VAL CA   C  N S 333 
VAL C    C  N N 334 
VAL O    O  N N 335 
VAL CB   C  N N 336 
VAL CG1  C  N N 337 
VAL CG2  C  N N 338 
VAL OXT  O  N N 339 
VAL H    H  N N 340 
VAL H2   H  N N 341 
VAL HA   H  N N 342 
VAL HB   H  N N 343 
VAL HG11 H  N N 344 
VAL HG12 H  N N 345 
VAL HG13 H  N N 346 
VAL HG21 H  N N 347 
VAL HG22 H  N N 348 
VAL HG23 H  N N 349 
VAL HXT  H  N N 350 
# 
loop_
_chem_comp_bond.comp_id 
_chem_comp_bond.atom_id_1 
_chem_comp_bond.atom_id_2 
_chem_comp_bond.value_order 
_chem_comp_bond.pdbx_aromatic_flag 
_chem_comp_bond.pdbx_stereo_config 
_chem_comp_bond.pdbx_ordinal 
ALA N   CA   sing N N 1   
ALA N   H    sing N N 2   
ALA N   H2   sing N N 3   
ALA CA  C    sing N N 4   
ALA CA  CB   sing N N 5   
ALA CA  HA   sing N N 6   
ALA C   O    doub N N 7   
ALA C   OXT  sing N N 8   
ALA CB  HB1  sing N N 9   
ALA CB  HB2  sing N N 10  
ALA CB  HB3  sing N N 11  
ALA OXT HXT  sing N N 12  
ARG N   CA   sing N N 13  
ARG N   H    sing N N 14  
ARG N   H2   sing N N 15  
ARG CA  C    sing N N 16  
ARG CA  CB   sing N N 17  
ARG CA  HA   sing N N 18  
ARG C   O    doub N N 19  
ARG C   OXT  sing N N 20  
ARG CB  CG   sing N N 21  
ARG CB  HB2  sing N N 22  
ARG CB  HB3  sing N N 23  
ARG CG  CD   sing N N 24  
ARG CG  HG2  sing N N 25  
ARG CG  HG3  sing N N 26  
ARG CD  NE   sing N N 27  
ARG CD  HD2  sing N N 28  
ARG CD  HD3  sing N N 29  
ARG NE  CZ   sing N N 30  
ARG NE  HE   sing N N 31  
ARG CZ  NH1  sing N N 32  
ARG CZ  NH2  doub N N 33  
ARG NH1 HH11 sing N N 34  
ARG NH1 HH12 sing N N 35  
ARG NH2 HH21 sing N N 36  
ARG NH2 HH22 sing N N 37  
ARG OXT HXT  sing N N 38  
ASN N   CA   sing N N 39  
ASN N   H    sing N N 40  
ASN N   H2   sing N N 41  
ASN CA  C    sing N N 42  
ASN CA  CB   sing N N 43  
ASN CA  HA   sing N N 44  
ASN C   O    doub N N 45  
ASN C   OXT  sing N N 46  
ASN CB  CG   sing N N 47  
ASN CB  HB2  sing N N 48  
ASN CB  HB3  sing N N 49  
ASN CG  OD1  doub N N 50  
ASN CG  ND2  sing N N 51  
ASN ND2 HD21 sing N N 52  
ASN ND2 HD22 sing N N 53  
ASN OXT HXT  sing N N 54  
ASP N   CA   sing N N 55  
ASP N   H    sing N N 56  
ASP N   H2   sing N N 57  
ASP CA  C    sing N N 58  
ASP CA  CB   sing N N 59  
ASP CA  HA   sing N N 60  
ASP C   O    doub N N 61  
ASP C   OXT  sing N N 62  
ASP CB  CG   sing N N 63  
ASP CB  HB2  sing N N 64  
ASP CB  HB3  sing N N 65  
ASP CG  OD1  doub N N 66  
ASP CG  OD2  sing N N 67  
ASP OD2 HD2  sing N N 68  
ASP OXT HXT  sing N N 69  
GLN N   CA   sing N N 70  
GLN N   H    sing N N 71  
GLN N   H2   sing N N 72  
GLN CA  C    sing N N 73  
GLN CA  CB   sing N N 74  
GLN CA  HA   sing N N 75  
GLN C   O    doub N N 76  
GLN C   OXT  sing N N 77  
GLN CB  CG   sing N N 78  
GLN CB  HB2  sing N N 79  
GLN CB  HB3  sing N N 80  
GLN CG  CD   sing N N 81  
GLN CG  HG2  sing N N 82  
GLN CG  HG3  sing N N 83  
GLN CD  OE1  doub N N 84  
GLN CD  NE2  sing N N 85  
GLN NE2 HE21 sing N N 86  
GLN NE2 HE22 sing N N 87  
GLN OXT HXT  sing N N 88  
GLU N   CA   sing N N 89  
GLU N   H    sing N N 90  
GLU N   H2   sing N N 91  
GLU CA  C    sing N N 92  
GLU CA  CB   sing N N 93  
GLU CA  HA   sing N N 94  
GLU C   O    doub N N 95  
GLU C   OXT  sing N N 96  
GLU CB  CG   sing N N 97  
GLU CB  HB2  sing N N 98  
GLU CB  HB3  sing N N 99  
GLU CG  CD   sing N N 100 
GLU CG  HG2  sing N N 101 
GLU CG  HG3  sing N N 102 
GLU CD  OE1  doub N N 103 
GLU CD  OE2  sing N N 104 
GLU OE2 HE2  sing N N 105 
GLU OXT HXT  sing N N 106 
GLY N   CA   sing N N 107 
GLY N   H    sing N N 108 
GLY N   H2   sing N N 109 
GLY CA  C    sing N N 110 
GLY CA  HA2  sing N N 111 
GLY CA  HA3  sing N N 112 
GLY C   O    doub N N 113 
GLY C   OXT  sing N N 114 
GLY OXT HXT  sing N N 115 
HIS N   CA   sing N N 116 
HIS N   H    sing N N 117 
HIS N   H2   sing N N 118 
HIS CA  C    sing N N 119 
HIS CA  CB   sing N N 120 
HIS CA  HA   sing N N 121 
HIS C   O    doub N N 122 
HIS C   OXT  sing N N 123 
HIS CB  CG   sing N N 124 
HIS CB  HB2  sing N N 125 
HIS CB  HB3  sing N N 126 
HIS CG  ND1  sing Y N 127 
HIS CG  CD2  doub Y N 128 
HIS ND1 CE1  doub Y N 129 
HIS ND1 HD1  sing N N 130 
HIS CD2 NE2  sing Y N 131 
HIS CD2 HD2  sing N N 132 
HIS CE1 NE2  sing Y N 133 
HIS CE1 HE1  sing N N 134 
HIS NE2 HE2  sing N N 135 
HIS OXT HXT  sing N N 136 
HOH O   H1   sing N N 137 
HOH O   H2   sing N N 138 
ILE N   CA   sing N N 139 
ILE N   H    sing N N 140 
ILE N   H2   sing N N 141 
ILE CA  C    sing N N 142 
ILE CA  CB   sing N N 143 
ILE CA  HA   sing N N 144 
ILE C   O    doub N N 145 
ILE C   OXT  sing N N 146 
ILE CB  CG1  sing N N 147 
ILE CB  CG2  sing N N 148 
ILE CB  HB   sing N N 149 
ILE CG1 CD1  sing N N 150 
ILE CG1 HG12 sing N N 151 
ILE CG1 HG13 sing N N 152 
ILE CG2 HG21 sing N N 153 
ILE CG2 HG22 sing N N 154 
ILE CG2 HG23 sing N N 155 
ILE CD1 HD11 sing N N 156 
ILE CD1 HD12 sing N N 157 
ILE CD1 HD13 sing N N 158 
ILE OXT HXT  sing N N 159 
LEU N   CA   sing N N 160 
LEU N   H    sing N N 161 
LEU N   H2   sing N N 162 
LEU CA  C    sing N N 163 
LEU CA  CB   sing N N 164 
LEU CA  HA   sing N N 165 
LEU C   O    doub N N 166 
LEU C   OXT  sing N N 167 
LEU CB  CG   sing N N 168 
LEU CB  HB2  sing N N 169 
LEU CB  HB3  sing N N 170 
LEU CG  CD1  sing N N 171 
LEU CG  CD2  sing N N 172 
LEU CG  HG   sing N N 173 
LEU CD1 HD11 sing N N 174 
LEU CD1 HD12 sing N N 175 
LEU CD1 HD13 sing N N 176 
LEU CD2 HD21 sing N N 177 
LEU CD2 HD22 sing N N 178 
LEU CD2 HD23 sing N N 179 
LEU OXT HXT  sing N N 180 
LYS N   CA   sing N N 181 
LYS N   H    sing N N 182 
LYS N   H2   sing N N 183 
LYS CA  C    sing N N 184 
LYS CA  CB   sing N N 185 
LYS CA  HA   sing N N 186 
LYS C   O    doub N N 187 
LYS C   OXT  sing N N 188 
LYS CB  CG   sing N N 189 
LYS CB  HB2  sing N N 190 
LYS CB  HB3  sing N N 191 
LYS CG  CD   sing N N 192 
LYS CG  HG2  sing N N 193 
LYS CG  HG3  sing N N 194 
LYS CD  CE   sing N N 195 
LYS CD  HD2  sing N N 196 
LYS CD  HD3  sing N N 197 
LYS CE  NZ   sing N N 198 
LYS CE  HE2  sing N N 199 
LYS CE  HE3  sing N N 200 
LYS NZ  HZ1  sing N N 201 
LYS NZ  HZ2  sing N N 202 
LYS NZ  HZ3  sing N N 203 
LYS OXT HXT  sing N N 204 
MET N   CA   sing N N 205 
MET N   H    sing N N 206 
MET N   H2   sing N N 207 
MET CA  C    sing N N 208 
MET CA  CB   sing N N 209 
MET CA  HA   sing N N 210 
MET C   O    doub N N 211 
MET C   OXT  sing N N 212 
MET CB  CG   sing N N 213 
MET CB  HB2  sing N N 214 
MET CB  HB3  sing N N 215 
MET CG  SD   sing N N 216 
MET CG  HG2  sing N N 217 
MET CG  HG3  sing N N 218 
MET SD  CE   sing N N 219 
MET CE  HE1  sing N N 220 
MET CE  HE2  sing N N 221 
MET CE  HE3  sing N N 222 
MET OXT HXT  sing N N 223 
PHE N   CA   sing N N 224 
PHE N   H    sing N N 225 
PHE N   H2   sing N N 226 
PHE CA  C    sing N N 227 
PHE CA  CB   sing N N 228 
PHE CA  HA   sing N N 229 
PHE C   O    doub N N 230 
PHE C   OXT  sing N N 231 
PHE CB  CG   sing N N 232 
PHE CB  HB2  sing N N 233 
PHE CB  HB3  sing N N 234 
PHE CG  CD1  doub Y N 235 
PHE CG  CD2  sing Y N 236 
PHE CD1 CE1  sing Y N 237 
PHE CD1 HD1  sing N N 238 
PHE CD2 CE2  doub Y N 239 
PHE CD2 HD2  sing N N 240 
PHE CE1 CZ   doub Y N 241 
PHE CE1 HE1  sing N N 242 
PHE CE2 CZ   sing Y N 243 
PHE CE2 HE2  sing N N 244 
PHE CZ  HZ   sing N N 245 
PHE OXT HXT  sing N N 246 
PRO N   CA   sing N N 247 
PRO N   CD   sing N N 248 
PRO N   H    sing N N 249 
PRO CA  C    sing N N 250 
PRO CA  CB   sing N N 251 
PRO CA  HA   sing N N 252 
PRO C   O    doub N N 253 
PRO C   OXT  sing N N 254 
PRO CB  CG   sing N N 255 
PRO CB  HB2  sing N N 256 
PRO CB  HB3  sing N N 257 
PRO CG  CD   sing N N 258 
PRO CG  HG2  sing N N 259 
PRO CG  HG3  sing N N 260 
PRO CD  HD2  sing N N 261 
PRO CD  HD3  sing N N 262 
PRO OXT HXT  sing N N 263 
SER N   CA   sing N N 264 
SER N   H    sing N N 265 
SER N   H2   sing N N 266 
SER CA  C    sing N N 267 
SER CA  CB   sing N N 268 
SER CA  HA   sing N N 269 
SER C   O    doub N N 270 
SER C   OXT  sing N N 271 
SER CB  OG   sing N N 272 
SER CB  HB2  sing N N 273 
SER CB  HB3  sing N N 274 
SER OG  HG   sing N N 275 
SER OXT HXT  sing N N 276 
THR N   CA   sing N N 277 
THR N   H    sing N N 278 
THR N   H2   sing N N 279 
THR CA  C    sing N N 280 
THR CA  CB   sing N N 281 
THR CA  HA   sing N N 282 
THR C   O    doub N N 283 
THR C   OXT  sing N N 284 
THR CB  OG1  sing N N 285 
THR CB  CG2  sing N N 286 
THR CB  HB   sing N N 287 
THR OG1 HG1  sing N N 288 
THR CG2 HG21 sing N N 289 
THR CG2 HG22 sing N N 290 
THR CG2 HG23 sing N N 291 
THR OXT HXT  sing N N 292 
TYR N   CA   sing N N 293 
TYR N   H    sing N N 294 
TYR N   H2   sing N N 295 
TYR CA  C    sing N N 296 
TYR CA  CB   sing N N 297 
TYR CA  HA   sing N N 298 
TYR C   O    doub N N 299 
TYR C   OXT  sing N N 300 
TYR CB  CG   sing N N 301 
TYR CB  HB2  sing N N 302 
TYR CB  HB3  sing N N 303 
TYR CG  CD1  doub Y N 304 
TYR CG  CD2  sing Y N 305 
TYR CD1 CE1  sing Y N 306 
TYR CD1 HD1  sing N N 307 
TYR CD2 CE2  doub Y N 308 
TYR CD2 HD2  sing N N 309 
TYR CE1 CZ   doub Y N 310 
TYR CE1 HE1  sing N N 311 
TYR CE2 CZ   sing Y N 312 
TYR CE2 HE2  sing N N 313 
TYR CZ  OH   sing N N 314 
TYR OH  HH   sing N N 315 
TYR OXT HXT  sing N N 316 
VAL N   CA   sing N N 317 
VAL N   H    sing N N 318 
VAL N   H2   sing N N 319 
VAL CA  C    sing N N 320 
VAL CA  CB   sing N N 321 
VAL CA  HA   sing N N 322 
VAL C   O    doub N N 323 
VAL C   OXT  sing N N 324 
VAL CB  CG1  sing N N 325 
VAL CB  CG2  sing N N 326 
VAL CB  HB   sing N N 327 
VAL CG1 HG11 sing N N 328 
VAL CG1 HG12 sing N N 329 
VAL CG1 HG13 sing N N 330 
VAL CG2 HG21 sing N N 331 
VAL CG2 HG22 sing N N 332 
VAL CG2 HG23 sing N N 333 
VAL OXT HXT  sing N N 334 
# 
loop_
_pdbx_entity_nonpoly.entity_id 
_pdbx_entity_nonpoly.name 
_pdbx_entity_nonpoly.comp_id 
3 'CALCIUM ION' CA  
4 water         HOH 
# 
_pdbx_initial_refinement_model.id               1 
_pdbx_initial_refinement_model.entity_id_list   ? 
_pdbx_initial_refinement_model.type             'experimental model' 
_pdbx_initial_refinement_model.source_name      PDB 
_pdbx_initial_refinement_model.accession_code   1IWQ 
_pdbx_initial_refinement_model.details          'PDB ENTRY 1IWQ' 
# 
